data_7UQO
# 
_entry.id   7UQO 
# 
_audit_conform.dict_name       mmcif_pdbx.dic 
_audit_conform.dict_version    5.380 
_audit_conform.dict_location   http://mmcif.pdb.org/dictionaries/ascii/mmcif_pdbx.dic 
# 
loop_
_database_2.database_id 
_database_2.database_code 
_database_2.pdbx_database_accession 
_database_2.pdbx_DOI 
PDB   7UQO         pdb_00007uqo 10.2210/pdb7uqo/pdb 
WWPDB D_1000264689 ?            ?                   
# 
_pdbx_database_status.status_code                     REL 
_pdbx_database_status.status_code_sf                  REL 
_pdbx_database_status.status_code_mr                  ? 
_pdbx_database_status.entry_id                        7UQO 
_pdbx_database_status.recvd_initial_deposition_date   2022-04-19 
_pdbx_database_status.SG_entry                        N 
_pdbx_database_status.deposit_site                    RCSB 
_pdbx_database_status.process_site                    RCSB 
_pdbx_database_status.status_code_cs                  ? 
_pdbx_database_status.status_code_nmr_data            ? 
_pdbx_database_status.methods_development_category    ? 
_pdbx_database_status.pdb_format_compatible           Y 
# 
loop_
_audit_author.name 
_audit_author.pdbx_ordinal 
_audit_author.identifier_ORCID 
'Carr, S.C.' 1 0000-0001-7060-5038 
'Ng, K.K.S.' 2 ?                   
# 
_citation.abstract                  ? 
_citation.abstract_id_CAS           ? 
_citation.book_id_ISBN              ? 
_citation.book_publisher            ? 
_citation.book_publisher_city       ? 
_citation.book_title                ? 
_citation.coordinate_linkage        ? 
_citation.country                   UK 
_citation.database_id_Medline       ? 
_citation.details                   ? 
_citation.id                        primary 
_citation.journal_abbrev            'Nat Commun' 
_citation.journal_id_ASTM           ? 
_citation.journal_id_CSD            ? 
_citation.journal_id_ISSN           2041-1723 
_citation.journal_full              ? 
_citation.journal_issue             ? 
_citation.journal_volume            13 
_citation.language                  ? 
_citation.page_first                6768 
_citation.page_last                 6768 
_citation.title                     
'Alkaloid binding to opium poppy major latex proteins triggers structural modification and functional aggregation.' 
_citation.year                      2022 
_citation.database_id_CSD           ? 
_citation.pdbx_database_id_DOI      10.1038/s41467-022-34313-6 
_citation.pdbx_database_id_PubMed   36351903 
_citation.pdbx_database_id_patent   ? 
_citation.unpublished_flag          ? 
# 
loop_
_citation_author.citation_id 
_citation_author.name 
_citation_author.ordinal 
_citation_author.identifier_ORCID 
primary 'Ozber, N.'      1 0000-0003-3946-4104 
primary 'Carr, S.C.'     2 0000-0001-7060-5038 
primary 'Morris, J.S.'   3 ?                   
primary 'Liang, S.'      4 ?                   
primary 'Watkins, J.L.'  5 ?                   
primary 'Caldo, K.M.'    6 ?                   
primary 'Hagel, J.M.'    7 ?                   
primary 'Ng, K.K.S.'     8 ?                   
primary 'Facchini, P.J.' 9 0000-0002-7693-290X 
# 
_cell.angle_alpha                  90.000 
_cell.angle_alpha_esd              ? 
_cell.angle_beta                   90.000 
_cell.angle_beta_esd               ? 
_cell.angle_gamma                  90.000 
_cell.angle_gamma_esd              ? 
_cell.entry_id                     7UQO 
_cell.details                      ? 
_cell.formula_units_Z              ? 
_cell.length_a                     48.514 
_cell.length_a_esd                 ? 
_cell.length_b                     71.586 
_cell.length_b_esd                 ? 
_cell.length_c                     91.836 
_cell.length_c_esd                 ? 
_cell.volume                       318936.512 
_cell.volume_esd                   ? 
_cell.Z_PDB                        8 
_cell.reciprocal_angle_alpha       ? 
_cell.reciprocal_angle_beta        ? 
_cell.reciprocal_angle_gamma       ? 
_cell.reciprocal_angle_alpha_esd   ? 
_cell.reciprocal_angle_beta_esd    ? 
_cell.reciprocal_angle_gamma_esd   ? 
_cell.reciprocal_length_a          ? 
_cell.reciprocal_length_b          ? 
_cell.reciprocal_length_c          ? 
_cell.reciprocal_length_a_esd      ? 
_cell.reciprocal_length_b_esd      ? 
_cell.reciprocal_length_c_esd      ? 
_cell.pdbx_unique_axis             ? 
# 
_symmetry.entry_id                         7UQO 
_symmetry.cell_setting                     ? 
_symmetry.Int_Tables_number                20 
_symmetry.space_group_name_Hall            'C 2c 2' 
_symmetry.space_group_name_H-M             'C 2 2 21' 
_symmetry.pdbx_full_space_group_name_H-M   ? 
# 
loop_
_entity.id 
_entity.type 
_entity.src_method 
_entity.pdbx_description 
_entity.formula_weight 
_entity.pdbx_number_of_molecules 
_entity.pdbx_ec 
_entity.pdbx_mutation 
_entity.pdbx_fragment 
_entity.details 
1 polymer     man 'Pathogenesis Related 10-10 protein'                                                   17625.895 1  ? ? ? ? 
2 non-polymer syn '(1~{S})-1-[(3,4-dimethoxyphenyl)methyl]-6,7-dimethoxy-1,2,3,4-tetrahydroisoquinoline' 343.417   1  ? ? ? ? 
3 water       nat water                                                                                  18.015    83 ? ? ? ? 
# 
_entity_poly.entity_id                      1 
_entity_poly.type                           'polypeptide(L)' 
_entity_poly.nstd_linkage                   no 
_entity_poly.nstd_monomer                   no 
_entity_poly.pdbx_seq_one_letter_code       
;MAHHGVSGLVGKLVTQLEVNCDADIFYKIVKHHEEVPNVIPHFFTGVQVTKGDGLVSGCIKEWNYVLEGKAMTAVEETTH
ADETRTLTHHITEGDAMKDYKKFDVIVETNPKPNGHGSVVTYSIVYEKINEDSPAPFDYLKFFHQNIVDMSAHICSSA
;
_entity_poly.pdbx_seq_one_letter_code_can   
;MAHHGVSGLVGKLVTQLEVNCDADIFYKIVKHHEEVPNVIPHFFTGVQVTKGDGLVSGCIKEWNYVLEGKAMTAVEETTH
ADETRTLTHHITEGDAMKDYKKFDVIVETNPKPNGHGSVVTYSIVYEKINEDSPAPFDYLKFFHQNIVDMSAHICSSA
;
_entity_poly.pdbx_strand_id                 A 
_entity_poly.pdbx_target_identifier         ? 
# 
loop_
_entity_poly_seq.entity_id 
_entity_poly_seq.num 
_entity_poly_seq.mon_id 
_entity_poly_seq.hetero 
1 1   MET n 
1 2   ALA n 
1 3   HIS n 
1 4   HIS n 
1 5   GLY n 
1 6   VAL n 
1 7   SER n 
1 8   GLY n 
1 9   LEU n 
1 10  VAL n 
1 11  GLY n 
1 12  LYS n 
1 13  LEU n 
1 14  VAL n 
1 15  THR n 
1 16  GLN n 
1 17  LEU n 
1 18  GLU n 
1 19  VAL n 
1 20  ASN n 
1 21  CYS n 
1 22  ASP n 
1 23  ALA n 
1 24  ASP n 
1 25  ILE n 
1 26  PHE n 
1 27  TYR n 
1 28  LYS n 
1 29  ILE n 
1 30  VAL n 
1 31  LYS n 
1 32  HIS n 
1 33  HIS n 
1 34  GLU n 
1 35  GLU n 
1 36  VAL n 
1 37  PRO n 
1 38  ASN n 
1 39  VAL n 
1 40  ILE n 
1 41  PRO n 
1 42  HIS n 
1 43  PHE n 
1 44  PHE n 
1 45  THR n 
1 46  GLY n 
1 47  VAL n 
1 48  GLN n 
1 49  VAL n 
1 50  THR n 
1 51  LYS n 
1 52  GLY n 
1 53  ASP n 
1 54  GLY n 
1 55  LEU n 
1 56  VAL n 
1 57  SER n 
1 58  GLY n 
1 59  CYS n 
1 60  ILE n 
1 61  LYS n 
1 62  GLU n 
1 63  TRP n 
1 64  ASN n 
1 65  TYR n 
1 66  VAL n 
1 67  LEU n 
1 68  GLU n 
1 69  GLY n 
1 70  LYS n 
1 71  ALA n 
1 72  MET n 
1 73  THR n 
1 74  ALA n 
1 75  VAL n 
1 76  GLU n 
1 77  GLU n 
1 78  THR n 
1 79  THR n 
1 80  HIS n 
1 81  ALA n 
1 82  ASP n 
1 83  GLU n 
1 84  THR n 
1 85  ARG n 
1 86  THR n 
1 87  LEU n 
1 88  THR n 
1 89  HIS n 
1 90  HIS n 
1 91  ILE n 
1 92  THR n 
1 93  GLU n 
1 94  GLY n 
1 95  ASP n 
1 96  ALA n 
1 97  MET n 
1 98  LYS n 
1 99  ASP n 
1 100 TYR n 
1 101 LYS n 
1 102 LYS n 
1 103 PHE n 
1 104 ASP n 
1 105 VAL n 
1 106 ILE n 
1 107 VAL n 
1 108 GLU n 
1 109 THR n 
1 110 ASN n 
1 111 PRO n 
1 112 LYS n 
1 113 PRO n 
1 114 ASN n 
1 115 GLY n 
1 116 HIS n 
1 117 GLY n 
1 118 SER n 
1 119 VAL n 
1 120 VAL n 
1 121 THR n 
1 122 TYR n 
1 123 SER n 
1 124 ILE n 
1 125 VAL n 
1 126 TYR n 
1 127 GLU n 
1 128 LYS n 
1 129 ILE n 
1 130 ASN n 
1 131 GLU n 
1 132 ASP n 
1 133 SER n 
1 134 PRO n 
1 135 ALA n 
1 136 PRO n 
1 137 PHE n 
1 138 ASP n 
1 139 TYR n 
1 140 LEU n 
1 141 LYS n 
1 142 PHE n 
1 143 PHE n 
1 144 HIS n 
1 145 GLN n 
1 146 ASN n 
1 147 ILE n 
1 148 VAL n 
1 149 ASP n 
1 150 MET n 
1 151 SER n 
1 152 ALA n 
1 153 HIS n 
1 154 ILE n 
1 155 CYS n 
1 156 SER n 
1 157 SER n 
1 158 ALA n 
# 
_entity_src_gen.entity_id                          1 
_entity_src_gen.pdbx_src_id                        1 
_entity_src_gen.pdbx_alt_source_flag               sample 
_entity_src_gen.pdbx_seq_type                      'Biological sequence' 
_entity_src_gen.pdbx_beg_seq_num                   1 
_entity_src_gen.pdbx_end_seq_num                   158 
_entity_src_gen.gene_src_common_name               ? 
_entity_src_gen.gene_src_genus                     ? 
_entity_src_gen.pdbx_gene_src_gene                 ? 
_entity_src_gen.gene_src_species                   ? 
_entity_src_gen.gene_src_strain                    ? 
_entity_src_gen.gene_src_tissue                    ? 
_entity_src_gen.gene_src_tissue_fraction           ? 
_entity_src_gen.gene_src_details                   ? 
_entity_src_gen.pdbx_gene_src_fragment             ? 
_entity_src_gen.pdbx_gene_src_scientific_name      'Papaver somniferum' 
_entity_src_gen.pdbx_gene_src_ncbi_taxonomy_id     3469 
_entity_src_gen.pdbx_gene_src_variant              ? 
_entity_src_gen.pdbx_gene_src_cell_line            ? 
_entity_src_gen.pdbx_gene_src_atcc                 ? 
_entity_src_gen.pdbx_gene_src_organ                ? 
_entity_src_gen.pdbx_gene_src_organelle            ? 
_entity_src_gen.pdbx_gene_src_cell                 ? 
_entity_src_gen.pdbx_gene_src_cellular_location    ? 
_entity_src_gen.host_org_common_name               ? 
_entity_src_gen.pdbx_host_org_scientific_name      'Escherichia coli' 
_entity_src_gen.pdbx_host_org_ncbi_taxonomy_id     562 
_entity_src_gen.host_org_genus                     ? 
_entity_src_gen.pdbx_host_org_gene                 ? 
_entity_src_gen.pdbx_host_org_organ                ? 
_entity_src_gen.host_org_species                   ? 
_entity_src_gen.pdbx_host_org_tissue               ? 
_entity_src_gen.pdbx_host_org_tissue_fraction      ? 
_entity_src_gen.pdbx_host_org_strain               ? 
_entity_src_gen.pdbx_host_org_variant              ? 
_entity_src_gen.pdbx_host_org_cell_line            ? 
_entity_src_gen.pdbx_host_org_atcc                 ? 
_entity_src_gen.pdbx_host_org_culture_collection   ? 
_entity_src_gen.pdbx_host_org_cell                 ? 
_entity_src_gen.pdbx_host_org_organelle            ? 
_entity_src_gen.pdbx_host_org_cellular_location    ? 
_entity_src_gen.pdbx_host_org_vector_type          ? 
_entity_src_gen.pdbx_host_org_vector               ? 
_entity_src_gen.host_org_details                   ? 
_entity_src_gen.expression_system_id               ? 
_entity_src_gen.plasmid_name                       ? 
_entity_src_gen.plasmid_details                    ? 
_entity_src_gen.pdbx_description                   ? 
# 
_struct_ref.id                         1 
_struct_ref.db_name                    PDB 
_struct_ref.db_code                    7UQO 
_struct_ref.pdbx_db_accession          7UQO 
_struct_ref.pdbx_db_isoform            ? 
_struct_ref.entity_id                  1 
_struct_ref.pdbx_seq_one_letter_code   ? 
_struct_ref.pdbx_align_begin           1 
# 
_struct_ref_seq.align_id                      1 
_struct_ref_seq.ref_id                        1 
_struct_ref_seq.pdbx_PDB_id_code              7UQO 
_struct_ref_seq.pdbx_strand_id                A 
_struct_ref_seq.seq_align_beg                 1 
_struct_ref_seq.pdbx_seq_align_beg_ins_code   ? 
_struct_ref_seq.seq_align_end                 158 
_struct_ref_seq.pdbx_seq_align_end_ins_code   ? 
_struct_ref_seq.pdbx_db_accession             7UQO 
_struct_ref_seq.db_align_beg                  1 
_struct_ref_seq.pdbx_db_align_beg_ins_code    ? 
_struct_ref_seq.db_align_end                  158 
_struct_ref_seq.pdbx_db_align_end_ins_code    ? 
_struct_ref_seq.pdbx_auth_seq_align_beg       1 
_struct_ref_seq.pdbx_auth_seq_align_end       158 
# 
loop_
_chem_comp.id 
_chem_comp.type 
_chem_comp.mon_nstd_flag 
_chem_comp.name 
_chem_comp.pdbx_synonyms 
_chem_comp.formula 
_chem_comp.formula_weight 
ALA 'L-peptide linking' y ALANINE                                                                                ? 'C3 H7 N O2' 
89.093  
ARG 'L-peptide linking' y ARGININE                                                                               ? 
'C6 H15 N4 O2 1' 175.209 
ASN 'L-peptide linking' y ASPARAGINE                                                                             ? 'C4 H8 N2 O3' 
132.118 
ASP 'L-peptide linking' y 'ASPARTIC ACID'                                                                        ? 'C4 H7 N O4' 
133.103 
CYS 'L-peptide linking' y CYSTEINE                                                                               ? 'C3 H7 N O2 S' 
121.158 
GLN 'L-peptide linking' y GLUTAMINE                                                                              ? 'C5 H10 N2 O3' 
146.144 
GLU 'L-peptide linking' y 'GLUTAMIC ACID'                                                                        ? 'C5 H9 N O4' 
147.129 
GLY 'peptide linking'   y GLYCINE                                                                                ? 'C2 H5 N O2' 
75.067  
HIS 'L-peptide linking' y HISTIDINE                                                                              ? 
'C6 H10 N3 O2 1' 156.162 
HOH non-polymer         . WATER                                                                                  ? 'H2 O' 18.015  
ILE 'L-peptide linking' y ISOLEUCINE                                                                             ? 'C6 H13 N O2' 
131.173 
LEU 'L-peptide linking' y LEUCINE                                                                                ? 'C6 H13 N O2' 
131.173 
LYS 'L-peptide linking' y LYSINE                                                                                 ? 
'C6 H15 N2 O2 1' 147.195 
MET 'L-peptide linking' y METHIONINE                                                                             ? 'C5 H11 N O2 S' 
149.211 
PHE 'L-peptide linking' y PHENYLALANINE                                                                          ? 'C9 H11 N O2' 
165.189 
PRO 'L-peptide linking' y PROLINE                                                                                ? 'C5 H9 N O2' 
115.130 
S9T non-polymer         . '(1~{S})-1-[(3,4-dimethoxyphenyl)methyl]-6,7-dimethoxy-1,2,3,4-tetrahydroisoquinoline' 
S-Tetrahydropapaverine 'C20 H25 N O4'   343.417 
SER 'L-peptide linking' y SERINE                                                                                 ? 'C3 H7 N O3' 
105.093 
THR 'L-peptide linking' y THREONINE                                                                              ? 'C4 H9 N O3' 
119.119 
TRP 'L-peptide linking' y TRYPTOPHAN                                                                             ? 'C11 H12 N2 O2' 
204.225 
TYR 'L-peptide linking' y TYROSINE                                                                               ? 'C9 H11 N O3' 
181.189 
VAL 'L-peptide linking' y VALINE                                                                                 ? 'C5 H11 N O2' 
117.146 
# 
_exptl.absorpt_coefficient_mu     ? 
_exptl.absorpt_correction_T_max   ? 
_exptl.absorpt_correction_T_min   ? 
_exptl.absorpt_correction_type    ? 
_exptl.absorpt_process_details    ? 
_exptl.entry_id                   7UQO 
_exptl.crystals_number            1 
_exptl.details                    ? 
_exptl.method                     'X-RAY DIFFRACTION' 
_exptl.method_details             ? 
# 
_exptl_crystal.colour                      ? 
_exptl_crystal.density_diffrn              ? 
_exptl_crystal.density_Matthews            2.24 
_exptl_crystal.density_method              ? 
_exptl_crystal.density_percent_sol         45.14 
_exptl_crystal.description                 ? 
_exptl_crystal.F_000                       ? 
_exptl_crystal.id                          1 
_exptl_crystal.preparation                 ? 
_exptl_crystal.size_max                    ? 
_exptl_crystal.size_mid                    ? 
_exptl_crystal.size_min                    ? 
_exptl_crystal.size_rad                    ? 
_exptl_crystal.colour_lustre               ? 
_exptl_crystal.colour_modifier             ? 
_exptl_crystal.colour_primary              ? 
_exptl_crystal.density_meas                ? 
_exptl_crystal.density_meas_esd            ? 
_exptl_crystal.density_meas_gt             ? 
_exptl_crystal.density_meas_lt             ? 
_exptl_crystal.density_meas_temp           ? 
_exptl_crystal.density_meas_temp_esd       ? 
_exptl_crystal.density_meas_temp_gt        ? 
_exptl_crystal.density_meas_temp_lt        ? 
_exptl_crystal.pdbx_crystal_image_url      ? 
_exptl_crystal.pdbx_crystal_image_format   ? 
_exptl_crystal.pdbx_mosaicity              ? 
_exptl_crystal.pdbx_mosaicity_esd          ? 
# 
_exptl_crystal_grow.apparatus       ? 
_exptl_crystal_grow.atmosphere      ? 
_exptl_crystal_grow.crystal_id      1 
_exptl_crystal_grow.details         ? 
_exptl_crystal_grow.method          'VAPOR DIFFUSION, HANGING DROP' 
_exptl_crystal_grow.method_ref      ? 
_exptl_crystal_grow.pH              ? 
_exptl_crystal_grow.pressure        ? 
_exptl_crystal_grow.pressure_esd    ? 
_exptl_crystal_grow.seeding         ? 
_exptl_crystal_grow.seeding_ref     ? 
_exptl_crystal_grow.temp            293 
_exptl_crystal_grow.temp_details    ? 
_exptl_crystal_grow.temp_esd        ? 
_exptl_crystal_grow.time            ? 
_exptl_crystal_grow.pdbx_details    'PEG 3350, Bis-Tris pH 5.5' 
_exptl_crystal_grow.pdbx_pH_range   ? 
# 
_diffrn.ambient_environment              ? 
_diffrn.ambient_temp                     100 
_diffrn.ambient_temp_details             ? 
_diffrn.ambient_temp_esd                 ? 
_diffrn.crystal_id                       1 
_diffrn.crystal_support                  ? 
_diffrn.crystal_treatment                ? 
_diffrn.details                          ? 
_diffrn.id                               1 
_diffrn.ambient_pressure                 ? 
_diffrn.ambient_pressure_esd             ? 
_diffrn.ambient_pressure_gt              ? 
_diffrn.ambient_pressure_lt              ? 
_diffrn.ambient_temp_gt                  ? 
_diffrn.ambient_temp_lt                  ? 
_diffrn.pdbx_serial_crystal_experiment   N 
# 
_diffrn_detector.details                      ? 
_diffrn_detector.detector                     PIXEL 
_diffrn_detector.diffrn_id                    1 
_diffrn_detector.type                         'DECTRIS PILATUS 6M' 
_diffrn_detector.area_resol_mean              ? 
_diffrn_detector.dtime                        ? 
_diffrn_detector.pdbx_frames_total            ? 
_diffrn_detector.pdbx_collection_time_total   ? 
_diffrn_detector.pdbx_collection_date         2021-02-25 
_diffrn_detector.pdbx_frequency               ? 
# 
_diffrn_radiation.collimation                      ? 
_diffrn_radiation.diffrn_id                        1 
_diffrn_radiation.filter_edge                      ? 
_diffrn_radiation.inhomogeneity                    ? 
_diffrn_radiation.monochromator                    ? 
_diffrn_radiation.polarisn_norm                    ? 
_diffrn_radiation.polarisn_ratio                   ? 
_diffrn_radiation.probe                            ? 
_diffrn_radiation.type                             ? 
_diffrn_radiation.xray_symbol                      ? 
_diffrn_radiation.wavelength_id                    1 
_diffrn_radiation.pdbx_monochromatic_or_laue_m_l   M 
_diffrn_radiation.pdbx_wavelength_list             ? 
_diffrn_radiation.pdbx_wavelength                  ? 
_diffrn_radiation.pdbx_diffrn_protocol             'SINGLE WAVELENGTH' 
_diffrn_radiation.pdbx_analyzer                    ? 
_diffrn_radiation.pdbx_scattering_type             x-ray 
# 
_diffrn_radiation_wavelength.id           1 
_diffrn_radiation_wavelength.wavelength   0.9795 
_diffrn_radiation_wavelength.wt           1.0 
# 
_diffrn_source.current                     ? 
_diffrn_source.details                     ? 
_diffrn_source.diffrn_id                   1 
_diffrn_source.power                       ? 
_diffrn_source.size                        ? 
_diffrn_source.source                      SYNCHROTRON 
_diffrn_source.target                      ? 
_diffrn_source.type                        'SSRL BEAMLINE BL12-2' 
_diffrn_source.voltage                     ? 
_diffrn_source.take-off_angle              ? 
_diffrn_source.pdbx_wavelength_list        0.9795 
_diffrn_source.pdbx_wavelength             ? 
_diffrn_source.pdbx_synchrotron_beamline   BL12-2 
_diffrn_source.pdbx_synchrotron_site       SSRL 
# 
_reflns.B_iso_Wilson_estimate                          27.67 
_reflns.entry_id                                       7UQO 
_reflns.data_reduction_details                         ? 
_reflns.data_reduction_method                          ? 
_reflns.d_resolution_high                              1.75 
_reflns.d_resolution_low                               36.8 
_reflns.details                                        ? 
_reflns.limit_h_max                                    ? 
_reflns.limit_h_min                                    ? 
_reflns.limit_k_max                                    ? 
_reflns.limit_k_min                                    ? 
_reflns.limit_l_max                                    ? 
_reflns.limit_l_min                                    ? 
_reflns.number_all                                     ? 
_reflns.number_obs                                     16490 
_reflns.observed_criterion                             ? 
_reflns.observed_criterion_F_max                       ? 
_reflns.observed_criterion_F_min                       ? 
_reflns.observed_criterion_I_max                       ? 
_reflns.observed_criterion_I_min                       ? 
_reflns.observed_criterion_sigma_F                     ? 
_reflns.observed_criterion_sigma_I                     ? 
_reflns.percent_possible_obs                           99.4 
_reflns.R_free_details                                 ? 
_reflns.Rmerge_F_all                                   ? 
_reflns.Rmerge_F_obs                                   ? 
_reflns.Friedel_coverage                               ? 
_reflns.number_gt                                      ? 
_reflns.threshold_expression                           ? 
_reflns.pdbx_redundancy                                8.6 
_reflns.pdbx_Rmerge_I_obs                              ? 
_reflns.pdbx_Rmerge_I_all                              ? 
_reflns.pdbx_Rsym_value                                ? 
_reflns.pdbx_netI_over_av_sigmaI                       ? 
_reflns.pdbx_netI_over_sigmaI                          22.55 
_reflns.pdbx_res_netI_over_av_sigmaI_2                 ? 
_reflns.pdbx_res_netI_over_sigmaI_2                    ? 
_reflns.pdbx_chi_squared                               ? 
_reflns.pdbx_scaling_rejects                           ? 
_reflns.pdbx_d_res_high_opt                            ? 
_reflns.pdbx_d_res_low_opt                             ? 
_reflns.pdbx_d_res_opt_method                          ? 
_reflns.phase_calculation_details                      ? 
_reflns.pdbx_Rrim_I_all                                ? 
_reflns.pdbx_Rpim_I_all                                ? 
_reflns.pdbx_d_opt                                     ? 
_reflns.pdbx_number_measured_all                       ? 
_reflns.pdbx_diffrn_id                                 1 
_reflns.pdbx_ordinal                                   1 
_reflns.pdbx_CC_half                                   0.999 
_reflns.pdbx_CC_star                                   ? 
_reflns.pdbx_R_split                                   ? 
_reflns.pdbx_aniso_diffraction_limit_axis_1_ortho[1]   ? 
_reflns.pdbx_aniso_diffraction_limit_axis_1_ortho[2]   ? 
_reflns.pdbx_aniso_diffraction_limit_axis_1_ortho[3]   ? 
_reflns.pdbx_aniso_diffraction_limit_axis_2_ortho[1]   ? 
_reflns.pdbx_aniso_diffraction_limit_axis_2_ortho[2]   ? 
_reflns.pdbx_aniso_diffraction_limit_axis_2_ortho[3]   ? 
_reflns.pdbx_aniso_diffraction_limit_axis_3_ortho[1]   ? 
_reflns.pdbx_aniso_diffraction_limit_axis_3_ortho[2]   ? 
_reflns.pdbx_aniso_diffraction_limit_axis_3_ortho[3]   ? 
_reflns.pdbx_aniso_diffraction_limit_1                 ? 
_reflns.pdbx_aniso_diffraction_limit_2                 ? 
_reflns.pdbx_aniso_diffraction_limit_3                 ? 
_reflns.pdbx_aniso_B_tensor_eigenvector_1_ortho[1]     ? 
_reflns.pdbx_aniso_B_tensor_eigenvector_1_ortho[2]     ? 
_reflns.pdbx_aniso_B_tensor_eigenvector_1_ortho[3]     ? 
_reflns.pdbx_aniso_B_tensor_eigenvector_2_ortho[1]     ? 
_reflns.pdbx_aniso_B_tensor_eigenvector_2_ortho[2]     ? 
_reflns.pdbx_aniso_B_tensor_eigenvector_2_ortho[3]     ? 
_reflns.pdbx_aniso_B_tensor_eigenvector_3_ortho[1]     ? 
_reflns.pdbx_aniso_B_tensor_eigenvector_3_ortho[2]     ? 
_reflns.pdbx_aniso_B_tensor_eigenvector_3_ortho[3]     ? 
_reflns.pdbx_aniso_B_tensor_eigenvalue_1               ? 
_reflns.pdbx_aniso_B_tensor_eigenvalue_2               ? 
_reflns.pdbx_aniso_B_tensor_eigenvalue_3               ? 
_reflns.pdbx_orthogonalization_convention              ? 
_reflns.pdbx_percent_possible_ellipsoidal              ? 
_reflns.pdbx_percent_possible_spherical                ? 
_reflns.pdbx_percent_possible_ellipsoidal_anomalous    ? 
_reflns.pdbx_percent_possible_spherical_anomalous      ? 
_reflns.pdbx_redundancy_anomalous                      ? 
_reflns.pdbx_CC_half_anomalous                         ? 
_reflns.pdbx_absDiff_over_sigma_anomalous              ? 
_reflns.pdbx_percent_possible_anomalous                ? 
_reflns.pdbx_observed_signal_threshold                 ? 
_reflns.pdbx_signal_type                               ? 
_reflns.pdbx_signal_details                            ? 
_reflns.pdbx_signal_software_id                        ? 
# 
_reflns_shell.d_res_high                                    1.75 
_reflns_shell.d_res_low                                     1.80 
_reflns_shell.meanI_over_sigI_all                           ? 
_reflns_shell.meanI_over_sigI_obs                           ? 
_reflns_shell.number_measured_all                           ? 
_reflns_shell.number_measured_obs                           ? 
_reflns_shell.number_possible                               ? 
_reflns_shell.number_unique_all                             ? 
_reflns_shell.number_unique_obs                             1170 
_reflns_shell.percent_possible_all                          ? 
_reflns_shell.percent_possible_obs                          ? 
_reflns_shell.Rmerge_F_all                                  ? 
_reflns_shell.Rmerge_F_obs                                  ? 
_reflns_shell.Rmerge_I_all                                  ? 
_reflns_shell.Rmerge_I_obs                                  ? 
_reflns_shell.meanI_over_sigI_gt                            ? 
_reflns_shell.meanI_over_uI_all                             ? 
_reflns_shell.meanI_over_uI_gt                              ? 
_reflns_shell.number_measured_gt                            ? 
_reflns_shell.number_unique_gt                              ? 
_reflns_shell.percent_possible_gt                           ? 
_reflns_shell.Rmerge_F_gt                                   ? 
_reflns_shell.Rmerge_I_gt                                   ? 
_reflns_shell.pdbx_redundancy                               ? 
_reflns_shell.pdbx_Rsym_value                               ? 
_reflns_shell.pdbx_chi_squared                              ? 
_reflns_shell.pdbx_netI_over_sigmaI_all                     ? 
_reflns_shell.pdbx_netI_over_sigmaI_obs                     ? 
_reflns_shell.pdbx_Rrim_I_all                               ? 
_reflns_shell.pdbx_Rpim_I_all                               ? 
_reflns_shell.pdbx_rejects                                  ? 
_reflns_shell.pdbx_ordinal                                  1 
_reflns_shell.pdbx_diffrn_id                                1 
_reflns_shell.pdbx_CC_half                                  0.904 
_reflns_shell.pdbx_CC_star                                  ? 
_reflns_shell.pdbx_R_split                                  ? 
_reflns_shell.pdbx_percent_possible_ellipsoidal             ? 
_reflns_shell.pdbx_percent_possible_spherical               ? 
_reflns_shell.pdbx_percent_possible_ellipsoidal_anomalous   ? 
_reflns_shell.pdbx_percent_possible_spherical_anomalous     ? 
_reflns_shell.pdbx_redundancy_anomalous                     ? 
_reflns_shell.pdbx_CC_half_anomalous                        ? 
_reflns_shell.pdbx_absDiff_over_sigma_anomalous             ? 
_reflns_shell.pdbx_percent_possible_anomalous               ? 
# 
_refine.aniso_B[1][1]                            ? 
_refine.aniso_B[1][2]                            ? 
_refine.aniso_B[1][3]                            ? 
_refine.aniso_B[2][2]                            ? 
_refine.aniso_B[2][3]                            ? 
_refine.aniso_B[3][3]                            ? 
_refine.B_iso_max                                ? 
_refine.B_iso_mean                               37.93 
_refine.B_iso_min                                ? 
_refine.correlation_coeff_Fo_to_Fc               ? 
_refine.correlation_coeff_Fo_to_Fc_free          ? 
_refine.details                                  ? 
_refine.diff_density_max                         ? 
_refine.diff_density_max_esd                     ? 
_refine.diff_density_min                         ? 
_refine.diff_density_min_esd                     ? 
_refine.diff_density_rms                         ? 
_refine.diff_density_rms_esd                     ? 
_refine.entry_id                                 7UQO 
_refine.pdbx_refine_id                           'X-RAY DIFFRACTION' 
_refine.ls_abs_structure_details                 ? 
_refine.ls_abs_structure_Flack                   ? 
_refine.ls_abs_structure_Flack_esd               ? 
_refine.ls_abs_structure_Rogers                  ? 
_refine.ls_abs_structure_Rogers_esd              ? 
_refine.ls_d_res_high                            1.75 
_refine.ls_d_res_low                             36.80 
_refine.ls_extinction_coef                       ? 
_refine.ls_extinction_coef_esd                   ? 
_refine.ls_extinction_expression                 ? 
_refine.ls_extinction_method                     ? 
_refine.ls_goodness_of_fit_all                   ? 
_refine.ls_goodness_of_fit_all_esd               ? 
_refine.ls_goodness_of_fit_obs                   ? 
_refine.ls_goodness_of_fit_obs_esd               ? 
_refine.ls_hydrogen_treatment                    ? 
_refine.ls_matrix_type                           ? 
_refine.ls_number_constraints                    ? 
_refine.ls_number_parameters                     ? 
_refine.ls_number_reflns_all                     ? 
_refine.ls_number_reflns_obs                     16433 
_refine.ls_number_reflns_R_free                  1646 
_refine.ls_number_reflns_R_work                  14787 
_refine.ls_number_restraints                     ? 
_refine.ls_percent_reflns_obs                    99.26 
_refine.ls_percent_reflns_R_free                 10.02 
_refine.ls_R_factor_all                          ? 
_refine.ls_R_factor_obs                          0.2012 
_refine.ls_R_factor_R_free                       0.2310 
_refine.ls_R_factor_R_free_error                 ? 
_refine.ls_R_factor_R_free_error_details         ? 
_refine.ls_R_factor_R_work                       0.1978 
_refine.ls_R_Fsqd_factor_obs                     ? 
_refine.ls_R_I_factor_obs                        ? 
_refine.ls_redundancy_reflns_all                 ? 
_refine.ls_redundancy_reflns_obs                 ? 
_refine.ls_restrained_S_all                      ? 
_refine.ls_restrained_S_obs                      ? 
_refine.ls_shift_over_esd_max                    ? 
_refine.ls_shift_over_esd_mean                   ? 
_refine.ls_structure_factor_coef                 ? 
_refine.ls_weighting_details                     ? 
_refine.ls_weighting_scheme                      ? 
_refine.ls_wR_factor_all                         ? 
_refine.ls_wR_factor_obs                         ? 
_refine.ls_wR_factor_R_free                      ? 
_refine.ls_wR_factor_R_work                      ? 
_refine.occupancy_max                            ? 
_refine.occupancy_min                            ? 
_refine.solvent_model_details                    'FLAT BULK SOLVENT MODEL' 
_refine.solvent_model_param_bsol                 ? 
_refine.solvent_model_param_ksol                 ? 
_refine.pdbx_R_complete                          ? 
_refine.ls_R_factor_gt                           ? 
_refine.ls_goodness_of_fit_gt                    ? 
_refine.ls_goodness_of_fit_ref                   ? 
_refine.ls_shift_over_su_max                     ? 
_refine.ls_shift_over_su_max_lt                  ? 
_refine.ls_shift_over_su_mean                    ? 
_refine.ls_shift_over_su_mean_lt                 ? 
_refine.pdbx_ls_sigma_I                          ? 
_refine.pdbx_ls_sigma_F                          1.34 
_refine.pdbx_ls_sigma_Fsqd                       ? 
_refine.pdbx_data_cutoff_high_absF               ? 
_refine.pdbx_data_cutoff_high_rms_absF           ? 
_refine.pdbx_data_cutoff_low_absF                ? 
_refine.pdbx_isotropic_thermal_model             ? 
_refine.pdbx_ls_cross_valid_method               'FREE R-VALUE' 
_refine.pdbx_method_to_determine_struct          'MOLECULAR REPLACEMENT' 
_refine.pdbx_starting_model                      7UQL 
_refine.pdbx_stereochemistry_target_values       'GeoStd + Monomer Library + CDL v1.2' 
_refine.pdbx_R_Free_selection_details            ? 
_refine.pdbx_stereochem_target_val_spec_case     ? 
_refine.pdbx_overall_ESU_R                       ? 
_refine.pdbx_overall_ESU_R_Free                  ? 
_refine.pdbx_solvent_vdw_probe_radii             1.1100 
_refine.pdbx_solvent_ion_probe_radii             ? 
_refine.pdbx_solvent_shrinkage_radii             0.9000 
_refine.pdbx_real_space_R                        ? 
_refine.pdbx_density_correlation                 ? 
_refine.pdbx_pd_number_of_powder_patterns        ? 
_refine.pdbx_pd_number_of_points                 ? 
_refine.pdbx_pd_meas_number_of_points            ? 
_refine.pdbx_pd_proc_ls_prof_R_factor            ? 
_refine.pdbx_pd_proc_ls_prof_wR_factor           ? 
_refine.pdbx_pd_Marquardt_correlation_coeff      ? 
_refine.pdbx_pd_Fsqrd_R_factor                   ? 
_refine.pdbx_pd_ls_matrix_band_width             ? 
_refine.pdbx_overall_phase_error                 24.3591 
_refine.pdbx_overall_SU_R_free_Cruickshank_DPI   ? 
_refine.pdbx_overall_SU_R_free_Blow_DPI          ? 
_refine.pdbx_overall_SU_R_Blow_DPI               ? 
_refine.pdbx_TLS_residual_ADP_flag               ? 
_refine.pdbx_diffrn_id                           1 
_refine.overall_SU_B                             ? 
_refine.overall_SU_ML                            0.1885 
_refine.overall_SU_R_Cruickshank_DPI             ? 
_refine.overall_SU_R_free                        ? 
_refine.overall_FOM_free_R_set                   ? 
_refine.overall_FOM_work_R_set                   ? 
_refine.pdbx_average_fsc_overall                 ? 
_refine.pdbx_average_fsc_work                    ? 
_refine.pdbx_average_fsc_free                    ? 
# 
_refine_hist.pdbx_refine_id                   'X-RAY DIFFRACTION' 
_refine_hist.cycle_id                         LAST 
_refine_hist.details                          ? 
_refine_hist.d_res_high                       1.75 
_refine_hist.d_res_low                        36.80 
_refine_hist.number_atoms_solvent             83 
_refine_hist.number_atoms_total               1230 
_refine_hist.number_reflns_all                ? 
_refine_hist.number_reflns_obs                ? 
_refine_hist.number_reflns_R_free             ? 
_refine_hist.number_reflns_R_work             ? 
_refine_hist.R_factor_all                     ? 
_refine_hist.R_factor_obs                     ? 
_refine_hist.R_factor_R_free                  ? 
_refine_hist.R_factor_R_work                  ? 
_refine_hist.pdbx_number_residues_total       ? 
_refine_hist.pdbx_B_iso_mean_ligand           ? 
_refine_hist.pdbx_B_iso_mean_solvent          ? 
_refine_hist.pdbx_number_atoms_protein        1122 
_refine_hist.pdbx_number_atoms_nucleic_acid   0 
_refine_hist.pdbx_number_atoms_ligand         25 
_refine_hist.pdbx_number_atoms_lipid          ? 
_refine_hist.pdbx_number_atoms_carb           ? 
_refine_hist.pdbx_pseudo_atom_details         ? 
# 
loop_
_refine_ls_restr.pdbx_refine_id 
_refine_ls_restr.criterion 
_refine_ls_restr.dev_ideal 
_refine_ls_restr.dev_ideal_target 
_refine_ls_restr.number 
_refine_ls_restr.rejects 
_refine_ls_restr.type 
_refine_ls_restr.weight 
_refine_ls_restr.pdbx_restraint_function 
'X-RAY DIFFRACTION' ? 0.0157  ? 1187 ? f_bond_d           ? ? 
'X-RAY DIFFRACTION' ? 1.4775  ? 1612 ? f_angle_d          ? ? 
'X-RAY DIFFRACTION' ? 0.0935  ? 179  ? f_chiral_restr     ? ? 
'X-RAY DIFFRACTION' ? 0.0092  ? 202  ? f_plane_restr      ? ? 
'X-RAY DIFFRACTION' ? 15.5114 ? 437  ? f_dihedral_angle_d ? ? 
# 
loop_
_refine_ls_shell.pdbx_refine_id 
_refine_ls_shell.d_res_high 
_refine_ls_shell.d_res_low 
_refine_ls_shell.number_reflns_all 
_refine_ls_shell.number_reflns_obs 
_refine_ls_shell.number_reflns_R_free 
_refine_ls_shell.number_reflns_R_work 
_refine_ls_shell.percent_reflns_obs 
_refine_ls_shell.percent_reflns_R_free 
_refine_ls_shell.R_factor_all 
_refine_ls_shell.R_factor_obs 
_refine_ls_shell.R_factor_R_free 
_refine_ls_shell.R_factor_R_free_error 
_refine_ls_shell.R_factor_R_work 
_refine_ls_shell.redundancy_reflns_all 
_refine_ls_shell.redundancy_reflns_obs 
_refine_ls_shell.wR_factor_all 
_refine_ls_shell.wR_factor_obs 
_refine_ls_shell.wR_factor_R_free 
_refine_ls_shell.wR_factor_R_work 
_refine_ls_shell.pdbx_R_complete 
_refine_ls_shell.pdbx_total_number_of_bins_used 
_refine_ls_shell.pdbx_phase_error 
_refine_ls_shell.pdbx_fsc_work 
_refine_ls_shell.pdbx_fsc_free 
'X-RAY DIFFRACTION' 1.75 1.80  . . 134 1206 97.17 . . . 0.2881 . 0.2467 . . . . . . . . . . . 
'X-RAY DIFFRACTION' 1.80 1.86  . . 134 1196 99.40 . . . 0.3160 . 0.2239 . . . . . . . . . . . 
'X-RAY DIFFRACTION' 1.86 1.92  . . 133 1199 99.33 . . . 0.2721 . 0.2261 . . . . . . . . . . . 
'X-RAY DIFFRACTION' 1.92 2.00  . . 137 1227 99.56 . . . 0.2959 . 0.2218 . . . . . . . . . . . 
'X-RAY DIFFRACTION' 2.00 2.09  . . 134 1213 99.48 . . . 0.2643 . 0.2178 . . . . . . . . . . . 
'X-RAY DIFFRACTION' 2.09 2.20  . . 138 1234 99.42 . . . 0.2457 . 0.2040 . . . . . . . . . . . 
'X-RAY DIFFRACTION' 2.20 2.34  . . 135 1209 99.26 . . . 0.2667 . 0.2091 . . . . . . . . . . . 
'X-RAY DIFFRACTION' 2.34 2.52  . . 138 1245 99.71 . . . 0.2326 . 0.2040 . . . . . . . . . . . 
'X-RAY DIFFRACTION' 2.52 2.77  . . 138 1230 99.71 . . . 0.2566 . 0.2244 . . . . . . . . . . . 
'X-RAY DIFFRACTION' 2.78 3.18  . . 138 1244 99.35 . . . 0.2265 . 0.2023 . . . . . . . . . . . 
'X-RAY DIFFRACTION' 3.18 4.00  . . 140 1267 99.65 . . . 0.2033 . 0.1800 . . . . . . . . . . . 
'X-RAY DIFFRACTION' 4.00 36.80 . . 147 1317 99.19 . . . 0.2064 . 0.1817 . . . . . . . . . . . 
# 
_struct.entry_id                     7UQO 
_struct.title                        'Pathogenesis related 10-10 (S)-tetrahydropapaverine complex' 
_struct.pdbx_model_details           ? 
_struct.pdbx_formula_weight          ? 
_struct.pdbx_formula_weight_method   ? 
_struct.pdbx_model_type_details      ? 
_struct.pdbx_CASP_flag               N 
# 
_struct_keywords.entry_id        7UQO 
_struct_keywords.text            
'binding protein, alkaloids, opium poppy, biosynthetic protein, (S)-tetrahydropapaverine, tetrahydropapaverine' 
_struct_keywords.pdbx_keywords   'BIOSYNTHETIC PROTEIN' 
# 
loop_
_struct_asym.id 
_struct_asym.pdbx_blank_PDB_chainid_flag 
_struct_asym.pdbx_modified 
_struct_asym.entity_id 
_struct_asym.details 
A N N 1 ? 
B N N 2 ? 
C N N 3 ? 
# 
loop_
_struct_conf.conf_type_id 
_struct_conf.id 
_struct_conf.pdbx_PDB_helix_id 
_struct_conf.beg_label_comp_id 
_struct_conf.beg_label_asym_id 
_struct_conf.beg_label_seq_id 
_struct_conf.pdbx_beg_PDB_ins_code 
_struct_conf.end_label_comp_id 
_struct_conf.end_label_asym_id 
_struct_conf.end_label_seq_id 
_struct_conf.pdbx_end_PDB_ins_code 
_struct_conf.beg_auth_comp_id 
_struct_conf.beg_auth_asym_id 
_struct_conf.beg_auth_seq_id 
_struct_conf.end_auth_comp_id 
_struct_conf.end_auth_asym_id 
_struct_conf.end_auth_seq_id 
_struct_conf.pdbx_PDB_helix_class 
_struct_conf.details 
_struct_conf.pdbx_PDB_helix_length 
HELX_P HELX_P1 AA1 ASP A 22  ? HIS A 32  ? ASP A 22  HIS A 32  1 ? 11 
HELX_P HELX_P2 AA2 ASP A 82  ? THR A 84  ? ASP A 82  THR A 84  5 ? 3  
HELX_P HELX_P3 AA3 ALA A 96  ? LYS A 98  ? ALA A 96  LYS A 98  5 ? 3  
HELX_P HELX_P4 AA4 PRO A 136 ? ALA A 152 ? PRO A 136 ALA A 152 1 ? 17 
# 
_struct_conf_type.id          HELX_P 
_struct_conf_type.criteria    ? 
_struct_conf_type.reference   ? 
# 
_struct_sheet.id               AA1 
_struct_sheet.type             ? 
_struct_sheet.number_strands   7 
_struct_sheet.details          ? 
# 
loop_
_struct_sheet_order.sheet_id 
_struct_sheet_order.range_id_1 
_struct_sheet_order.range_id_2 
_struct_sheet_order.offset 
_struct_sheet_order.sense 
AA1 1 2 ? anti-parallel 
AA1 2 3 ? anti-parallel 
AA1 3 4 ? anti-parallel 
AA1 4 5 ? anti-parallel 
AA1 5 6 ? anti-parallel 
AA1 6 7 ? anti-parallel 
# 
loop_
_struct_sheet_range.sheet_id 
_struct_sheet_range.id 
_struct_sheet_range.beg_label_comp_id 
_struct_sheet_range.beg_label_asym_id 
_struct_sheet_range.beg_label_seq_id 
_struct_sheet_range.pdbx_beg_PDB_ins_code 
_struct_sheet_range.end_label_comp_id 
_struct_sheet_range.end_label_asym_id 
_struct_sheet_range.end_label_seq_id 
_struct_sheet_range.pdbx_end_PDB_ins_code 
_struct_sheet_range.beg_auth_comp_id 
_struct_sheet_range.beg_auth_asym_id 
_struct_sheet_range.beg_auth_seq_id 
_struct_sheet_range.end_auth_comp_id 
_struct_sheet_range.end_auth_asym_id 
_struct_sheet_range.end_auth_seq_id 
AA1 1 VAL A 10  ? VAL A 19  ? VAL A 10  VAL A 19  
AA1 2 SER A 118 ? LYS A 128 ? SER A 118 LYS A 128 
AA1 3 TYR A 100 ? PRO A 111 ? TYR A 100 PRO A 111 
AA1 4 THR A 86  ? GLY A 94  ? THR A 86  GLY A 94  
AA1 5 LYS A 70  ? ALA A 81  ? LYS A 70  ALA A 81  
AA1 6 VAL A 56  ? LEU A 67  ? VAL A 56  LEU A 67  
AA1 7 HIS A 42  ? THR A 50  ? HIS A 42  THR A 50  
# 
loop_
_pdbx_struct_sheet_hbond.sheet_id 
_pdbx_struct_sheet_hbond.range_id_1 
_pdbx_struct_sheet_hbond.range_id_2 
_pdbx_struct_sheet_hbond.range_1_label_atom_id 
_pdbx_struct_sheet_hbond.range_1_label_comp_id 
_pdbx_struct_sheet_hbond.range_1_label_asym_id 
_pdbx_struct_sheet_hbond.range_1_label_seq_id 
_pdbx_struct_sheet_hbond.range_1_PDB_ins_code 
_pdbx_struct_sheet_hbond.range_1_auth_atom_id 
_pdbx_struct_sheet_hbond.range_1_auth_comp_id 
_pdbx_struct_sheet_hbond.range_1_auth_asym_id 
_pdbx_struct_sheet_hbond.range_1_auth_seq_id 
_pdbx_struct_sheet_hbond.range_2_label_atom_id 
_pdbx_struct_sheet_hbond.range_2_label_comp_id 
_pdbx_struct_sheet_hbond.range_2_label_asym_id 
_pdbx_struct_sheet_hbond.range_2_label_seq_id 
_pdbx_struct_sheet_hbond.range_2_PDB_ins_code 
_pdbx_struct_sheet_hbond.range_2_auth_atom_id 
_pdbx_struct_sheet_hbond.range_2_auth_comp_id 
_pdbx_struct_sheet_hbond.range_2_auth_asym_id 
_pdbx_struct_sheet_hbond.range_2_auth_seq_id 
AA1 1 2 N LEU A 13  ? N LEU A 13  O ILE A 124 ? O ILE A 124 
AA1 2 3 O VAL A 119 ? O VAL A 119 N ASN A 110 ? N ASN A 110 
AA1 3 4 O VAL A 105 ? O VAL A 105 N HIS A 89  ? N HIS A 89  
AA1 4 5 O HIS A 90  ? O HIS A 90  N GLU A 77  ? N GLU A 77  
AA1 5 6 O ALA A 74  ? O ALA A 74  N TRP A 63  ? N TRP A 63  
AA1 6 7 O SER A 57  ? O SER A 57  N VAL A 49  ? N VAL A 49  
# 
_atom_sites.entry_id                    7UQO 
_atom_sites.Cartn_transf_matrix[1][1]   ? 
_atom_sites.Cartn_transf_matrix[1][2]   ? 
_atom_sites.Cartn_transf_matrix[1][3]   ? 
_atom_sites.Cartn_transf_matrix[2][1]   ? 
_atom_sites.Cartn_transf_matrix[2][2]   ? 
_atom_sites.Cartn_transf_matrix[2][3]   ? 
_atom_sites.Cartn_transf_matrix[3][1]   ? 
_atom_sites.Cartn_transf_matrix[3][2]   ? 
_atom_sites.Cartn_transf_matrix[3][3]   ? 
_atom_sites.Cartn_transf_vector[1]      ? 
_atom_sites.Cartn_transf_vector[2]      ? 
_atom_sites.Cartn_transf_vector[3]      ? 
_atom_sites.fract_transf_matrix[1][1]   -0.01811622 
_atom_sites.fract_transf_matrix[1][2]   -0.00889309 
_atom_sites.fract_transf_matrix[1][3]   0.00419657 
_atom_sites.fract_transf_matrix[2][1]   -0.00108674 
_atom_sites.fract_transf_matrix[2][2]   -0.00407102 
_atom_sites.fract_transf_matrix[2][3]   -0.01331836 
_atom_sites.fract_transf_matrix[3][1]   0.00512511 
_atom_sites.fract_transf_matrix[3][2]   -0.00929677 
_atom_sites.fract_transf_matrix[3][3]   0.00242355 
_atom_sites.fract_transf_vector[1]      -0.034336 
_atom_sites.fract_transf_vector[2]      -0.225072 
_atom_sites.fract_transf_vector[3]      0.106239 
_atom_sites.solution_primary            ? 
_atom_sites.solution_secondary          ? 
_atom_sites.solution_hydrogens          ? 
_atom_sites.special_details             ? 
# 
loop_
_atom_type.symbol 
_atom_type.scat_dispersion_real 
_atom_type.scat_dispersion_imag 
_atom_type.scat_Cromer_Mann_a1 
_atom_type.scat_Cromer_Mann_a2 
_atom_type.scat_Cromer_Mann_a3 
_atom_type.scat_Cromer_Mann_a4 
_atom_type.scat_Cromer_Mann_b1 
_atom_type.scat_Cromer_Mann_b2 
_atom_type.scat_Cromer_Mann_b3 
_atom_type.scat_Cromer_Mann_b4 
_atom_type.scat_Cromer_Mann_c 
_atom_type.scat_source 
_atom_type.scat_dispersion_source 
C ? ? 3.54356 2.42580 ? ? 25.62398 1.50364  ? ? 0.0 
;2-Gaussian fit: Grosse-Kunstleve RW, Sauter NK, Adams PD: Newsletter of the IUCr Commission on Crystallographic Computing 2004, 3, 22-31.
;
? 
N ? ? 4.01032 2.96436 ? ? 19.97189 1.75589  ? ? 0.0 
;2-Gaussian fit: Grosse-Kunstleve RW, Sauter NK, Adams PD: Newsletter of the IUCr Commission on Crystallographic Computing 2004, 3, 22-31.
;
? 
O ? ? 4.49882 3.47563 ? ? 15.80542 1.70748  ? ? 0.0 
;2-Gaussian fit: Grosse-Kunstleve RW, Sauter NK, Adams PD: Newsletter of the IUCr Commission on Crystallographic Computing 2004, 3, 22-31.
;
? 
S ? ? 9.55732 6.39887 ? ? 1.23737  29.19336 ? ? 0.0 
;2-Gaussian fit: Grosse-Kunstleve RW, Sauter NK, Adams PD: Newsletter of the IUCr Commission on Crystallographic Computing 2004, 3, 22-31.
;
? 
# 
loop_
_atom_site.group_PDB 
_atom_site.id 
_atom_site.type_symbol 
_atom_site.label_atom_id 
_atom_site.label_alt_id 
_atom_site.label_comp_id 
_atom_site.label_asym_id 
_atom_site.label_entity_id 
_atom_site.label_seq_id 
_atom_site.pdbx_PDB_ins_code 
_atom_site.Cartn_x 
_atom_site.Cartn_y 
_atom_site.Cartn_z 
_atom_site.occupancy 
_atom_site.B_iso_or_equiv 
_atom_site.pdbx_formal_charge 
_atom_site.auth_seq_id 
_atom_site.auth_comp_id 
_atom_site.auth_asym_id 
_atom_site.auth_atom_id 
_atom_site.pdbx_PDB_model_num 
ATOM   1    N N   . GLY A 1 8   ? -8.39876  -22.11788 5.47264   1.000 57.70393 ? 8   GLY A N   1 
ATOM   2    C CA  . GLY A 1 8   ? -8.37533  -20.87884 6.24063   1.000 68.36425 ? 8   GLY A CA  1 
ATOM   3    C C   . GLY A 1 8   ? -8.60579  -19.63159 5.38796   1.000 49.53940 ? 8   GLY A C   1 
ATOM   4    O O   . GLY A 1 8   ? -7.84854  -19.37067 4.43868   1.000 54.85220 ? 8   GLY A O   1 
ATOM   5    N N   . LEU A 1 9   ? -9.63419  -18.85615 5.71546   1.000 55.68856 ? 9   LEU A N   1 
ATOM   6    C CA  . LEU A 1 9   ? -10.03059 -17.76778 4.82422   1.000 44.15608 ? 9   LEU A CA  1 
ATOM   7    C C   . LEU A 1 9   ? -9.32616  -16.44496 5.12199   1.000 34.37959 ? 9   LEU A C   1 
ATOM   8    O O   . LEU A 1 9   ? -9.30160  -15.58413 4.24963   1.000 29.53284 ? 9   LEU A O   1 
ATOM   9    C CB  . LEU A 1 9   ? -11.54992 -17.54901 4.87254   1.000 42.49851 ? 9   LEU A CB  1 
ATOM   10   C CG  . LEU A 1 9   ? -12.43035 -18.69570 4.33198   1.000 54.40578 ? 9   LEU A CG  1 
ATOM   11   C CD1 . LEU A 1 9   ? -13.89804 -18.27359 4.24086   1.000 51.78817 ? 9   LEU A CD1 1 
ATOM   12   C CD2 . LEU A 1 9   ? -11.93685 -19.25138 2.98889   1.000 45.59040 ? 9   LEU A CD2 1 
ATOM   13   N N   . VAL A 1 10  ? -8.76697  -16.27458 6.31634   1.000 33.24789 ? 10  VAL A N   1 
ATOM   14   C CA  . VAL A 1 10  ? -8.20678  -15.00676 6.76923   1.000 26.60634 ? 10  VAL A CA  1 
ATOM   15   C C   . VAL A 1 10  ? -6.69817  -15.12752 6.72330   1.000 25.66514 ? 10  VAL A C   1 
ATOM   16   O O   . VAL A 1 10  ? -6.14009  -16.12141 7.19902   1.000 27.12017 ? 10  VAL A O   1 
ATOM   17   C CB  . VAL A 1 10  ? -8.68184  -14.69739 8.19584   1.000 33.70820 ? 10  VAL A CB  1 
ATOM   18   C CG1 . VAL A 1 10  ? -8.00395  -13.48554 8.76286   1.000 31.48935 ? 10  VAL A CG1 1 
ATOM   19   C CG2 . VAL A 1 10  ? -10.20220 -14.50673 8.18447   1.000 39.00042 ? 10  VAL A CG2 1 
ATOM   20   N N   . GLY A 1 11  ? -6.01987  -14.10851 6.20405   1.000 24.53137 ? 11  GLY A N   1 
ATOM   21   C CA  . GLY A 1 11  ? -4.58029  -14.28184 6.17083   1.000 23.42525 ? 11  GLY A CA  1 
ATOM   22   C C   . GLY A 1 11  ? -3.91770  -12.93429 6.00144   1.000 22.30446 ? 11  GLY A C   1 
ATOM   23   O O   . GLY A 1 11  ? -4.57530  -11.90525 5.93807   1.000 23.09834 ? 11  GLY A O   1 
ATOM   24   N N   . LYS A 1 12  ? -2.57718  -12.95060 5.98869   1.000 20.86840 ? 12  LYS A N   1 
ATOM   25   C CA  . LYS A 1 12  ? -1.80765  -11.76037 5.70722   1.000 23.20479 ? 12  LYS A CA  1 
ATOM   26   C C   . LYS A 1 12  ? -0.58187  -12.17724 4.90069   1.000 21.18784 ? 12  LYS A C   1 
ATOM   27   O O   . LYS A 1 12  ? 0.08320   -13.16583 5.24987   1.000 18.74216 ? 12  LYS A O   1 
ATOM   28   C CB  . LYS A 1 12  ? -1.41765  -11.06742 7.02467   1.000 21.73593 ? 12  LYS A CB  1 
ATOM   29   C CG  . LYS A 1 12  ? -0.48623  -9.91133  6.85901   1.000 29.38729 ? 12  LYS A CG  1 
ATOM   30   C CD  . LYS A 1 12  ? -0.15772  -9.29159  8.19561   1.000 30.80590 ? 12  LYS A CD  1 
ATOM   31   C CE  . LYS A 1 12  ? 0.66472   -10.23457 9.05390   1.000 31.89937 ? 12  LYS A CE  1 
ATOM   32   N NZ  . LYS A 1 12  ? 1.08216   -9.47962  10.27558  1.000 33.37102 ? 12  LYS A NZ  1 
ATOM   33   N N   . LEU A 1 13  ? -0.28231  -11.42247 3.82999   1.000 20.02075 ? 13  LEU A N   1 
ATOM   34   C CA  . LEU A 1 13  ? 0.96689   -11.57054 3.08690   1.000 20.84258 ? 13  LEU A CA  1 
ATOM   35   C C   . LEU A 1 13  ? 1.82318   -10.37051 3.39070   1.000 18.97940 ? 13  LEU A C   1 
ATOM   36   O O   . LEU A 1 13  ? 1.30716   -9.23765  3.44945   1.000 23.05674 ? 13  LEU A O   1 
ATOM   37   C CB  . LEU A 1 13  ? 0.76506   -11.67277 1.56953   1.000 18.24333 ? 13  LEU A CB  1 
ATOM   38   C CG  . LEU A 1 13  ? -0.10976  -12.83398 1.08776   1.000 21.25148 ? 13  LEU A CG  1 
ATOM   39   C CD1 . LEU A 1 13  ? -0.02978  -12.91546 -0.44226  1.000 22.62811 ? 13  LEU A CD1 1 
ATOM   40   C CD2 . LEU A 1 13  ? 0.46289   -14.08300 1.75782   1.000 23.12034 ? 13  LEU A CD2 1 
ATOM   41   N N   . VAL A 1 14  ? 3.13288   -10.59787 3.52831   1.000 19.40867 ? 14  VAL A N   1 
ATOM   42   C CA  . VAL A 1 14  ? 4.02828   -9.50031  3.81998   1.000 20.16715 ? 14  VAL A CA  1 
ATOM   43   C C   . VAL A 1 14  ? 5.23303   -9.55423  2.90976   1.000 19.38269 ? 14  VAL A C   1 
ATOM   44   O O   . VAL A 1 14  ? 5.81954   -10.61303 2.69010   1.000 21.22001 ? 14  VAL A O   1 
ATOM   45   C CB  . VAL A 1 14  ? 4.47171   -9.52922  5.29001   1.000 20.07883 ? 14  VAL A CB  1 
ATOM   46   C CG1 . VAL A 1 14  ? 5.30267   -8.36411  5.59391   1.000 25.37371 ? 14  VAL A CG1 1 
ATOM   47   C CG2 . VAL A 1 14  ? 3.25751   -9.64502  6.23970   1.000 21.61156 ? 14  VAL A CG2 1 
ATOM   48   N N   . THR A 1 15  ? 5.64214   -8.38902  2.41219   1.000 19.30363 ? 15  THR A N   1 
ATOM   49   C CA  . THR A 1 15  ? 7.00893   -8.24923  1.93877   1.000 23.31275 ? 15  THR A CA  1 
ATOM   50   C C   . THR A 1 15  ? 7.69339   -7.14227  2.72323   1.000 25.27204 ? 15  THR A C   1 
ATOM   51   O O   . THR A 1 15  ? 7.14873   -6.02494  2.86584   1.000 22.23117 ? 15  THR A O   1 
ATOM   52   C CB  . THR A 1 15  ? 7.08258   -8.00321  0.44128   1.000 23.19203 ? 15  THR A CB  1 
ATOM   53   O OG1 . THR A 1 15  ? 8.44489   -7.78311  0.08417   1.000 22.83125 ? 15  THR A OG1 1 
ATOM   54   C CG2 . THR A 1 15  ? 6.17011   -6.78850  -0.03040  1.000 22.41040 ? 15  THR A CG2 1 
ATOM   55   N N   . GLN A 1 16  ? 8.87962   -7.45119  3.24346   1.000 18.24923 ? 16  GLN A N   1 
ATOM   56   C CA  . GLN A 1 16  ? 9.64399   -6.48459  4.01269   1.000 23.43976 ? 16  GLN A CA  1 
ATOM   57   C C   . GLN A 1 16  ? 10.98827  -6.28969  3.31698   1.000 24.89972 ? 16  GLN A C   1 
ATOM   58   O O   . GLN A 1 16  ? 11.63053  -7.26161  2.86089   1.000 22.81231 ? 16  GLN A O   1 
ATOM   59   C CB  . GLN A 1 16  ? 9.77762   -6.99395  5.43977   1.000 28.99959 ? 16  GLN A CB  1 
ATOM   60   C CG  . GLN A 1 16  ? 10.59777  -6.15110  6.29491   1.000 27.17141 ? 16  GLN A CG  1 
ATOM   61   C CD  . GLN A 1 16  ? 10.53173  -6.60703  7.70310   1.000 36.25511 ? 16  GLN A CD  1 
ATOM   62   O OE1 . GLN A 1 16  ? 9.61099   -6.25720  8.43682   1.000 40.01515 ? 16  GLN A OE1 1 
ATOM   63   N NE2 . GLN A 1 16  ? 11.49937  -7.40885  8.10318   1.000 28.58149 ? 16  GLN A NE2 1 
ATOM   64   N N   . LEU A 1 17  ? 11.41287  -5.04339  3.20560   1.000 23.20305 ? 17  LEU A N   1 
ATOM   65   C CA  . LEU A 1 17  ? 12.65737  -4.76554  2.52065   1.000 26.54566 ? 17  LEU A CA  1 
ATOM   66   C C   . LEU A 1 17  ? 13.45801  -3.78574  3.35220   1.000 29.58934 ? 17  LEU A C   1 
ATOM   67   O O   . LEU A 1 17  ? 12.88553  -2.93344  4.02221   1.000 25.20322 ? 17  LEU A O   1 
ATOM   68   C CB  . LEU A 1 17  ? 12.40917  -4.12049  1.15052   1.000 33.44823 ? 17  LEU A CB  1 
ATOM   69   C CG  . LEU A 1 17  ? 11.41799  -4.65276  0.13951   1.000 41.40339 ? 17  LEU A CG  1 
ATOM   70   C CD1 . LEU A 1 17  ? 9.95655   -4.21622  0.41271   1.000 41.84316 ? 17  LEU A CD1 1 
ATOM   71   C CD2 . LEU A 1 17  ? 11.91728  -4.12547  -1.17595  1.000 41.49904 ? 17  LEU A CD2 1 
ATOM   72   N N   . GLU A 1 18  ? 14.78213  -3.95124  3.36107   1.000 28.35221 ? 18  GLU A N   1 
ATOM   73   C CA  . GLU A 1 18  ? 15.66133  -2.92610  3.91858   1.000 30.86608 ? 18  GLU A CA  1 
ATOM   74   C C   . GLU A 1 18  ? 15.91455  -1.87484  2.86126   1.000 31.15793 ? 18  GLU A C   1 
ATOM   75   O O   . GLU A 1 18  ? 16.08744  -2.18561  1.68664   1.000 36.68409 ? 18  GLU A O   1 
ATOM   76   C CB  . GLU A 1 18  ? 16.97856  -3.57288  4.39959   1.000 29.09384 ? 18  GLU A CB  1 
ATOM   77   C CG  . GLU A 1 18  ? 16.70828  -4.33276  5.66690   1.000 37.63605 ? 18  GLU A CG  1 
ATOM   78   C CD  . GLU A 1 18  ? 17.95103  -4.92473  6.31774   1.000 42.94829 ? 18  GLU A CD  1 
ATOM   79   O OE1 . GLU A 1 18  ? 19.07028  -4.75389  5.79069   1.000 46.58983 ? 18  GLU A OE1 1 
ATOM   80   O OE2 . GLU A 1 18  ? 17.76858  -5.57893  7.35415   1.000 45.06136 ? 18  GLU A OE2 1 
ATOM   81   N N   . VAL A 1 19  ? 15.88345  -0.61089  3.27180   1.000 33.35624 ? 19  VAL A N   1 
ATOM   82   C CA  . VAL A 1 19  ? 16.22394  0.47882   2.37815   1.000 35.75748 ? 19  VAL A CA  1 
ATOM   83   C C   . VAL A 1 19  ? 17.27352  1.36328   3.03550   1.000 39.80771 ? 19  VAL A C   1 
ATOM   84   O O   . VAL A 1 19  ? 17.22057  1.61770   4.24583   1.000 39.36519 ? 19  VAL A O   1 
ATOM   85   C CB  . VAL A 1 19  ? 14.98698  1.30998   2.01007   1.000 38.40363 ? 19  VAL A CB  1 
ATOM   86   C CG1 . VAL A 1 19  ? 13.89733  0.39481   1.51110   1.000 34.64999 ? 19  VAL A CG1 1 
ATOM   87   C CG2 . VAL A 1 19  ? 14.52846  2.13759   3.19978   1.000 42.80703 ? 19  VAL A CG2 1 
ATOM   88   N N   . ASN A 1 20  ? 18.21476  1.85678   2.22731   1.000 37.47756 ? 20  ASN A N   1 
ATOM   89   C CA  . ASN A 1 20  ? 19.25343  2.73044   2.76915   1.000 40.58135 ? 20  ASN A CA  1 
ATOM   90   C C   . ASN A 1 20  ? 18.78346  4.19100   2.80313   1.000 39.06609 ? 20  ASN A C   1 
ATOM   91   O O   . ASN A 1 20  ? 19.25377  5.04533   2.05740   1.000 50.77193 ? 20  ASN A O   1 
ATOM   92   C CB  . ASN A 1 20  ? 20.53713  2.58153   1.96605   1.000 56.69733 ? 20  ASN A CB  1 
ATOM   93   C CG  . ASN A 1 20  ? 21.71010  3.25308   2.64523   1.000 67.06155 ? 20  ASN A CG  1 
ATOM   94   O OD1 . ASN A 1 20  ? 21.66866  3.51004   3.85367   1.000 74.50684 ? 20  ASN A OD1 1 
ATOM   95   N ND2 . ASN A 1 20  ? 22.76192  3.54316   1.88259   1.000 69.12454 ? 20  ASN A ND2 1 
ATOM   96   N N   . CYS A 1 21  ? 17.85072  4.47366   3.70762   1.000 39.33933 ? 21  CYS A N   1 
ATOM   97   C CA  . CYS A 1 21  ? 17.20935  5.78283   3.79734   1.000 37.66037 ? 21  CYS A CA  1 
ATOM   98   C C   . CYS A 1 21  ? 16.61705  5.92324   5.19501   1.000 40.54958 ? 21  CYS A C   1 
ATOM   99   O O   . CYS A 1 21  ? 16.12809  4.93958   5.75352   1.000 45.49282 ? 21  CYS A O   1 
ATOM   100  C CB  . CYS A 1 21  ? 16.12759  5.95418   2.71446   1.000 40.20953 ? 21  CYS A CB  1 
ATOM   101  S SG  . CYS A 1 21  ? 15.42232  7.64797   2.59947   1.000 42.88559 ? 21  CYS A SG  1 
ATOM   102  N N   . ASP A 1 22  ? 16.71991  7.12723   5.77201   1.000 35.86025 ? 22  ASP A N   1 
ATOM   103  C CA  . ASP A 1 22  ? 16.09726  7.45655   7.05561   1.000 36.50342 ? 22  ASP A CA  1 
ATOM   104  C C   . ASP A 1 22  ? 14.60019  7.20224   6.98704   1.000 37.75000 ? 22  ASP A C   1 
ATOM   105  O O   . ASP A 1 22  ? 13.94210  7.55993   6.00515   1.000 34.63121 ? 22  ASP A O   1 
ATOM   106  C CB  . ASP A 1 22  ? 16.33019  8.93876   7.43232   1.000 39.87777 ? 22  ASP A CB  1 
ATOM   107  C CG  . ASP A 1 22  ? 15.45978  9.42121   8.63077   1.000 50.23186 ? 22  ASP A CG  1 
ATOM   108  O OD1 . ASP A 1 22  ? 15.74109  9.04324   9.79112   1.000 51.36217 ? 22  ASP A OD1 1 
ATOM   109  O OD2 . ASP A 1 22  ? 14.48918  10.20980  8.43447   1.000 49.04545 ? 22  ASP A OD2 1 
ATOM   110  N N   . ALA A 1 23  ? 14.06049  6.64934   8.06779   1.000 32.83150 ? 23  ALA A N   1 
ATOM   111  C CA  . ALA A 1 23  ? 12.66433  6.21510   8.05297   1.000 34.04817 ? 23  ALA A CA  1 
ATOM   112  C C   . ALA A 1 23  ? 11.72502  7.38032   7.81742   1.000 38.32377 ? 23  ALA A C   1 
ATOM   113  O O   . ALA A 1 23  ? 10.76573  7.27051   7.05196   1.000 32.09653 ? 23  ALA A O   1 
ATOM   114  C CB  . ALA A 1 23  ? 12.30378  5.51166   9.36205   1.000 29.91287 ? 23  ALA A CB  1 
ATOM   115  N N   . ASP A 1 24  ? 11.96106  8.51395   8.48703   1.000 36.66487 ? 24  ASP A N   1 
ATOM   116  C CA  A ASP A 1 24  ? 10.96766  9.58574   8.41850   0.449 38.48443 ? 24  ASP A CA  1 
ATOM   117  C CA  B ASP A 1 24  ? 10.95191  9.55993   8.41793   0.551 38.47952 ? 24  ASP A CA  1 
ATOM   118  C C   . ASP A 1 24  ? 10.91698  10.18374  7.02214   1.000 35.03273 ? 24  ASP A C   1 
ATOM   119  O O   . ASP A 1 24  ? 9.83329   10.42702  6.48279   1.000 31.98677 ? 24  ASP A O   1 
ATOM   120  C CB  A ASP A 1 24  ? 11.24249  10.67883  9.45781   0.449 39.96183 ? 24  ASP A CB  1 
ATOM   121  C CB  B ASP A 1 24  ? 11.18198  10.58639  9.53799   0.551 39.87771 ? 24  ASP A CB  1 
ATOM   122  C CG  A ASP A 1 24  ? 10.01061  11.56052  9.72548   0.449 45.78425 ? 24  ASP A CG  1 
ATOM   123  C CG  B ASP A 1 24  ? 10.93970  9.98856   10.95479  0.551 44.07875 ? 24  ASP A CG  1 
ATOM   124  O OD1 A ASP A 1 24  ? 8.87006   11.11659  9.45206   0.449 40.12920 ? 24  ASP A OD1 1 
ATOM   125  O OD1 B ASP A 1 24  ? 9.76812   9.75943   11.35832  0.551 43.32365 ? 24  ASP A OD1 1 
ATOM   126  O OD2 A ASP A 1 24  ? 10.18061  12.70948  10.19966  0.449 48.71147 ? 24  ASP A OD2 1 
ATOM   127  O OD2 B ASP A 1 24  ? 11.93251  9.72317   11.66343  0.551 47.14788 ? 24  ASP A OD2 1 
ATOM   128  N N   . ILE A 1 25  ? 12.08087  10.38660  6.40749   1.000 31.24237 ? 25  ILE A N   1 
ATOM   129  C CA  . ILE A 1 25  ? 12.14330  10.87485  5.03855   1.000 34.33380 ? 25  ILE A CA  1 
ATOM   130  C C   . ILE A 1 25  ? 11.55404  9.87327   4.06437   1.000 30.49765 ? 25  ILE A C   1 
ATOM   131  O O   . ILE A 1 25  ? 10.78368  10.22668  3.15423   1.000 29.51753 ? 25  ILE A O   1 
ATOM   132  C CB  . ILE A 1 25  ? 13.58726  11.21686  4.66784   1.000 40.16390 ? 25  ILE A CB  1 
ATOM   133  C CG1 . ILE A 1 25  ? 14.15550  12.08863  5.78769   1.000 50.13100 ? 25  ILE A CG1 1 
ATOM   134  C CG2 . ILE A 1 25  ? 13.61906  11.88565  3.29760   1.000 46.19335 ? 25  ILE A CG2 1 
ATOM   135  C CD1 . ILE A 1 25  ? 13.24530  13.30508  6.21993   1.000 48.74975 ? 25  ILE A CD1 1 
ATOM   136  N N   . PHE A 1 26  ? 11.86864  8.59380   4.24856   1.000 27.97867 ? 26  PHE A N   1 
ATOM   137  C CA  . PHE A 1 26  ? 11.34495  7.63030   3.31037   1.000 25.68660 ? 26  PHE A CA  1 
ATOM   138  C C   . PHE A 1 26  ? 9.83746   7.56819   3.39246   1.000 26.77634 ? 26  PHE A C   1 
ATOM   139  O O   . PHE A 1 26  ? 9.17511   7.35767   2.38015   1.000 30.66068 ? 26  PHE A O   1 
ATOM   140  C CB  . PHE A 1 26  ? 11.94524  6.23778   3.59042   1.000 29.76417 ? 26  PHE A CB  1 
ATOM   141  C CG  . PHE A 1 26  ? 11.72882  5.29799   2.47031   1.000 32.13991 ? 26  PHE A CG  1 
ATOM   142  C CD1 . PHE A 1 26  ? 12.43052  5.45303   1.31022   1.000 32.42328 ? 26  PHE A CD1 1 
ATOM   143  C CD2 . PHE A 1 26  ? 10.74430  4.32961   2.52046   1.000 29.30218 ? 26  PHE A CD2 1 
ATOM   144  C CE1 . PHE A 1 26  ? 12.20562  4.63761   0.23059   1.000 41.98041 ? 26  PHE A CE1 1 
ATOM   145  C CE2 . PHE A 1 26  ? 10.53091  3.49920   1.41306   1.000 32.69950 ? 26  PHE A CE2 1 
ATOM   146  C CZ  . PHE A 1 26  ? 11.25930  3.65511   0.29000   1.000 39.74444 ? 26  PHE A CZ  1 
ATOM   147  N N   . TYR A 1 27  ? 9.29292   7.64828   4.60835   1.000 23.49245 ? 27  TYR A N   1 
ATOM   148  C CA  . TYR A 1 27  ? 7.84658   7.62225   4.76385   1.000 22.99524 ? 27  TYR A CA  1 
ATOM   149  C C   . TYR A 1 27  ? 7.21723   8.80379   4.03475   1.000 27.13386 ? 27  TYR A C   1 
ATOM   150  O O   . TYR A 1 27  ? 6.19143   8.64790   3.37273   1.000 27.10705 ? 27  TYR A O   1 
ATOM   151  C CB  . TYR A 1 27  ? 7.50698   7.62472   6.25269   1.000 28.57451 ? 27  TYR A CB  1 
ATOM   152  C CG  . TYR A 1 27  ? 6.11647   8.02214   6.52523   1.000 25.59913 ? 27  TYR A CG  1 
ATOM   153  C CD1 . TYR A 1 27  ? 5.05537   7.16161   6.25393   1.000 25.98988 ? 27  TYR A CD1 1 
ATOM   154  C CD2 . TYR A 1 27  ? 5.82835   9.28639   7.05561   1.000 29.25980 ? 27  TYR A CD2 1 
ATOM   155  C CE1 . TYR A 1 27  ? 3.74406   7.53953   6.47237   1.000 25.92321 ? 27  TYR A CE1 1 
ATOM   156  C CE2 . TYR A 1 27  ? 4.54101   9.64140   7.30353   1.000 30.65849 ? 27  TYR A CE2 1 
ATOM   157  C CZ  . TYR A 1 27  ? 3.50137   8.76945   7.03369   1.000 31.56165 ? 27  TYR A CZ  1 
ATOM   158  O OH  . TYR A 1 27  ? 2.19306   9.18599   7.26074   1.000 35.21649 ? 27  TYR A OH  1 
ATOM   159  N N   . LYS A 1 28  ? 7.84413   9.98592   4.14535   1.000 29.27890 ? 28  LYS A N   1 
ATOM   160  C CA  . LYS A 1 28  ? 7.33522   11.19056  3.49331   1.000 30.63178 ? 28  LYS A CA  1 
ATOM   161  C C   . LYS A 1 28  ? 7.40425   11.05694  1.98558   1.000 29.26520 ? 28  LYS A C   1 
ATOM   162  O O   . LYS A 1 28  ? 6.55236   11.60200  1.27325   1.000 30.84247 ? 28  LYS A O   1 
ATOM   163  C CB  . LYS A 1 28  ? 8.13077   12.41812  3.97849   1.000 30.48531 ? 28  LYS A CB  1 
ATOM   164  C CG  . LYS A 1 28  ? 7.64042   12.84229  5.36411   1.000 34.05563 ? 28  LYS A CG  1 
ATOM   165  C CD  . LYS A 1 28  ? 8.52819   13.79487  6.10269   1.000 45.73357 ? 28  LYS A CD  1 
ATOM   166  C CE  . LYS A 1 28  ? 7.81380   14.15348  7.39214   1.000 42.90717 ? 28  LYS A CE  1 
ATOM   167  N NZ  . LYS A 1 28  ? 8.74496   14.58205  8.43369   1.000 51.96911 ? 28  LYS A NZ  1 
ATOM   168  N N   . ILE A 1 29  ? 8.39008   10.31692  1.48932   1.000 26.91383 ? 29  ILE A N   1 
ATOM   169  C CA  . ILE A 1 29  ? 8.48896   10.08801  0.06294   1.000 25.99581 ? 29  ILE A CA  1 
ATOM   170  C C   . ILE A 1 29  ? 7.37427   9.16915   -0.39838  1.000 31.49891 ? 29  ILE A C   1 
ATOM   171  O O   . ILE A 1 29  ? 6.63142   9.49806   -1.33149  1.000 34.48530 ? 29  ILE A O   1 
ATOM   172  C CB  . ILE A 1 29  ? 9.86026   9.51152   -0.29540  1.000 31.49573 ? 29  ILE A CB  1 
ATOM   173  C CG1 . ILE A 1 29  ? 10.94349  10.61970  -0.17136  1.000 32.79598 ? 29  ILE A CG1 1 
ATOM   174  C CG2 . ILE A 1 29  ? 9.79010   8.97047   -1.70554  1.000 34.14303 ? 29  ILE A CG2 1 
ATOM   175  C CD1 . ILE A 1 29  ? 12.35864  10.05535  -0.20035  1.000 34.88674 ? 29  ILE A CD1 1 
ATOM   176  N N   . VAL A 1 30  ? 7.21092   8.03400   0.28605   1.000 28.57794 ? 30  VAL A N   1 
ATOM   177  C CA  . VAL A 1 30  ? 6.14530   7.08125   -0.04960  1.000 30.58517 ? 30  VAL A CA  1 
ATOM   178  C C   . VAL A 1 30  ? 4.76058   7.71253   0.04791   1.000 27.29756 ? 30  VAL A C   1 
ATOM   179  O O   . VAL A 1 30  ? 3.88819   7.45709   -0.77207  1.000 32.38731 ? 30  VAL A O   1 
ATOM   180  C CB  . VAL A 1 30  ? 6.24296   5.86498   0.86492   1.000 28.51493 ? 30  VAL A CB  1 
ATOM   181  C CG1 . VAL A 1 30  ? 5.10155   4.92145   0.55076   1.000 35.65660 ? 30  VAL A CG1 1 
ATOM   182  C CG2 . VAL A 1 30  ? 7.55853   5.15946   0.62859   1.000 34.52862 ? 30  VAL A CG2 1 
ATOM   183  N N   . LYS A 1 31  ? 4.53257   8.48055   1.09260   1.000 25.46058 ? 31  LYS A N   1 
ATOM   184  C CA  . LYS A 1 31  ? 3.25393   9.13978   1.32786   1.000 25.49583 ? 31  LYS A CA  1 
ATOM   185  C C   . LYS A 1 31  ? 2.80423   10.00973  0.16444   1.000 33.36051 ? 31  LYS A C   1 
ATOM   186  O O   . LYS A 1 31  ? 1.61077   10.10570  -0.09847  1.000 33.09486 ? 31  LYS A O   1 
ATOM   187  C CB  . LYS A 1 31  ? 3.38284   9.97799   2.59123   1.000 32.24256 ? 31  LYS A CB  1 
ATOM   188  C CG  . LYS A 1 31  ? 2.15313   10.77751  2.98928   1.000 36.27351 ? 31  LYS A CG  1 
ATOM   189  C CD  . LYS A 1 31  ? 2.44899   11.48563  4.32728   1.000 35.70271 ? 31  LYS A CD  1 
ATOM   190  C CE  . LYS A 1 31  ? 1.32363   12.43327  4.74392   1.000 46.87082 ? 31  LYS A CE  1 
ATOM   191  N NZ  . LYS A 1 31  ? 1.79157   13.14198  5.99552   1.000 48.56091 ? 31  LYS A NZ  1 
ATOM   192  N N   . HIS A 1 32  ? 3.73051   10.65786  -0.52816  1.000 30.79694 ? 32  HIS A N   1 
ATOM   193  C CA  . HIS A 1 32  ? 3.37607   11.61186  -1.56271  1.000 36.98136 ? 32  HIS A CA  1 
ATOM   194  C C   . HIS A 1 32  ? 3.71726   11.06946  -2.94481  1.000 43.21457 ? 32  HIS A C   1 
ATOM   195  O O   . HIS A 1 32  ? 3.64055   11.81507  -3.92671  1.000 46.03378 ? 32  HIS A O   1 
ATOM   196  C CB  . HIS A 1 32  ? 4.07161   12.96925  -1.26112  1.000 33.55745 ? 32  HIS A CB  1 
ATOM   197  C CG  . HIS A 1 32  ? 3.60696   13.60026  0.01276   1.000 29.35935 ? 32  HIS A CG  1 
ATOM   198  N ND1 . HIS A 1 32  ? 2.34546   14.15180  0.15056   1.000 30.36598 ? 32  HIS A ND1 1 
ATOM   199  C CD2 . HIS A 1 32  ? 4.22765   13.77909  1.20183   1.000 30.24575 ? 32  HIS A CD2 1 
ATOM   200  C CE1 . HIS A 1 32  ? 2.20144   14.60540  1.38529   1.000 31.94371 ? 32  HIS A CE1 1 
ATOM   201  N NE2 . HIS A 1 32  ? 3.32797   14.38688  2.04510   1.000 31.68410 ? 32  HIS A NE2 1 
ATOM   202  N N   . HIS A 1 33  ? 4.12174   9.79064   -3.00904  1.000 38.13013 ? 33  HIS A N   1 
ATOM   203  C CA  . HIS A 1 33  ? 4.45608   8.95082   -4.17296  1.000 48.96784 ? 33  HIS A CA  1 
ATOM   204  C C   . HIS A 1 33  ? 5.79122   9.22765   -4.83983  1.000 57.58471 ? 33  HIS A C   1 
ATOM   205  O O   . HIS A 1 33  ? 6.45909   8.29063   -5.32595  1.000 59.93658 ? 33  HIS A O   1 
ATOM   206  C CB  . HIS A 1 33  ? 3.34209   9.00730   -5.22929  1.000 58.19060 ? 33  HIS A CB  1 
ATOM   207  C CG  . HIS A 1 33  ? 3.57389   8.08481   -6.38894  1.000 83.94360 ? 33  HIS A CG  1 
ATOM   208  N ND1 . HIS A 1 33  ? 4.06680   6.80265   -6.23527  1.000 89.08459 ? 33  HIS A ND1 1 
ATOM   209  C CD2 . HIS A 1 33  ? 3.39748   8.26193   -7.72235  1.000 87.05999 ? 33  HIS A CD2 1 
ATOM   210  C CE1 . HIS A 1 33  ? 4.17323   6.22813   -7.42196  1.000 86.64769 ? 33  HIS A CE1 1 
ATOM   211  N NE2 . HIS A 1 33  ? 3.77190   7.09092   -8.34076  1.000 92.39169 ? 33  HIS A NE2 1 
ATOM   212  N N   . PRO A 1 41  ? 0.78389   0.56814   -17.04759 1.000 51.40210 ? 41  PRO A N   1 
ATOM   213  C CA  . PRO A 1 41  ? -0.44176  1.26990   -17.44405 1.000 46.32021 ? 41  PRO A CA  1 
ATOM   214  C C   . PRO A 1 41  ? -1.33985  1.48508   -16.24021 1.000 45.03090 ? 41  PRO A C   1 
ATOM   215  O O   . PRO A 1 41  ? -1.79761  0.52671   -15.63454 1.000 42.10890 ? 41  PRO A O   1 
ATOM   216  C CB  . PRO A 1 41  ? -1.10492  0.31023   -18.45877 1.000 47.39512 ? 41  PRO A CB  1 
ATOM   217  C CG  . PRO A 1 41  ? -0.15584  -0.90145  -18.57609 1.000 59.91091 ? 41  PRO A CG  1 
ATOM   218  C CD  . PRO A 1 41  ? 0.71698   -0.87392  -17.35564 1.000 52.32125 ? 41  PRO A CD  1 
ATOM   219  N N   . HIS A 1 42  ? -1.58283  2.73524   -15.87381 1.000 39.71269 ? 42  HIS A N   1 
ATOM   220  C CA  . HIS A 1 42  ? -2.48993  2.97544   -14.76623 1.000 37.14862 ? 42  HIS A CA  1 
ATOM   221  C C   . HIS A 1 42  ? -2.91427  4.43279   -14.82186 1.000 35.81155 ? 42  HIS A C   1 
ATOM   222  O O   . HIS A 1 42  ? -2.19855  5.26348   -15.38796 1.000 41.91170 ? 42  HIS A O   1 
ATOM   223  C CB  . HIS A 1 42  ? -1.82360  2.67414   -13.42621 1.000 40.82566 ? 42  HIS A CB  1 
ATOM   224  C CG  . HIS A 1 42  ? -0.60445  3.50477   -13.16433 1.000 49.42151 ? 42  HIS A CG  1 
ATOM   225  N ND1 . HIS A 1 42  ? -0.67303  4.81011   -12.71946 1.000 52.20765 ? 42  HIS A ND1 1 
ATOM   226  C CD2 . HIS A 1 42  ? 0.71505   3.21636   -13.28270 1.000 47.73915 ? 42  HIS A CD2 1 
ATOM   227  C CE1 . HIS A 1 42  ? 0.55025   5.29325   -12.58892 1.000 56.26251 ? 42  HIS A CE1 1 
ATOM   228  N NE2 . HIS A 1 42  ? 1.41107   4.34422   -12.91725 1.000 61.14664 ? 42  HIS A NE2 1 
ATOM   229  N N   . PHE A 1 43  ? -4.07211  4.72542   -14.21676 1.000 35.29783 ? 43  PHE A N   1 
ATOM   230  C CA  . PHE A 1 43  ? -4.43333  6.09831   -13.84039 1.000 35.38619 ? 43  PHE A CA  1 
ATOM   231  C C   . PHE A 1 43  ? -5.50679  6.04855   -12.75253 1.000 35.33285 ? 43  PHE A C   1 
ATOM   232  O O   . PHE A 1 43  ? -6.09601  4.99886   -12.48627 1.000 31.65094 ? 43  PHE A O   1 
ATOM   233  C CB  . PHE A 1 43  ? -4.91293  6.88978   -15.04449 1.000 34.05581 ? 43  PHE A CB  1 
ATOM   234  C CG  . PHE A 1 43  ? -6.10459  6.33275   -15.69630 1.000 33.76016 ? 43  PHE A CG  1 
ATOM   235  C CD1 . PHE A 1 43  ? -7.38036  6.60242   -15.21260 1.000 34.71532 ? 43  PHE A CD1 1 
ATOM   236  C CD2 . PHE A 1 43  ? -5.98287  5.58009   -16.85606 1.000 36.99373 ? 43  PHE A CD2 1 
ATOM   237  C CE1 . PHE A 1 43  ? -8.49584  6.10278   -15.83242 1.000 29.23153 ? 43  PHE A CE1 1 
ATOM   238  C CE2 . PHE A 1 43  ? -7.11994  5.08853   -17.50169 1.000 31.46153 ? 43  PHE A CE2 1 
ATOM   239  C CZ  . PHE A 1 43  ? -8.35371  5.32879   -16.99202 1.000 32.46756 ? 43  PHE A CZ  1 
ATOM   240  N N   . PHE A 1 44  ? -5.74704  7.19011   -12.10838 1.000 31.13287 ? 44  PHE A N   1 
ATOM   241  C CA  . PHE A 1 44  ? -6.80695  7.25016   -11.11633 1.000 31.67771 ? 44  PHE A CA  1 
ATOM   242  C C   . PHE A 1 44  ? -7.56718  8.53474   -11.30976 1.000 30.86020 ? 44  PHE A C   1 
ATOM   243  O O   . PHE A 1 44  ? -7.04493  9.49358   -11.89142 1.000 35.18588 ? 44  PHE A O   1 
ATOM   244  C CB  . PHE A 1 44  ? -6.30537  7.19408   -9.65420  1.000 34.72407 ? 44  PHE A CB  1 
ATOM   245  C CG  . PHE A 1 44  ? -5.53316  8.43062   -9.23637  1.000 40.71577 ? 44  PHE A CG  1 
ATOM   246  C CD1 . PHE A 1 44  ? -6.19521  9.53363   -8.72153  1.000 43.63917 ? 44  PHE A CD1 1 
ATOM   247  C CD2 . PHE A 1 44  ? -4.15829  8.47443   -9.37409  1.000 41.06284 ? 44  PHE A CD2 1 
ATOM   248  C CE1 . PHE A 1 44  ? -5.48870  10.67442  -8.37109  1.000 41.77469 ? 44  PHE A CE1 1 
ATOM   249  C CE2 . PHE A 1 44  ? -3.44725  9.61821   -9.01893  1.000 44.68391 ? 44  PHE A CE2 1 
ATOM   250  C CZ  . PHE A 1 44  ? -4.12318  10.70873  -8.52354  1.000 51.12022 ? 44  PHE A CZ  1 
ATOM   251  N N   . THR A 1 45  ? -8.81199  8.50705   -10.84935 1.000 29.30743 ? 45  THR A N   1 
ATOM   252  C CA  . THR A 1 45  ? -9.61602  9.68032   -10.57270 1.000 32.11688 ? 45  THR A CA  1 
ATOM   253  C C   . THR A 1 45  ? -10.02217 9.62133   -9.10016  1.000 36.22969 ? 45  THR A C   1 
ATOM   254  O O   . THR A 1 45  ? -10.05963 8.56346   -8.46898  1.000 34.87406 ? 45  THR A O   1 
ATOM   255  C CB  . THR A 1 45  ? -10.84279 9.74342   -11.53176 1.000 34.06075 ? 45  THR A CB  1 
ATOM   256  O OG1 . THR A 1 45  ? -11.63076 8.53547   -11.44014 1.000 38.34373 ? 45  THR A OG1 1 
ATOM   257  C CG2 . THR A 1 45  ? -10.36161 9.92479   -12.99518 1.000 39.09804 ? 45  THR A CG2 1 
ATOM   258  N N   . GLY A 1 46  ? -10.31254 10.75811  -8.49674  1.000 30.22694 ? 46  GLY A N   1 
ATOM   259  C CA  . GLY A 1 46  ? -10.78527 10.66378  -7.13009  1.000 33.54354 ? 46  GLY A CA  1 
ATOM   260  C C   . GLY A 1 46  ? -10.77985 12.01916  -6.46678  1.000 35.05680 ? 46  GLY A C   1 
ATOM   261  O O   . GLY A 1 46  ? -10.84419 13.04348  -7.14292  1.000 31.85030 ? 46  GLY A O   1 
ATOM   262  N N   . VAL A 1 47  ? -10.66447 11.99809  -5.13985  1.000 28.88507 ? 47  VAL A N   1 
ATOM   263  C CA  . VAL A 1 47  ? -10.81661 13.19050  -4.30915  1.000 26.93955 ? 47  VAL A CA  1 
ATOM   264  C C   . VAL A 1 47  ? -9.82057  13.09569  -3.17244  1.000 30.90425 ? 47  VAL A C   1 
ATOM   265  O O   . VAL A 1 47  ? -9.34606  12.01758  -2.80833  1.000 30.15542 ? 47  VAL A O   1 
ATOM   266  C CB  . VAL A 1 47  ? -12.26857 13.30815  -3.73219  1.000 28.60487 ? 47  VAL A CB  1 
ATOM   267  C CG1 . VAL A 1 47  ? -13.27888 13.51039  -4.83887  1.000 35.86650 ? 47  VAL A CG1 1 
ATOM   268  C CG2 . VAL A 1 47  ? -12.62978 12.06786  -2.92570  1.000 27.31887 ? 47  VAL A CG2 1 
ATOM   269  N N   . GLN A 1 48  ? -9.55898  14.22614  -2.54416  1.000 26.01767 ? 48  GLN A N   1 
ATOM   270  C CA  . GLN A 1 48  ? -8.85423  14.20882  -1.28490  1.000 26.12568 ? 48  GLN A CA  1 
ATOM   271  C C   . GLN A 1 48  ? -9.83785  14.35932  -0.13942  1.000 29.01464 ? 48  GLN A C   1 
ATOM   272  O O   . GLN A 1 48  ? -10.95156 14.85582  -0.32625  1.000 32.65457 ? 48  GLN A O   1 
ATOM   273  C CB  . GLN A 1 48  ? -7.80175  15.32352  -1.24848  1.000 37.46006 ? 48  GLN A CB  1 
ATOM   274  C CG  . GLN A 1 48  ? -6.60928  14.92828  -2.08540  1.000 46.79644 ? 48  GLN A CG  1 
ATOM   275  C CD  . GLN A 1 48  ? -5.71451  16.06897  -2.37161  1.000 57.69427 ? 48  GLN A CD  1 
ATOM   276  O OE1 . GLN A 1 48  ? -6.14100  17.10039  -2.90013  1.000 54.55116 ? 48  GLN A OE1 1 
ATOM   277  N NE2 . GLN A 1 48  ? -4.44922  15.90605  -2.02621  1.000 64.39081 ? 48  GLN A NE2 1 
ATOM   278  N N   . VAL A 1 49  ? -9.43358  13.83363  1.01498   1.000 29.48189 ? 49  VAL A N   1 
ATOM   279  C CA  . VAL A 1 49  ? -10.22457 13.82391  2.23892   1.000 38.14597 ? 49  VAL A CA  1 
ATOM   280  C C   . VAL A 1 49  ? -9.53733  14.73151  3.24087   1.000 39.26166 ? 49  VAL A C   1 
ATOM   281  O O   . VAL A 1 49  ? -8.31747  14.73274  3.32723   1.000 33.06613 ? 49  VAL A O   1 
ATOM   282  C CB  . VAL A 1 49  ? -10.36260 12.39560  2.80924   1.000 39.88443 ? 49  VAL A CB  1 
ATOM   283  C CG1 . VAL A 1 49  ? -11.08160 12.37890  4.17474   1.000 35.30515 ? 49  VAL A CG1 1 
ATOM   284  C CG2 . VAL A 1 49  ? -11.07109 11.52241  1.79896   1.000 38.46113 ? 49  VAL A CG2 1 
ATOM   285  N N   . THR A 1 50  ? -10.31258 15.52235  3.97783   1.000 40.50357 ? 50  THR A N   1 
ATOM   286  C CA  . THR A 1 50  ? -9.75566  16.36984  5.02518   1.000 47.01069 ? 50  THR A CA  1 
ATOM   287  C C   . THR A 1 50  ? -10.30221 15.95253  6.38367   1.000 54.23506 ? 50  THR A C   1 
ATOM   288  O O   . THR A 1 50  ? -11.20195 15.11243  6.49571   1.000 55.21967 ? 50  THR A O   1 
ATOM   289  C CB  . THR A 1 50  ? -10.06126 17.84324  4.76267   1.000 44.46625 ? 50  THR A CB  1 
ATOM   290  O OG1 . THR A 1 50  ? -11.47383 18.01318  4.66094   1.000 58.22651 ? 50  THR A OG1 1 
ATOM   291  C CG2 . THR A 1 50  ? -9.42564  18.30824  3.43428   1.000 50.87449 ? 50  THR A CG2 1 
ATOM   292  N N   . LYS A 1 51  ? -9.75290  16.54910  7.43319   1.000 57.59968 ? 51  LYS A N   1 
ATOM   293  C CA  . LYS A 1 51  ? -10.11936 16.15557  8.78728   1.000 61.72221 ? 51  LYS A CA  1 
ATOM   294  C C   . LYS A 1 51  ? -10.84771 17.23598  9.57551   1.000 64.47200 ? 51  LYS A C   1 
ATOM   295  O O   . LYS A 1 51  ? -11.23407 16.98074  10.72006  1.000 71.58462 ? 51  LYS A O   1 
ATOM   296  C CB  . LYS A 1 51  ? -8.87578  15.71666  9.56620   1.000 66.97275 ? 51  LYS A CB  1 
ATOM   297  C CG  . LYS A 1 51  ? -9.10579  14.51550  10.48415  1.000 76.39131 ? 51  LYS A CG  1 
ATOM   298  C CD  . LYS A 1 51  ? -9.61727  13.28638  9.72780   1.000 66.74972 ? 51  LYS A CD  1 
ATOM   299  C CE  . LYS A 1 51  ? -9.59899  12.05623  10.61992  1.000 70.22155 ? 51  LYS A CE  1 
ATOM   300  N NZ  . LYS A 1 51  ? -8.20470  11.52040  10.83954  1.000 71.29205 ? 51  LYS A NZ  1 
ATOM   301  N N   . GLY A 1 52  ? -11.04904 18.42408  9.01417   1.000 65.14010 ? 52  GLY A N   1 
ATOM   302  C CA  . GLY A 1 52  ? -11.78580 19.45220  9.72690   1.000 74.31721 ? 52  GLY A CA  1 
ATOM   303  C C   . GLY A 1 52  ? -11.06506 20.78271  9.74230   1.000 77.27396 ? 52  GLY A C   1 
ATOM   304  O O   . GLY A 1 52  ? -11.69102 21.84734  9.78411   1.000 71.58176 ? 52  GLY A O   1 
ATOM   305  N N   . ASP A 1 53  ? -9.73647  20.72215  9.71637   1.000 77.08473 ? 53  ASP A N   1 
ATOM   306  C CA  . ASP A 1 53  ? -8.88622  21.89597  9.61220   1.000 74.43539 ? 53  ASP A CA  1 
ATOM   307  C C   . ASP A 1 53  ? -8.61259  22.28906  8.15884   1.000 68.05522 ? 53  ASP A C   1 
ATOM   308  O O   . ASP A 1 53  ? -7.74396  23.13336  7.90863   1.000 66.88107 ? 53  ASP A O   1 
ATOM   309  C CB  . ASP A 1 53  ? -7.56424  21.64900  10.36122  1.000 75.18823 ? 53  ASP A CB  1 
ATOM   310  C CG  . ASP A 1 53  ? -6.84074  20.38362  9.88748   1.000 83.04087 ? 53  ASP A CG  1 
ATOM   311  O OD1 . ASP A 1 53  ? -7.46482  19.58150  9.15530   1.000 76.83789 ? 53  ASP A OD1 1 
ATOM   312  O OD2 . ASP A 1 53  ? -5.64516  20.19522  10.23630  1.000 88.06419 ? 53  ASP A OD2 1 
ATOM   313  N N   . GLY A 1 54  ? -9.31629  21.67868  7.20083   1.000 63.30997 ? 54  GLY A N   1 
ATOM   314  C CA  . GLY A 1 54  ? -9.04053  21.85617  5.78690   1.000 60.21180 ? 54  GLY A CA  1 
ATOM   315  C C   . GLY A 1 54  ? -7.77212  21.19594  5.24966   1.000 64.01201 ? 54  GLY A C   1 
ATOM   316  O O   . GLY A 1 54  ? -7.55414  21.22602  4.02532   1.000 62.37484 ? 54  GLY A O   1 
ATOM   317  N N   . LEU A 1 55  ? -6.92406  20.61702  6.10551   1.000 61.17057 ? 55  LEU A N   1 
ATOM   318  C CA  . LEU A 1 55  ? -5.71083  19.93202  5.65590   1.000 56.48801 ? 55  LEU A CA  1 
ATOM   319  C C   . LEU A 1 55  ? -6.01419  18.51279  5.17431   1.000 53.94223 ? 55  LEU A C   1 
ATOM   320  O O   . LEU A 1 55  ? -6.75492  17.76915  5.83077   1.000 42.33766 ? 55  LEU A O   1 
ATOM   321  C CB  . LEU A 1 55  ? -4.67424  19.87361  6.78311   1.000 55.00899 ? 55  LEU A CB  1 
ATOM   322  C CG  . LEU A 1 55  ? -3.61136  20.98008  6.68874   1.000 61.57250 ? 55  LEU A CG  1 
ATOM   323  C CD1 . LEU A 1 55  ? -4.23901  22.32781  6.99878   1.000 58.04580 ? 55  LEU A CD1 1 
ATOM   324  C CD2 . LEU A 1 55  ? -2.36763  20.71356  7.56202   1.000 61.47700 ? 55  LEU A CD2 1 
ATOM   325  N N   . VAL A 1 56  ? -5.43872  18.14965  4.01574   1.000 47.76574 ? 56  VAL A N   1 
ATOM   326  C CA  . VAL A 1 56  ? -5.62404  16.80443  3.46091   1.000 46.95819 ? 56  VAL A CA  1 
ATOM   327  C C   . VAL A 1 56  ? -5.18292  15.75797  4.47273   1.000 44.92336 ? 56  VAL A C   1 
ATOM   328  O O   . VAL A 1 56  ? -4.06060  15.81033  4.98742   1.000 49.38807 ? 56  VAL A O   1 
ATOM   329  C CB  . VAL A 1 56  ? -4.83699  16.65348  2.14954   1.000 44.37315 ? 56  VAL A CB  1 
ATOM   330  C CG1 . VAL A 1 56  ? -4.61671  15.14475  1.79885   1.000 43.44982 ? 56  VAL A CG1 1 
ATOM   331  C CG2 . VAL A 1 56  ? -5.50578  17.42236  0.99619   1.000 49.46390 ? 56  VAL A CG2 1 
ATOM   332  N N   . SER A 1 57  ? -6.04997  14.76912  4.74219   1.000 39.24359 ? 57  SER A N   1 
ATOM   333  C CA  . SER A 1 57  ? -5.68592  13.67178  5.63593   1.000 34.68583 ? 57  SER A CA  1 
ATOM   334  C C   . SER A 1 57  ? -5.65365  12.31094  4.92508   1.000 34.98638 ? 57  SER A C   1 
ATOM   335  O O   . SER A 1 57  ? -5.51313  11.27353  5.56542   1.000 41.94274 ? 57  SER A O   1 
ATOM   336  C CB  . SER A 1 57  ? -6.65004  13.59273  6.81881   1.000 42.58892 ? 57  SER A CB  1 
ATOM   337  O OG  . SER A 1 57  ? -7.95562  13.22530  6.39406   1.000 43.07516 ? 57  SER A OG  1 
ATOM   338  N N   . GLY A 1 58  ? -5.86265  12.27814  3.63304   1.000 33.11212 ? 58  GLY A N   1 
ATOM   339  C CA  . GLY A 1 58  ? -6.07268  11.00730  2.98513   1.000 37.71071 ? 58  GLY A CA  1 
ATOM   340  C C   . GLY A 1 58  ? -6.66361  11.28533  1.62805   1.000 32.52235 ? 58  GLY A C   1 
ATOM   341  O O   . GLY A 1 58  ? -6.75398  12.43741  1.18970   1.000 31.94319 ? 58  GLY A O   1 
ATOM   342  N N   . CYS A 1 59  ? -7.04789  10.20883  0.96853   1.000 26.25740 ? 59  CYS A N   1 
ATOM   343  C CA  . CYS A 1 59  ? -7.65983  10.36119  -0.32469  1.000 23.84766 ? 59  CYS A CA  1 
ATOM   344  C C   . CYS A 1 59  ? -8.51529  9.16168   -0.60874  1.000 27.90687 ? 59  CYS A C   1 
ATOM   345  O O   . CYS A 1 59  ? -8.38038  8.08658   0.01852   1.000 26.30723 ? 59  CYS A O   1 
ATOM   346  C CB  . CYS A 1 59  ? -6.62521  10.58141  -1.42355  1.000 25.76843 ? 59  CYS A CB  1 
ATOM   347  S SG  . CYS A 1 59  ? -5.37211  9.28384   -1.37550  1.000 35.26510 ? 59  CYS A SG  1 
ATOM   348  N N   . ILE A 1 60  ? -9.40065  9.35266   -1.56230  1.000 22.88860 ? 60  ILE A N   1 
ATOM   349  C CA  . ILE A 1 60  ? -10.21974 8.25676   -2.06375  1.000 26.10424 ? 60  ILE A CA  1 
ATOM   350  C C   . ILE A 1 60  ? -10.04395 8.26307   -3.56957  1.000 32.12431 ? 60  ILE A C   1 
ATOM   351  O O   . ILE A 1 60  ? -10.25170 9.28968   -4.23156  1.000 29.68917 ? 60  ILE A O   1 
ATOM   352  C CB  . ILE A 1 60  ? -11.69003 8.39356   -1.64309  1.000 27.49864 ? 60  ILE A CB  1 
ATOM   353  C CG1 . ILE A 1 60  ? -11.77722 8.34320   -0.10527  1.000 28.02827 ? 60  ILE A CG1 1 
ATOM   354  C CG2 . ILE A 1 60  ? -12.52988 7.27257   -2.27704  1.000 29.36854 ? 60  ILE A CG2 1 
ATOM   355  C CD1 . ILE A 1 60  ? -13.12357 8.59334   0.44289   1.000 32.56490 ? 60  ILE A CD1 1 
ATOM   356  N N   . LYS A 1 61  ? -9.58435  7.14529   -4.11524  1.000 23.95102 ? 61  LYS A N   1 
ATOM   357  C CA  . LYS A 1 61  ? -9.25298  7.10002   -5.51805  1.000 23.82228 ? 61  LYS A CA  1 
ATOM   358  C C   . LYS A 1 61  ? -9.93390  5.92073   -6.16884  1.000 35.99438 ? 61  LYS A C   1 
ATOM   359  O O   . LYS A 1 61  ? -10.00761 4.85472   -5.56155  1.000 31.42375 ? 61  LYS A O   1 
ATOM   360  C CB  . LYS A 1 61  ? -7.76703  6.92802   -5.70333  1.000 25.85548 ? 61  LYS A CB  1 
ATOM   361  C CG  . LYS A 1 61  ? -6.96675  8.13463   -5.20601  1.000 32.79013 ? 61  LYS A CG  1 
ATOM   362  C CD  . LYS A 1 61  ? -5.49696  7.93860   -5.30144  1.000 35.22146 ? 61  LYS A CD  1 
ATOM   363  C CE  . LYS A 1 61  ? -4.82738  9.25971   -4.85410  1.000 34.63795 ? 61  LYS A CE  1 
ATOM   364  N NZ  . LYS A 1 61  ? -3.32094  9.16400   -4.84610  1.000 44.70044 ? 61  LYS A NZ  1 
ATOM   365  N N   . GLU A 1 62  ? -10.36964 6.07539   -7.41916  1.000 24.39676 ? 62  GLU A N   1 
ATOM   366  C CA  . GLU A 1 62  ? -10.71185 4.91538   -8.23779  1.000 26.22293 ? 62  GLU A CA  1 
ATOM   367  C C   . GLU A 1 62  ? -9.57984  4.67777   -9.22103  1.000 29.47127 ? 62  GLU A C   1 
ATOM   368  O O   . GLU A 1 62  ? -9.28528  5.52533   -10.05218 1.000 26.48105 ? 62  GLU A O   1 
ATOM   369  C CB  . GLU A 1 62  ? -12.04341 5.07940   -8.97842  1.000 35.31155 ? 62  GLU A CB  1 
ATOM   370  C CG  . GLU A 1 62  ? -12.33927 3.81554   -9.79983  1.000 39.14940 ? 62  GLU A CG  1 
ATOM   371  C CD  . GLU A 1 62  ? -13.74814 3.74106   -10.36715 1.000 67.46477 ? 62  GLU A CD  1 
ATOM   372  O OE1 . GLU A 1 62  ? -14.15142 4.66886   -11.11605 1.000 68.56075 ? 62  GLU A OE1 1 
ATOM   373  O OE2 . GLU A 1 62  ? -14.43425 2.72815   -10.06566 1.000 63.47676 ? 62  GLU A OE2 1 
ATOM   374  N N   . TRP A 1 63  ? -8.90391  3.53869   -9.09478  1.000 28.41710 ? 63  TRP A N   1 
ATOM   375  C CA  . TRP A 1 63  ? -7.79551  3.20396   -9.95277  1.000 28.95317 ? 63  TRP A CA  1 
ATOM   376  C C   . TRP A 1 63  ? -8.23665  2.37161   -11.14383 1.000 28.48468 ? 63  TRP A C   1 
ATOM   377  O O   . TRP A 1 63  ? -9.07798  1.49056   -11.02093 1.000 27.92560 ? 63  TRP A O   1 
ATOM   378  C CB  . TRP A 1 63  ? -6.78028  2.35194   -9.16913  1.000 28.67124 ? 63  TRP A CB  1 
ATOM   379  C CG  . TRP A 1 63  ? -6.06611  3.12296   -8.15868  1.000 25.87729 ? 63  TRP A CG  1 
ATOM   380  C CD1 . TRP A 1 63  ? -6.39921  3.23830   -6.84244  1.000 29.56774 ? 63  TRP A CD1 1 
ATOM   381  C CD2 . TRP A 1 63  ? -4.88854  3.89419   -8.35469  1.000 30.19204 ? 63  TRP A CD2 1 
ATOM   382  N NE1 . TRP A 1 63  ? -5.48354  4.04660   -6.20770  1.000 31.19178 ? 63  TRP A NE1 1 
ATOM   383  C CE2 . TRP A 1 63  ? -4.55103  4.46102   -7.11247  1.000 31.86263 ? 63  TRP A CE2 1 
ATOM   384  C CE3 . TRP A 1 63  ? -4.09011  4.17971   -9.46627  1.000 34.79133 ? 63  TRP A CE3 1 
ATOM   385  C CZ2 . TRP A 1 63  ? -3.44507  5.29309   -6.94017  1.000 39.99125 ? 63  TRP A CZ2 1 
ATOM   386  C CZ3 . TRP A 1 63  ? -2.98071  5.01288   -9.29223  1.000 47.35070 ? 63  TRP A CZ3 1 
ATOM   387  C CH2 . TRP A 1 63  ? -2.67858  5.56448   -8.03976  1.000 48.66526 ? 63  TRP A CH2 1 
ATOM   388  N N   . ASN A 1 64  ? -7.58265  2.60377   -12.26019 1.000 30.10370 ? 64  ASN A N   1 
ATOM   389  C CA  . ASN A 1 64  ? -7.66689  1.75128   -13.42607 1.000 29.51307 ? 64  ASN A CA  1 
ATOM   390  C C   . ASN A 1 64  ? -6.24609  1.28509   -13.66350 1.000 26.74217 ? 64  ASN A C   1 
ATOM   391  O O   . ASN A 1 64  ? -5.33133  2.09704   -13.77372 1.000 30.35555 ? 64  ASN A O   1 
ATOM   392  C CB  . ASN A 1 64  ? -8.23077  2.52370   -14.63598 1.000 33.56870 ? 64  ASN A CB  1 
ATOM   393  C CG  . ASN A 1 64  ? -9.74601  2.75234   -14.53671 1.000 38.93257 ? 64  ASN A CG  1 
ATOM   394  O OD1 . ASN A 1 64  ? -10.53746 2.05632   -15.17702 1.000 46.12294 ? 64  ASN A OD1 1 
ATOM   395  N ND2 . ASN A 1 64  ? -10.15009 3.68322   -13.69921 1.000 29.84470 ? 64  ASN A ND2 1 
ATOM   396  N N   . TYR A 1 65  ? -6.04454  -0.01505  -13.71295 1.000 28.73992 ? 65  TYR A N   1 
ATOM   397  C CA  . TYR A 1 65  ? -4.66859  -0.48118  -13.72960 1.000 30.73467 ? 65  TYR A CA  1 
ATOM   398  C C   . TYR A 1 65  ? -4.67773  -1.81089  -14.44061 1.000 30.18461 ? 65  TYR A C   1 
ATOM   399  O O   . TYR A 1 65  ? -5.73595  -2.42681  -14.58377 1.000 32.78392 ? 65  TYR A O   1 
ATOM   400  C CB  . TYR A 1 65  ? -4.11002  -0.59751  -12.28921 1.000 31.82881 ? 65  TYR A CB  1 
ATOM   401  C CG  . TYR A 1 65  ? -4.80822  -1.59984  -11.41009 1.000 31.58468 ? 65  TYR A CG  1 
ATOM   402  C CD1 . TYR A 1 65  ? -4.25167  -2.88772  -11.19368 1.000 27.44564 ? 65  TYR A CD1 1 
ATOM   403  C CD2 . TYR A 1 65  ? -6.00727  -1.28511  -10.76866 1.000 28.34513 ? 65  TYR A CD2 1 
ATOM   404  C CE1 . TYR A 1 65  ? -4.93277  -3.80675  -10.35488 1.000 26.29179 ? 65  TYR A CE1 1 
ATOM   405  C CE2 . TYR A 1 65  ? -6.65922  -2.14582  -9.97216  1.000 29.03171 ? 65  TYR A CE2 1 
ATOM   406  C CZ  . TYR A 1 65  ? -6.10220  -3.40832  -9.74180  1.000 31.25307 ? 65  TYR A CZ  1 
ATOM   407  O OH  . TYR A 1 65  ? -6.79998  -4.24423  -8.97021  1.000 29.13751 ? 65  TYR A OH  1 
ATOM   408  N N   . VAL A 1 66  ? -3.48832  -2.27135  -14.82168 1.000 32.46061 ? 66  VAL A N   1 
ATOM   409  C CA  . VAL A 1 66  ? -3.30711  -3.56724  -15.45531 1.000 32.99994 ? 66  VAL A CA  1 
ATOM   410  C C   . VAL A 1 66  ? -2.36632  -4.39742  -14.58383 1.000 30.07900 ? 66  VAL A C   1 
ATOM   411  O O   . VAL A 1 66  ? -1.28404  -3.93319  -14.20949 1.000 31.74074 ? 66  VAL A O   1 
ATOM   412  C CB  . VAL A 1 66  ? -2.74987  -3.41875  -16.87955 1.000 31.94587 ? 66  VAL A CB  1 
ATOM   413  C CG1 . VAL A 1 66  ? -2.49948  -4.82134  -17.47225 1.000 39.32019 ? 66  VAL A CG1 1 
ATOM   414  C CG2 . VAL A 1 66  ? -3.73960  -2.67889  -17.74677 1.000 32.69137 ? 66  VAL A CG2 1 
ATOM   415  N N   . LEU A 1 67  ? -2.81389  -5.58410  -14.22867 1.000 30.38341 ? 67  LEU A N   1 
ATOM   416  C CA  . LEU A 1 67  ? -2.09655  -6.51822  -13.37635 1.000 28.31127 ? 67  LEU A CA  1 
ATOM   417  C C   . LEU A 1 67  ? -1.98629  -7.81885  -14.15810 1.000 33.49284 ? 67  LEU A C   1 
ATOM   418  O O   . LEU A 1 67  ? -3.01610  -8.39288  -14.55175 1.000 33.90662 ? 67  LEU A O   1 
ATOM   419  C CB  . LEU A 1 67  ? -2.85573  -6.76905  -12.07179 1.000 23.28599 ? 67  LEU A CB  1 
ATOM   420  C CG  . LEU A 1 67  ? -2.20340  -7.75434  -11.09064 1.000 26.62352 ? 67  LEU A CG  1 
ATOM   421  C CD1 . LEU A 1 67  ? -0.76222  -7.35002  -10.71741 1.000 29.58735 ? 67  LEU A CD1 1 
ATOM   422  C CD2 . LEU A 1 67  ? -3.06241  -7.91465  -9.84231  1.000 31.22884 ? 67  LEU A CD2 1 
ATOM   423  N N   . GLU A 1 68  ? -0.74252  -8.25798  -14.39347 1.000 38.31463 ? 68  GLU A N   1 
ATOM   424  C CA  . GLU A 1 68  ? -0.46913  -9.49023  -15.15175 1.000 37.82213 ? 68  GLU A CA  1 
ATOM   425  C C   . GLU A 1 68  ? -1.32638  -9.52786  -16.41795 1.000 37.72807 ? 68  GLU A C   1 
ATOM   426  O O   . GLU A 1 68  ? -1.97115  -10.52061 -16.75967 1.000 37.07624 ? 68  GLU A O   1 
ATOM   427  C CB  . GLU A 1 68  ? -0.64998  -10.71788 -14.24565 1.000 37.78531 ? 68  GLU A CB  1 
ATOM   428  C CG  . GLU A 1 68  ? 0.31958   -10.57143 -13.04162 1.000 47.60053 ? 68  GLU A CG  1 
ATOM   429  C CD  . GLU A 1 68  ? 0.45126   -11.80035 -12.13025 1.000 52.69541 ? 68  GLU A CD  1 
ATOM   430  O OE1 . GLU A 1 68  ? -0.36321  -12.74049 -12.25852 1.000 46.05827 ? 68  GLU A OE1 1 
ATOM   431  O OE2 . GLU A 1 68  ? 1.37291   -11.80054 -11.26552 1.000 48.76432 ? 68  GLU A OE2 1 
ATOM   432  N N   . GLY A 1 69  ? -1.38342  -8.36787  -17.08576 1.000 38.38215 ? 69  GLY A N   1 
ATOM   433  C CA  . GLY A 1 69  ? -2.00016  -8.23631  -18.39382 1.000 38.55523 ? 69  GLY A CA  1 
ATOM   434  C C   . GLY A 1 69  ? -3.48878  -7.97997  -18.43296 1.000 42.05685 ? 69  GLY A C   1 
ATOM   435  O O   . GLY A 1 69  ? -4.01914  -7.73557  -19.51923 1.000 34.89272 ? 69  GLY A O   1 
ATOM   436  N N   . LYS A 1 70  ? -4.18371  -8.00959  -17.29669 1.000 35.26839 ? 70  LYS A N   1 
ATOM   437  C CA  . LYS A 1 70  ? -5.63167  -7.94339  -17.26361 1.000 34.08166 ? 70  LYS A CA  1 
ATOM   438  C C   . LYS A 1 70  ? -5.99032  -6.57646  -16.69536 1.000 39.15992 ? 70  LYS A C   1 
ATOM   439  O O   . LYS A 1 70  ? -5.40160  -6.16310  -15.69368 1.000 29.87390 ? 70  LYS A O   1 
ATOM   440  C CB  . LYS A 1 70  ? -6.20679  -9.06241  -16.40658 1.000 38.10109 ? 70  LYS A CB  1 
ATOM   441  C CG  . LYS A 1 70  ? -7.69792  -9.09811  -16.38113 1.000 42.81147 ? 70  LYS A CG  1 
ATOM   442  C CD  . LYS A 1 70  ? -8.19216  -10.13132 -15.39675 1.000 50.17813 ? 70  LYS A CD  1 
ATOM   443  C CE  . LYS A 1 70  ? -9.69423  -10.14762 -15.39693 1.000 55.70527 ? 70  LYS A CE  1 
ATOM   444  N NZ  . LYS A 1 70  ? -10.20670 -9.87001  -16.77650 1.000 58.05437 ? 70  LYS A NZ  1 
ATOM   445  N N   . ALA A 1 71  ? -6.88939  -5.84977  -17.36899 1.000 31.35155 ? 71  ALA A N   1 
ATOM   446  C CA  . ALA A 1 71  ? -7.27089  -4.53507  -16.86050 1.000 31.11964 ? 71  ALA A CA  1 
ATOM   447  C C   . ALA A 1 71  ? -8.23814  -4.68949  -15.68693 1.000 33.62621 ? 71  ALA A C   1 
ATOM   448  O O   . ALA A 1 71  ? -9.15207  -5.53010  -15.70132 1.000 33.79295 ? 71  ALA A O   1 
ATOM   449  C CB  . ALA A 1 71  ? -7.88749  -3.69383  -17.98984 1.000 29.56044 ? 71  ALA A CB  1 
ATOM   450  N N   . MET A 1 72  ? -8.03089  -3.88789  -14.63929 1.000 28.89822 ? 72  MET A N   1 
ATOM   451  C CA  . MET A 1 72  ? -8.84121  -4.00790  -13.44138 1.000 25.66805 ? 72  MET A CA  1 
ATOM   452  C C   . MET A 1 72  ? -9.16175  -2.59543  -12.94406 1.000 29.41559 ? 72  MET A C   1 
ATOM   453  O O   . MET A 1 72  ? -8.51000  -1.63259  -13.34001 1.000 28.24960 ? 72  MET A O   1 
ATOM   454  C CB  . MET A 1 72  ? -8.08474  -4.78247  -12.36458 1.000 28.36887 ? 72  MET A CB  1 
ATOM   455  C CG  . MET A 1 72  ? -7.94917  -6.29432  -12.67397 1.000 33.33193 ? 72  MET A CG  1 
ATOM   456  S SD  . MET A 1 72  ? -6.95211  -6.92594  -11.39224 1.000 37.54453 ? 72  MET A SD  1 
ATOM   457  C CE  . MET A 1 72  ? -6.37626  -8.43583  -12.23108 1.000 43.02710 ? 72  MET A CE  1 
ATOM   458  N N   . THR A 1 73  ? -10.14957 -2.49659  -12.06242 1.000 29.11601 ? 73  THR A N   1 
ATOM   459  C CA  . THR A 1 73  ? -10.44472 -1.26455  -11.34169 1.000 29.36725 ? 73  THR A CA  1 
ATOM   460  C C   . THR A 1 73  ? -10.45289 -1.53045  -9.83970  1.000 28.82806 ? 73  THR A C   1 
ATOM   461  O O   . THR A 1 73  ? -10.77510 -2.63374  -9.40258  1.000 29.14328 ? 73  THR A O   1 
ATOM   462  C CB  . THR A 1 73  ? -11.86406 -0.65330  -11.78281 1.000 33.75456 ? 73  THR A CB  1 
ATOM   463  O OG1 . THR A 1 73  ? -12.10299 0.56809   -11.09965 1.000 47.45832 ? 73  THR A OG1 1 
ATOM   464  C CG2 . THR A 1 73  ? -12.94564 -1.56985  -11.42219 1.000 32.92427 ? 73  THR A CG2 1 
ATOM   465  N N   . ALA A 1 74  ? -10.07770 -0.52137  -9.04200  1.000 26.13010 ? 74  ALA A N   1 
ATOM   466  C CA  . ALA A 1 74  ? -10.36197 -0.61932  -7.60864  1.000 26.05641 ? 74  ALA A CA  1 
ATOM   467  C C   . ALA A 1 74  ? -10.65922 0.77616   -7.04753  1.000 23.46430 ? 74  ALA A C   1 
ATOM   468  O O   . ALA A 1 74  ? -10.08712 1.76583   -7.49466  1.000 29.07352 ? 74  ALA A O   1 
ATOM   469  C CB  . ALA A 1 74  ? -9.19809  -1.19713  -6.81467  1.000 31.92944 ? 74  ALA A CB  1 
ATOM   470  N N   . VAL A 1 75  ? -11.38878 0.78455   -5.95559  1.000 30.41932 ? 75  VAL A N   1 
ATOM   471  C CA  . VAL A 1 75  ? -11.62677 1.98947   -5.16667  1.000 25.41139 ? 75  VAL A CA  1 
ATOM   472  C C   . VAL A 1 75  ? -10.90121 1.84442   -3.84276  1.000 23.82280 ? 75  VAL A C   1 
ATOM   473  O O   . VAL A 1 75  ? -11.08395 0.85217   -3.12146  1.000 25.33589 ? 75  VAL A O   1 
ATOM   474  C CB  . VAL A 1 75  ? -13.11372 2.20494   -4.93056  1.000 26.86948 ? 75  VAL A CB  1 
ATOM   475  C CG1 . VAL A 1 75  ? -13.31233 3.44163   -4.03035  1.000 26.26542 ? 75  VAL A CG1 1 
ATOM   476  C CG2 . VAL A 1 75  ? -13.83517 2.32952   -6.28628  1.000 31.77960 ? 75  VAL A CG2 1 
ATOM   477  N N   . GLU A 1 76  ? -10.04102 2.79894   -3.56445  1.000 25.61755 ? 76  GLU A N   1 
ATOM   478  C CA  . GLU A 1 76  ? -9.08293  2.70488   -2.46675  1.000 29.63964 ? 76  GLU A CA  1 
ATOM   479  C C   . GLU A 1 76  ? -9.23378  3.93054   -1.59228  1.000 26.56032 ? 76  GLU A C   1 
ATOM   480  O O   . GLU A 1 76  ? -9.18492  5.05116   -2.10181  1.000 28.59647 ? 76  GLU A O   1 
ATOM   481  C CB  . GLU A 1 76  ? -7.65292  2.62432   -3.00674  1.000 30.40183 ? 76  GLU A CB  1 
ATOM   482  C CG  . GLU A 1 76  ? -6.50216  3.03241   -2.03260  1.000 29.30335 ? 76  GLU A CG  1 
ATOM   483  C CD  . GLU A 1 76  ? -5.18185  3.23608   -2.78218  1.000 40.68584 ? 76  GLU A CD  1 
ATOM   484  O OE1 . GLU A 1 76  ? -4.28610  2.34740   -2.73215  1.000 36.51554 ? 76  GLU A OE1 1 
ATOM   485  O OE2 . GLU A 1 76  ? -5.01742  4.29589   -3.41767  1.000 33.87599 ? 76  GLU A OE2 1 
ATOM   486  N N   . GLU A 1 77  ? -9.41924  3.74048   -0.31008  1.000 23.28763 ? 77  GLU A N   1 
ATOM   487  C CA  . GLU A 1 77  ? -9.41131  4.85114   0.63810   1.000 27.96033 ? 77  GLU A CA  1 
ATOM   488  C C   . GLU A 1 77  ? -8.09937  4.79717   1.39781   1.000 29.00113 ? 77  GLU A C   1 
ATOM   489  O O   . GLU A 1 77  ? -7.80755  3.76931   2.02512   1.000 27.83136 ? 77  GLU A O   1 
ATOM   490  C CB  . GLU A 1 77  ? -10.58935 4.73091   1.59534   1.000 33.69990 ? 77  GLU A CB  1 
ATOM   491  C CG  . GLU A 1 77  ? -11.92826 4.51067   0.82803   1.000 36.77627 ? 77  GLU A CG  1 
ATOM   492  C CD  . GLU A 1 77  ? -13.15223 4.39814   1.71806   1.000 44.16167 ? 77  GLU A CD  1 
ATOM   493  O OE1 . GLU A 1 77  ? -12.99604 3.98497   2.88758   1.000 38.79565 ? 77  GLU A OE1 1 
ATOM   494  O OE2 . GLU A 1 77  ? -14.27704 4.71915   1.23005   1.000 54.12071 ? 77  GLU A OE2 1 
ATOM   495  N N   . THR A 1 78  ? -7.31057  5.86881   1.33510   1.000 27.12658 ? 78  THR A N   1 
ATOM   496  C CA  . THR A 1 78  ? -5.98536  5.87918   1.95670   1.000 24.76547 ? 78  THR A CA  1 
ATOM   497  C C   . THR A 1 78  ? -6.00354  6.81664   3.15502   1.000 30.55311 ? 78  THR A C   1 
ATOM   498  O O   . THR A 1 78  ? -6.54135  7.93145   3.07885   1.000 27.68483 ? 78  THR A O   1 
ATOM   499  C CB  . THR A 1 78  ? -4.93315  6.33205   0.94605   1.000 30.74359 ? 78  THR A CB  1 
ATOM   500  O OG1 . THR A 1 78  ? -4.82332  5.35346   -0.11011  1.000 28.16918 ? 78  THR A OG1 1 
ATOM   501  C CG2 . THR A 1 78  ? -3.59099  6.53695   1.59021   1.000 29.37851 ? 78  THR A CG2 1 
ATOM   502  N N   . THR A 1 79  ? -5.40351  6.37412   4.24299   1.000 27.95058 ? 79  THR A N   1 
ATOM   503  C CA  A THR A 1 79  ? -5.24489  7.12223   5.48474   0.533 30.84797 ? 79  THR A CA  1 
ATOM   504  C CA  B THR A 1 79  ? -5.20663  7.21276   5.40884   0.467 30.81871 ? 79  THR A CA  1 
ATOM   505  C C   . THR A 1 79  ? -3.77273  7.08991   5.87028   1.000 29.40420 ? 79  THR A C   1 
ATOM   506  O O   . THR A 1 79  ? -3.06418  6.13137   5.55037   1.000 28.34013 ? 79  THR A O   1 
ATOM   507  C CB  A THR A 1 79  ? -6.09662  6.49771   6.63796   0.533 32.68264 ? 79  THR A CB  1 
ATOM   508  C CB  B THR A 1 79  ? -6.11041  6.81991   6.54826   0.467 32.27862 ? 79  THR A CB  1 
ATOM   509  O OG1 A THR A 1 79  ? -7.48701  6.47354   6.29480   0.533 35.87704 ? 79  THR A OG1 1 
ATOM   510  O OG1 B THR A 1 79  ? -5.88163  5.43857   6.83320   0.467 27.22539 ? 79  THR A OG1 1 
ATOM   511  C CG2 A THR A 1 79  ? -5.93813  7.24680   7.94674   0.533 31.00680 ? 79  THR A CG2 1 
ATOM   512  C CG2 B THR A 1 79  ? -7.55444  7.02327   6.16483   0.467 36.43918 ? 79  THR A CG2 1 
ATOM   513  N N   . HIS A 1 80  ? -3.29766  8.12144   6.56289   1.000 28.37590 ? 80  HIS A N   1 
ATOM   514  C CA  . HIS A 1 80  ? -1.92844  8.03776   7.01425   1.000 33.03544 ? 80  HIS A CA  1 
ATOM   515  C C   . HIS A 1 80  ? -1.85278  8.30351   8.50705   1.000 35.54452 ? 80  HIS A C   1 
ATOM   516  O O   . HIS A 1 80  ? -2.75641  8.88026   9.11567   1.000 36.10450 ? 80  HIS A O   1 
ATOM   517  C CB  . HIS A 1 80  ? -1.02239  8.97271   6.23372   1.000 35.82314 ? 80  HIS A CB  1 
ATOM   518  C CG  . HIS A 1 80  ? -1.37279  10.41760  6.37795   1.000 40.55372 ? 80  HIS A CG  1 
ATOM   519  N ND1 . HIS A 1 80  ? -2.06828  11.11268  5.41195   1.000 44.31473 ? 80  HIS A ND1 1 
ATOM   520  C CD2 . HIS A 1 80  ? -1.09680  11.30920  7.36564   1.000 44.69681 ? 80  HIS A CD2 1 
ATOM   521  C CE1 . HIS A 1 80  ? -2.23932  12.36590  5.81709   1.000 48.86537 ? 80  HIS A CE1 1 
ATOM   522  N NE2 . HIS A 1 80  ? -1.67115  12.50805  7.00486   1.000 46.21128 ? 80  HIS A NE2 1 
ATOM   523  N N   . ALA A 1 81  ? -0.75157  7.86833   9.08557   1.000 35.57032 ? 81  ALA A N   1 
ATOM   524  C CA  . ALA A 1 81  ? -0.47934  8.05137   10.50920  1.000 40.03436 ? 81  ALA A CA  1 
ATOM   525  C C   . ALA A 1 81  ? 0.98215   8.47257   10.61646  1.000 34.93852 ? 81  ALA A C   1 
ATOM   526  O O   . ALA A 1 81  ? 1.87089   7.62818   10.62861  1.000 33.30994 ? 81  ALA A O   1 
ATOM   527  C CB  . ALA A 1 81  ? -0.77757  6.78522   11.31479  1.000 36.22775 ? 81  ALA A CB  1 
ATOM   528  N N   . ASP A 1 82  ? 1.22424   9.79259   10.66350  1.000 35.54702 ? 82  ASP A N   1 
ATOM   529  C CA  . ASP A 1 82  ? 2.59114   10.31142  10.64269  1.000 36.39759 ? 82  ASP A CA  1 
ATOM   530  C C   . ASP A 1 82  ? 3.39661   9.80582   11.82693  1.000 39.93856 ? 82  ASP A C   1 
ATOM   531  O O   . ASP A 1 82  ? 4.55535   9.43981   11.68092  1.000 39.52023 ? 82  ASP A O   1 
ATOM   532  C CB  . ASP A 1 82  ? 2.57583   11.84939  10.64862  1.000 38.55399 ? 82  ASP A CB  1 
ATOM   533  C CG  . ASP A 1 82  ? 2.15120   12.45828  9.30811   1.000 50.46536 ? 82  ASP A CG  1 
ATOM   534  O OD1 . ASP A 1 82  ? 2.07499   11.73909  8.28667   1.000 43.54577 ? 82  ASP A OD1 1 
ATOM   535  O OD2 . ASP A 1 82  ? 1.87357   13.68613  9.28109   1.000 49.20360 ? 82  ASP A OD2 1 
ATOM   536  N N   . GLU A 1 83  ? 2.80166   9.77398   13.00803  1.000 42.08010 ? 83  GLU A N   1 
ATOM   537  C CA  . GLU A 1 83  ? 3.57407   9.41909   14.19550  1.000 53.50464 ? 83  GLU A CA  1 
ATOM   538  C C   . GLU A 1 83  ? 4.07956   7.98644   14.15982  1.000 48.62618 ? 83  GLU A C   1 
ATOM   539  O O   . GLU A 1 83  ? 5.06420   7.67645   14.84247  1.000 51.94168 ? 83  GLU A O   1 
ATOM   540  C CB  . GLU A 1 83  ? 2.74265   9.64587   15.46470  1.000 60.62652 ? 83  GLU A CB  1 
ATOM   541  C CG  . GLU A 1 83  ? 2.88802   11.05997  16.05437  1.000 73.84007 ? 83  GLU A CG  1 
ATOM   542  C CD  . GLU A 1 83  ? 3.92429   11.15518  17.19158  1.000 85.82686 ? 83  GLU A CD  1 
ATOM   543  O OE1 . GLU A 1 83  ? 5.02834   10.56675  17.08787  1.000 80.15797 ? 83  GLU A OE1 1 
ATOM   544  O OE2 . GLU A 1 83  ? 3.62616   11.82884  18.20137  1.000 84.85320 ? 83  GLU A OE2 1 
ATOM   545  N N   . THR A 1 84  ? 3.43488   7.10082   13.39614  1.000 42.51192 ? 84  THR A N   1 
ATOM   546  C CA  . THR A 1 84  ? 3.91080   5.72715   13.23744  1.000 37.27073 ? 84  THR A CA  1 
ATOM   547  C C   . THR A 1 84  ? 4.40612   5.44202   11.82982  1.000 36.10893 ? 84  THR A C   1 
ATOM   548  O O   . THR A 1 84  ? 4.77620   4.29665   11.53118  1.000 39.75143 ? 84  THR A O   1 
ATOM   549  C CB  . THR A 1 84  ? 2.81768   4.72407   13.60138  1.000 41.22051 ? 84  THR A CB  1 
ATOM   550  O OG1 . THR A 1 84  ? 1.72353   4.84122   12.69356  1.000 43.80015 ? 84  THR A OG1 1 
ATOM   551  C CG2 . THR A 1 84  ? 2.28533   5.03103   14.96737  1.000 48.19136 ? 84  THR A CG2 1 
ATOM   552  N N   . ARG A 1 85  ? 4.42652   6.44258   10.96657  1.000 32.31128 ? 85  ARG A N   1 
ATOM   553  C CA  . ARG A 1 85  ? 4.96841   6.28220   9.61534   1.000 29.77003 ? 85  ARG A CA  1 
ATOM   554  C C   . ARG A 1 85  ? 4.25717   5.12689   8.90205   1.000 24.23971 ? 85  ARG A C   1 
ATOM   555  O O   . ARG A 1 85  ? 4.89093   4.30309   8.24951   1.000 27.19635 ? 85  ARG A O   1 
ATOM   556  C CB  . ARG A 1 85  ? 6.48038   6.06100   9.62802   1.000 33.06214 ? 85  ARG A CB  1 
ATOM   557  C CG  . ARG A 1 85  ? 7.31456   7.27411   10.17286  1.000 31.69131 ? 85  ARG A CG  1 
ATOM   558  C CD  . ARG A 1 85  ? 8.80751   6.98282   10.26470  1.000 32.46818 ? 85  ARG A CD  1 
ATOM   559  N NE  . ARG A 1 85  ? 9.01014   5.83832   11.14666  1.000 37.72002 ? 85  ARG A NE  1 
ATOM   560  C CZ  . ARG A 1 85  ? 8.97065   5.90041   12.46999  1.000 42.54517 ? 85  ARG A CZ  1 
ATOM   561  N NH1 . ARG A 1 85  ? 8.81752   7.07764   13.07354  1.000 41.38797 ? 85  ARG A NH1 1 
ATOM   562  N NH2 . ARG A 1 85  ? 9.11452   4.79594   13.18513  1.000 39.29668 ? 85  ARG A NH2 1 
ATOM   563  N N   . THR A 1 86  ? 2.93653   5.13586   8.97664   1.000 27.64388 ? 86  THR A N   1 
ATOM   564  C CA  . THR A 1 86  ? 2.11122   4.06725   8.41578   1.000 27.16745 ? 86  THR A CA  1 
ATOM   565  C C   . THR A 1 86  ? 1.12433   4.63609   7.41750   1.000 28.99174 ? 86  THR A C   1 
ATOM   566  O O   . THR A 1 86  ? 0.40530   5.57790   7.73490   1.000 28.11865 ? 86  THR A O   1 
ATOM   567  C CB  . THR A 1 86  ? 1.38587   3.35263   9.54694   1.000 32.15787 ? 86  THR A CB  1 
ATOM   568  O OG1 . THR A 1 86  ? 2.39617   2.72860   10.37084  1.000 33.86862 ? 86  THR A OG1 1 
ATOM   569  C CG2 . THR A 1 86  ? 0.42062   2.31319   8.98662   1.000 25.16767 ? 86  THR A CG2 1 
ATOM   570  N N   . LEU A 1 87  ? 1.05130   4.04144   6.23581   1.000 23.75520 ? 87  LEU A N   1 
ATOM   571  C CA  . LEU A 1 87  ? -0.01946  4.33596   5.28685   1.000 24.36650 ? 87  LEU A CA  1 
ATOM   572  C C   . LEU A 1 87  ? -0.95715  3.14415   5.21549   1.000 23.21033 ? 87  LEU A C   1 
ATOM   573  O O   . LEU A 1 87  ? -0.49939  2.01724   5.16490   1.000 24.84506 ? 87  LEU A O   1 
ATOM   574  C CB  . LEU A 1 87  ? 0.53050   4.60052   3.87466   1.000 26.97642 ? 87  LEU A CB  1 
ATOM   575  C CG  . LEU A 1 87  ? 1.56871   5.63458   3.59208   1.000 29.70520 ? 87  LEU A CG  1 
ATOM   576  C CD1 . LEU A 1 87  ? 1.75822   5.45378   2.13163   1.000 35.22364 ? 87  LEU A CD1 1 
ATOM   577  C CD2 . LEU A 1 87  ? 0.93420   7.02629   3.82903   1.000 33.71569 ? 87  LEU A CD2 1 
ATOM   578  N N   . THR A 1 88  ? -2.24637  3.37751   5.17225   1.000 24.56792 ? 88  THR A N   1 
ATOM   579  C CA  . THR A 1 88  ? -3.22913  2.30027   5.10412   1.000 23.33202 ? 88  THR A CA  1 
ATOM   580  C C   . THR A 1 88  ? -4.09674  2.50670   3.86959   1.000 27.90154 ? 88  THR A C   1 
ATOM   581  O O   . THR A 1 88  ? -4.66773  3.58902   3.69069   1.000 26.83197 ? 88  THR A O   1 
ATOM   582  C CB  . THR A 1 88  ? -4.09640  2.26153   6.35535   1.000 31.90338 ? 88  THR A CB  1 
ATOM   583  O OG1 . THR A 1 88  ? -3.26405  1.98057   7.47561   1.000 32.90774 ? 88  THR A OG1 1 
ATOM   584  C CG2 . THR A 1 88  ? -5.06334  1.12288   6.25156   1.000 30.55204 ? 88  THR A CG2 1 
ATOM   585  N N   . HIS A 1 89  ? -4.13794  1.50869   2.97970   1.000 20.71921 ? 89  HIS A N   1 
ATOM   586  C CA  . HIS A 1 89  ? -4.97590  1.57197   1.78080   1.000 25.82674 ? 89  HIS A CA  1 
ATOM   587  C C   . HIS A 1 89  ? -6.08889  0.55893   1.95465   1.000 24.81157 ? 89  HIS A C   1 
ATOM   588  O O   . HIS A 1 89  ? -5.83933  -0.65485  2.04514   1.000 26.94471 ? 89  HIS A O   1 
ATOM   589  C CB  . HIS A 1 89  ? -4.21593  1.25249   0.48966   1.000 21.32486 ? 89  HIS A CB  1 
ATOM   590  C CG  . HIS A 1 89  ? -2.95501  2.01538   0.32646   1.000 29.17576 ? 89  HIS A CG  1 
ATOM   591  N ND1 . HIS A 1 89  ? -2.94034  3.37223   0.05784   1.000 31.01756 ? 89  HIS A ND1 1 
ATOM   592  C CD2 . HIS A 1 89  ? -1.66864  1.61478   0.32328   1.000 28.94346 ? 89  HIS A CD2 1 
ATOM   593  C CE1 . HIS A 1 89  ? -1.69144  3.77558   -0.07265  1.000 30.75962 ? 89  HIS A CE1 1 
ATOM   594  N NE2 . HIS A 1 89  ? -0.89853  2.72766   0.09586   1.000 29.22733 ? 89  HIS A NE2 1 
ATOM   595  N N   . HIS A 1 90  ? -7.30768  1.04040   2.01835   1.000 19.85666 ? 90  HIS A N   1 
ATOM   596  C CA  . HIS A 1 90  ? -8.46117  0.19976   2.28937   1.000 21.14360 ? 90  HIS A CA  1 
ATOM   597  C C   . HIS A 1 90  ? -9.23946  0.06702   0.98038   1.000 25.74812 ? 90  HIS A C   1 
ATOM   598  O O   . HIS A 1 90  ? -9.77483  1.05867   0.47836   1.000 23.05186 ? 90  HIS A O   1 
ATOM   599  C CB  . HIS A 1 90  ? -9.27999  0.85610   3.40139   1.000 26.52171 ? 90  HIS A CB  1 
ATOM   600  C CG  . HIS A 1 90  ? -10.60059 0.20998   3.64790   1.000 27.45993 ? 90  HIS A CG  1 
ATOM   601  N ND1 . HIS A 1 90  ? -10.72064 -1.10113  4.06362   1.000 32.68882 ? 90  HIS A ND1 1 
ATOM   602  C CD2 . HIS A 1 90  ? -11.86924 0.70470   3.56992   1.000 30.91159 ? 90  HIS A CD2 1 
ATOM   603  C CE1 . HIS A 1 90  ? -12.00509 -1.39930  4.20892   1.000 32.72034 ? 90  HIS A CE1 1 
ATOM   604  N NE2 . HIS A 1 90  ? -12.72086 -0.31178  3.94009   1.000 31.81344 ? 90  HIS A NE2 1 
ATOM   605  N N   . ILE A 1 91  ? -9.31944  -1.14044  0.42149   1.000 19.87804 ? 91  ILE A N   1 
ATOM   606  C CA  . ILE A 1 91  ? -9.99499  -1.34626  -0.85535  1.000 20.99561 ? 91  ILE A CA  1 
ATOM   607  C C   . ILE A 1 91  ? -11.47717 -1.62698  -0.57599  1.000 23.99712 ? 91  ILE A C   1 
ATOM   608  O O   . ILE A 1 91  ? -11.82483 -2.52613  0.20392   1.000 24.98337 ? 91  ILE A O   1 
ATOM   609  C CB  . ILE A 1 91  ? -9.35293  -2.51803  -1.64927  1.000 21.32176 ? 91  ILE A CB  1 
ATOM   610  C CG1 . ILE A 1 91  ? -7.90125  -2.17979  -2.02823  1.000 25.39755 ? 91  ILE A CG1 1 
ATOM   611  C CG2 . ILE A 1 91  ? -10.15204 -2.72454  -2.93695  1.000 27.88334 ? 91  ILE A CG2 1 
ATOM   612  C CD1 . ILE A 1 91  ? -7.74511  -0.88779  -2.82076  1.000 33.67133 ? 91  ILE A CD1 1 
ATOM   613  N N   . THR A 1 92  ? -12.37273 -0.83939  -1.18661  1.000 25.89374 ? 92  THR A N   1 
ATOM   614  C CA  . THR A 1 92  ? -13.77806 -1.10101  -0.92503  1.000 24.66338 ? 92  THR A CA  1 
ATOM   615  C C   . THR A 1 92  ? -14.51227 -1.74336  -2.08473  1.000 25.29559 ? 92  THR A C   1 
ATOM   616  O O   . THR A 1 92  ? -15.53333 -2.37693  -1.83366  1.000 32.83569 ? 92  THR A O   1 
ATOM   617  C CB  . THR A 1 92  ? -14.52547 0.20974   -0.56990  1.000 28.28469 ? 92  THR A CB  1 
ATOM   618  O OG1 . THR A 1 92  ? -14.30087 1.12812   -1.61891  1.000 28.69720 ? 92  THR A OG1 1 
ATOM   619  C CG2 . THR A 1 92  ? -13.96484 0.81045   0.69751   1.000 32.10781 ? 92  THR A CG2 1 
ATOM   620  N N   . GLU A 1 93  ? -13.98612 -1.67470  -3.29776  1.000 27.93289 ? 93  GLU A N   1 
ATOM   621  C CA  . GLU A 1 93  ? -14.70026 -2.09577  -4.48756  1.000 33.47733 ? 93  GLU A CA  1 
ATOM   622  C C   . GLU A 1 93  ? -13.69825 -2.44752  -5.55252  1.000 30.33728 ? 93  GLU A C   1 
ATOM   623  O O   . GLU A 1 93  ? -12.58388 -1.94762  -5.54553  1.000 30.01862 ? 93  GLU A O   1 
ATOM   624  C CB  . GLU A 1 93  ? -15.59225 -0.96346  -5.00528  1.000 33.20296 ? 93  GLU A CB  1 
ATOM   625  C CG  . GLU A 1 93  ? -16.88884 -1.03462  -4.37987  1.000 42.24849 ? 93  GLU A CG  1 
ATOM   626  C CD  . GLU A 1 93  ? -17.88281 -0.12664  -5.05427  1.000 38.94448 ? 93  GLU A CD  1 
ATOM   627  O OE1 . GLU A 1 93  ? -17.65832 0.27143   -6.23072  1.000 40.67487 ? 93  GLU A OE1 1 
ATOM   628  O OE2 . GLU A 1 93  ? -18.86088 0.16760   -4.36819  1.000 45.98987 ? 93  GLU A OE2 1 
ATOM   629  N N   . GLY A 1 94  ? -14.09192 -3.31626  -6.47956  1.000 27.56001 ? 94  GLY A N   1 
ATOM   630  C CA  . GLY A 1 94  ? -13.30026 -3.52914  -7.67700  1.000 28.57375 ? 94  GLY A CA  1 
ATOM   631  C C   . GLY A 1 94  ? -12.99229 -5.00270  -7.90347  1.000 25.83865 ? 94  GLY A C   1 
ATOM   632  O O   . GLY A 1 94  ? -13.51523 -5.88903  -7.21734  1.000 27.77630 ? 94  GLY A O   1 
ATOM   633  N N   . ASP A 1 95  ? -12.11379 -5.27452  -8.88038  1.000 32.10753 ? 95  ASP A N   1 
ATOM   634  C CA  . ASP A 1 95  ? -11.90506 -6.67513  -9.26758  1.000 29.49333 ? 95  ASP A CA  1 
ATOM   635  C C   . ASP A 1 95  ? -11.46229 -7.51227  -8.09173  1.000 26.74913 ? 95  ASP A C   1 
ATOM   636  O O   . ASP A 1 95  ? -11.85250 -8.68228  -7.97503  1.000 31.47061 ? 95  ASP A O   1 
ATOM   637  C CB  . ASP A 1 95  ? -10.88254 -6.80661  -10.39861 1.000 32.32417 ? 95  ASP A CB  1 
ATOM   638  C CG  . ASP A 1 95  ? -11.42392 -6.30473  -11.69833 1.000 42.86447 ? 95  ASP A CG  1 
ATOM   639  O OD1 . ASP A 1 95  ? -11.66451 -5.08317  -11.79460 1.000 37.47822 ? 95  ASP A OD1 1 
ATOM   640  O OD2 . ASP A 1 95  ? -11.66590 -7.13008  -12.59383 1.000 52.46064 ? 95  ASP A OD2 1 
ATOM   641  N N   . ALA A 1 96  ? -10.57634 -6.97029  -7.25984  1.000 27.49357 ? 96  ALA A N   1 
ATOM   642  C CA  . ALA A 1 96  ? -10.08260 -7.74270  -6.13327  1.000 32.04664 ? 96  ALA A CA  1 
ATOM   643  C C   . ALA A 1 96  ? -11.21721 -8.21815  -5.23931  1.000 30.33960 ? 96  ALA A C   1 
ATOM   644  O O   . ALA A 1 96  ? -11.09648 -9.25255  -4.58944  1.000 29.65444 ? 96  ALA A O   1 
ATOM   645  C CB  . ALA A 1 96  ? -9.12644  -6.90770  -5.30671  1.000 30.95182 ? 96  ALA A CB  1 
ATOM   646  N N   . MET A 1 97  ? -12.30369 -7.46152  -5.15849  1.000 26.82156 ? 97  MET A N   1 
ATOM   647  C CA  . MET A 1 97  ? -13.40659 -7.86599  -4.29313  1.000 27.62107 ? 97  MET A CA  1 
ATOM   648  C C   . MET A 1 97  ? -14.22582 -8.98453  -4.88730  1.000 32.15636 ? 97  MET A C   1 
ATOM   649  O O   . MET A 1 97  ? -15.13425 -9.47786  -4.22878  1.000 36.61793 ? 97  MET A O   1 
ATOM   650  C CB  . MET A 1 97  ? -14.34707 -6.69252  -4.02598  1.000 28.42422 ? 97  MET A CB  1 
ATOM   651  C CG  . MET A 1 97  ? -13.62606 -5.43457  -3.68269  1.000 37.34917 ? 97  MET A CG  1 
ATOM   652  S SD  . MET A 1 97  ? -13.31384 -5.43422  -1.93466  1.000 56.10089 ? 97  MET A SD  1 
ATOM   653  C CE  . MET A 1 97  ? -11.73967 -5.95668  -2.06405  1.000 17.47248 ? 97  MET A CE  1 
ATOM   654  N N   . LYS A 1 98  ? -13.96514 -9.37152  -6.12475  1.000 32.41336 ? 98  LYS A N   1 
ATOM   655  C CA  . LYS A 1 98  ? -14.48065 -10.65365 -6.57305  1.000 30.28868 ? 98  LYS A CA  1 
ATOM   656  C C   . LYS A 1 98  ? -13.78165 -11.80089 -5.86929  1.000 33.53372 ? 98  LYS A C   1 
ATOM   657  O O   . LYS A 1 98  ? -14.35097 -12.88229 -5.77004  1.000 34.21662 ? 98  LYS A O   1 
ATOM   658  C CB  . LYS A 1 98  ? -14.30734 -10.79394 -8.09942  1.000 38.64517 ? 98  LYS A CB  1 
ATOM   659  C CG  . LYS A 1 98  ? -15.16501 -9.79961  -8.90553  1.000 41.90768 ? 98  LYS A CG  1 
ATOM   660  C CD  . LYS A 1 98  ? -14.80808 -9.77303  -10.40818 1.000 45.04033 ? 98  LYS A CD  1 
ATOM   661  C CE  . LYS A 1 98  ? -15.58389 -8.68396  -11.14809 1.000 61.00198 ? 98  LYS A CE  1 
ATOM   662  N NZ  . LYS A 1 98  ? -15.03510 -8.43638  -12.52542 1.000 64.56767 ? 98  LYS A NZ  1 
ATOM   663  N N   . ASP A 1 99  ? -12.55867 -11.61092 -5.36414  1.000 27.20740 ? 99  ASP A N   1 
ATOM   664  C CA  . ASP A 1 99  ? -11.92115 -12.69605 -4.63834  1.000 30.34011 ? 99  ASP A CA  1 
ATOM   665  C C   . ASP A 1 99  ? -11.91658 -12.52535 -3.13624  1.000 26.76718 ? 99  ASP A C   1 
ATOM   666  O O   . ASP A 1 99  ? -11.77031 -13.51546 -2.41646  1.000 28.03657 ? 99  ASP A O   1 
ATOM   667  C CB  . ASP A 1 99  ? -10.47065 -12.84036 -5.11667  1.000 33.11015 ? 99  ASP A CB  1 
ATOM   668  C CG  . ASP A 1 99  ? -10.39112 -13.38146 -6.50879  1.000 41.04533 ? 99  ASP A CG  1 
ATOM   669  O OD1 . ASP A 1 99  ? -11.06346 -14.40737 -6.76131  1.000 39.80502 ? 99  ASP A OD1 1 
ATOM   670  O OD2 . ASP A 1 99  ? -9.65265  -12.80194 -7.33234  1.000 43.28749 ? 99  ASP A OD2 1 
ATOM   671  N N   . TYR A 1 100 ? -11.98379 -11.28395 -2.63618  1.000 26.17271 ? 100 TYR A N   1 
ATOM   672  C CA  . TYR A 1 100 ? -11.77174 -11.05486 -1.21770  1.000 24.56654 ? 100 TYR A CA  1 
ATOM   673  C C   . TYR A 1 100 ? -12.95958 -10.30112 -0.63380  1.000 24.34967 ? 100 TYR A C   1 
ATOM   674  O O   . TYR A 1 100 ? -13.41571 -9.31232  -1.20730  1.000 30.31556 ? 100 TYR A O   1 
ATOM   675  C CB  . TYR A 1 100 ? -10.49859 -10.22411 -0.97259  1.000 21.62467 ? 100 TYR A CB  1 
ATOM   676  C CG  . TYR A 1 100 ? -9.36368  -10.89941 -1.64548  1.000 23.08308 ? 100 TYR A CG  1 
ATOM   677  C CD1 . TYR A 1 100 ? -8.84971  -12.07804 -1.11182  1.000 23.99036 ? 100 TYR A CD1 1 
ATOM   678  C CD2 . TYR A 1 100 ? -8.78033  -10.37284 -2.79398  1.000 27.44098 ? 100 TYR A CD2 1 
ATOM   679  C CE1 . TYR A 1 100 ? -7.77839  -12.76363 -1.74919  1.000 23.64454 ? 100 TYR A CE1 1 
ATOM   680  C CE2 . TYR A 1 100 ? -7.72821  -11.04189 -3.44292  1.000 27.59667 ? 100 TYR A CE2 1 
ATOM   681  C CZ  . TYR A 1 100 ? -7.23350  -12.23129 -2.91649  1.000 27.46532 ? 100 TYR A CZ  1 
ATOM   682  O OH  . TYR A 1 100 ? -6.19093  -12.88031 -3.57007  1.000 25.24219 ? 100 TYR A OH  1 
ATOM   683  N N   . LYS A 1 101 ? -13.36428 -10.72436 0.56237   1.000 26.42425 ? 101 LYS A N   1 
ATOM   684  C CA  . LYS A 1 101 ? -14.32162 -9.95216  1.34165   1.000 27.85349 ? 101 LYS A CA  1 
ATOM   685  C C   . LYS A 1 101 ? -13.68978 -8.69120  1.88850   1.000 26.49849 ? 101 LYS A C   1 
ATOM   686  O O   . LYS A 1 101 ? -14.35703 -7.64538  2.01838   1.000 31.21070 ? 101 LYS A O   1 
ATOM   687  C CB  . LYS A 1 101 ? -14.82153 -10.81115 2.48700   1.000 30.48117 ? 101 LYS A CB  1 
ATOM   688  C CG  . LYS A 1 101 ? -16.32580 -10.91828 2.59075   1.000 56.17297 ? 101 LYS A CG  1 
ATOM   689  C CD  . LYS A 1 101 ? -16.74489 -11.81450 3.75872   1.000 58.33387 ? 101 LYS A CD  1 
ATOM   690  C CE  . LYS A 1 101 ? -16.85768 -11.01367 5.05866   1.000 62.20723 ? 101 LYS A CE  1 
ATOM   691  N NZ  . LYS A 1 101 ? -17.93625 -11.49969 5.96350   1.000 54.49353 ? 101 LYS A NZ  1 
ATOM   692  N N   . LYS A 1 102 ? -12.39770 -8.76229  2.22855   1.000 23.98725 ? 102 LYS A N   1 
ATOM   693  C CA  . LYS A 1 102 ? -11.64907 -7.66003  2.81791   1.000 23.53169 ? 102 LYS A CA  1 
ATOM   694  C C   . LYS A 1 102 ? -10.26042 -7.68441  2.21460   1.000 21.29914 ? 102 LYS A C   1 
ATOM   695  O O   . LYS A 1 102 ? -9.68092  -8.74869  2.04153   1.000 22.68279 ? 102 LYS A O   1 
ATOM   696  C CB  . LYS A 1 102 ? -11.50968 -7.77356  4.33702   1.000 30.76417 ? 102 LYS A CB  1 
ATOM   697  C CG  . LYS A 1 102 ? -12.86062 -7.91403  5.12571   1.000 35.28207 ? 102 LYS A CG  1 
ATOM   698  C CD  . LYS A 1 102 ? -12.59071 -7.79418  6.63919   1.000 47.96848 ? 102 LYS A CD  1 
ATOM   699  C CE  . LYS A 1 102 ? -13.72278 -8.38014  7.48672   1.000 69.51699 ? 102 LYS A CE  1 
ATOM   700  N NZ  . LYS A 1 102 ? -13.32930 -8.58108  8.93214   1.000 66.46096 ? 102 LYS A NZ  1 
ATOM   701  N N   . PHE A 1 103 ? -9.75456  -6.49349  1.91343   1.000 23.14340 ? 103 PHE A N   1 
ATOM   702  C CA  . PHE A 1 103 ? -8.42686  -6.37089  1.29223   1.000 22.06476 ? 103 PHE A CA  1 
ATOM   703  C C   . PHE A 1 103 ? -7.89738  -5.03015  1.74685   1.000 19.06218 ? 103 PHE A C   1 
ATOM   704  O O   . PHE A 1 103 ? -8.37200  -3.97696  1.26226   1.000 23.48880 ? 103 PHE A O   1 
ATOM   705  C CB  . PHE A 1 103 ? -8.55391  -6.45775  -0.24171  1.000 21.92448 ? 103 PHE A CB  1 
ATOM   706  C CG  . PHE A 1 103 ? -7.25116  -6.49815  -0.98417  1.000 22.34109 ? 103 PHE A CG  1 
ATOM   707  C CD1 . PHE A 1 103 ? -6.75964  -7.72847  -1.47538  1.000 24.13483 ? 103 PHE A CD1 1 
ATOM   708  C CD2 . PHE A 1 103 ? -6.49624  -5.36233  -1.20631  1.000 23.27141 ? 103 PHE A CD2 1 
ATOM   709  C CE1 . PHE A 1 103 ? -5.55965  -7.76447  -2.21190  1.000 24.32802 ? 103 PHE A CE1 1 
ATOM   710  C CE2 . PHE A 1 103 ? -5.31122  -5.41935  -1.90527  1.000 23.06855 ? 103 PHE A CE2 1 
ATOM   711  C CZ  . PHE A 1 103 ? -4.84803  -6.64436  -2.41610  1.000 22.84706 ? 103 PHE A CZ  1 
ATOM   712  N N   . ASP A 1 104 ? -6.90391  -5.04734  2.63057   1.000 19.50746 ? 104 ASP A N   1 
ATOM   713  C CA  . ASP A 1 104 ? -6.25925  -3.82354  3.08821   1.000 23.17178 ? 104 ASP A CA  1 
ATOM   714  C C   . ASP A 1 104 ? -4.77437  -3.92499  2.89876   1.000 24.17472 ? 104 ASP A C   1 
ATOM   715  O O   . ASP A 1 104 ? -4.22463  -5.02275  3.05534   1.000 22.63586 ? 104 ASP A O   1 
ATOM   716  C CB  . ASP A 1 104 ? -6.53997  -3.59498  4.53304   1.000 24.58006 ? 104 ASP A CB  1 
ATOM   717  C CG  . ASP A 1 104 ? -7.99725  -3.27528  4.77812   1.000 32.16386 ? 104 ASP A CG  1 
ATOM   718  O OD1 . ASP A 1 104 ? -8.40483  -2.18872  4.40398   1.000 33.92961 ? 104 ASP A OD1 1 
ATOM   719  O OD2 . ASP A 1 104 ? -8.71889  -4.14527  5.29077   1.000 35.44328 ? 104 ASP A OD2 1 
ATOM   720  N N   . VAL A 1 105 ? -4.13884  -2.80816  2.54075   1.000 21.56872 ? 105 VAL A N   1 
ATOM   721  C CA  . VAL A 1 105 ? -2.69522  -2.77440  2.33465   1.000 20.68745 ? 105 VAL A CA  1 
ATOM   722  C C   . VAL A 1 105 ? -2.09485  -1.76279  3.28364   1.000 27.78524 ? 105 VAL A C   1 
ATOM   723  O O   . VAL A 1 105 ? -2.47706  -0.59290  3.26121   1.000 26.00674 ? 105 VAL A O   1 
ATOM   724  C CB  . VAL A 1 105 ? -2.31031  -2.49074  0.88296   1.000 23.87759 ? 105 VAL A CB  1 
ATOM   725  C CG1 . VAL A 1 105 ? -0.76347  -2.59827  0.71954   1.000 26.11549 ? 105 VAL A CG1 1 
ATOM   726  C CG2 . VAL A 1 105 ? -2.95659  -3.48533  -0.02885  1.000 24.68015 ? 105 VAL A CG2 1 
ATOM   727  N N   . ILE A 1 106 ? -1.16251  -2.21376  4.13335   1.000 25.77862 ? 106 ILE A N   1 
ATOM   728  C CA  . ILE A 1 106 ? -0.59173  -1.37878  5.19014   1.000 23.79260 ? 106 ILE A CA  1 
ATOM   729  C C   . ILE A 1 106 ? 0.88960   -1.24081  4.90411   1.000 25.71607 ? 106 ILE A C   1 
ATOM   730  O O   . ILE A 1 106 ? 1.55840   -2.24457  4.73876   1.000 22.48518 ? 106 ILE A O   1 
ATOM   731  C CB  . ILE A 1 106 ? -0.80743  -2.01056  6.56309   1.000 26.46444 ? 106 ILE A CB  1 
ATOM   732  C CG1 . ILE A 1 106 ? -2.30584  -2.22130  6.78297   1.000 30.54723 ? 106 ILE A CG1 1 
ATOM   733  C CG2 . ILE A 1 106 ? -0.16201  -1.12273  7.62113   1.000 28.59011 ? 106 ILE A CG2 1 
ATOM   734  C CD1 . ILE A 1 106 ? -2.61317  -2.92114  8.05410   1.000 39.65335 ? 106 ILE A CD1 1 
ATOM   735  N N   . VAL A 1 107 ? 1.40361   -0.01160  4.84417   1.000 19.97101 ? 107 VAL A N   1 
ATOM   736  C CA  . VAL A 1 107 ? 2.80735   0.22899   4.53159   1.000 21.62559 ? 107 VAL A CA  1 
ATOM   737  C C   . VAL A 1 107 ? 3.37718   0.90925   5.76016   1.000 24.90117 ? 107 VAL A C   1 
ATOM   738  O O   . VAL A 1 107 ? 2.89564   1.97464   6.15226   1.000 24.54867 ? 107 VAL A O   1 
ATOM   739  C CB  . VAL A 1 107 ? 2.99663   1.12305   3.29587   1.000 29.46714 ? 107 VAL A CB  1 
ATOM   740  C CG1 . VAL A 1 107 ? 4.52048   1.20716   2.95459   1.000 25.04812 ? 107 VAL A CG1 1 
ATOM   741  C CG2 . VAL A 1 107 ? 2.14379   0.65612   2.14639   1.000 31.56061 ? 107 VAL A CG2 1 
ATOM   742  N N   . GLU A 1 108 ? 4.40601   0.30324   6.35371   1.000 23.29877 ? 108 GLU A N   1 
ATOM   743  C CA  . GLU A 1 108 ? 5.06251   0.81332   7.54188   1.000 26.19214 ? 108 GLU A CA  1 
ATOM   744  C C   . GLU A 1 108 ? 6.51930   1.03873   7.19775   1.000 27.53500 ? 108 GLU A C   1 
ATOM   745  O O   . GLU A 1 108 ? 7.12297   0.22807   6.50215   1.000 25.45296 ? 108 GLU A O   1 
ATOM   746  C CB  . GLU A 1 108 ? 4.99027   -0.20204  8.69209   1.000 27.88958 ? 108 GLU A CB  1 
ATOM   747  C CG  . GLU A 1 108 ? 3.62921   -0.58419  9.09262   1.000 38.56048 ? 108 GLU A CG  1 
ATOM   748  C CD  . GLU A 1 108 ? 3.66442   -1.77754  10.01249  1.000 48.83796 ? 108 GLU A CD  1 
ATOM   749  O OE1 . GLU A 1 108 ? 3.62848   -2.93641  9.51928   1.000 42.15166 ? 108 GLU A OE1 1 
ATOM   750  O OE2 . GLU A 1 108 ? 3.80103   -1.55667  11.22427  1.000 48.70871 ? 108 GLU A OE2 1 
ATOM   751  N N   . THR A 1 109 ? 7.11007   2.10916   7.72970   1.000 26.79907 ? 109 THR A N   1 
ATOM   752  C CA  . THR A 1 109 ? 8.52290   2.37920   7.55329   1.000 25.19301 ? 109 THR A CA  1 
ATOM   753  C C   . THR A 1 109 ? 9.08407   2.62083   8.94463   1.000 27.16135 ? 109 THR A C   1 
ATOM   754  O O   . THR A 1 109 ? 8.55169   3.46824   9.67575   1.000 29.21307 ? 109 THR A O   1 
ATOM   755  C CB  . THR A 1 109 ? 8.72158   3.61105   6.67099   1.000 30.93687 ? 109 THR A CB  1 
ATOM   756  O OG1 . THR A 1 109 ? 8.11850   3.36660   5.39745   1.000 28.96830 ? 109 THR A OG1 1 
ATOM   757  C CG2 . THR A 1 109 ? 10.21838  3.88760   6.46418   1.000 32.54037 ? 109 THR A CG2 1 
ATOM   758  N N   . ASN A 1 110 ? 10.13922  1.89359   9.30847   1.000 27.55600 ? 110 ASN A N   1 
ATOM   759  C CA  . ASN A 1 110 ? 10.71187  2.05556   10.63382  1.000 31.56656 ? 110 ASN A CA  1 
ATOM   760  C C   . ASN A 1 110 ? 12.22805  2.06017   10.52514  1.000 31.50724 ? 110 ASN A C   1 
ATOM   761  O O   . ASN A 1 110 ? 12.80206  1.38876   9.65665   1.000 33.57551 ? 110 ASN A O   1 
ATOM   762  C CB  . ASN A 1 110 ? 10.28197  0.94190   11.60926  1.000 32.27557 ? 110 ASN A CB  1 
ATOM   763  C CG  . ASN A 1 110 ? 8.82209   1.01599   11.97082  1.000 36.52449 ? 110 ASN A CG  1 
ATOM   764  O OD1 . ASN A 1 110 ? 8.33679   2.02431   12.46309  1.000 42.02139 ? 110 ASN A OD1 1 
ATOM   765  N ND2 . ASN A 1 110 ? 8.09745   -0.06010  11.69652  1.000 42.84713 ? 110 ASN A ND2 1 
ATOM   766  N N   . PRO A 1 111 ? 12.90910  2.78079   11.40350  1.000 35.01996 ? 111 PRO A N   1 
ATOM   767  C CA  . PRO A 1 111 ? 14.36725  2.67569   11.41815  1.000 41.40233 ? 111 PRO A CA  1 
ATOM   768  C C   . PRO A 1 111 ? 14.81235  1.25610   11.76694  1.000 32.78469 ? 111 PRO A C   1 
ATOM   769  O O   . PRO A 1 111 ? 14.18073  0.54162   12.55753  1.000 39.08214 ? 111 PRO A O   1 
ATOM   770  C CB  . PRO A 1 111 ? 14.79932  3.70561   12.48084  1.000 40.16702 ? 111 PRO A CB  1 
ATOM   771  C CG  . PRO A 1 111 ? 13.67989  3.91203   13.33981  1.000 33.51096 ? 111 PRO A CG  1 
ATOM   772  C CD  . PRO A 1 111 ? 12.39323  3.59900   12.51762  1.000 38.03122 ? 111 PRO A CD  1 
ATOM   773  N N   . LYS A 1 112 ? 15.86288  0.83142   11.10366  1.000 40.18030 ? 112 LYS A N   1 
ATOM   774  C CA  . LYS A 1 112 ? 16.57616  -0.35185  11.55937  1.000 51.21662 ? 112 LYS A CA  1 
ATOM   775  C C   . LYS A 1 112 ? 17.04737  -0.11905  12.98980  1.000 63.47136 ? 112 LYS A C   1 
ATOM   776  O O   . LYS A 1 112 ? 17.56526  0.95820   13.29771  1.000 56.72099 ? 112 LYS A O   1 
ATOM   777  C CB  . LYS A 1 112 ? 17.78537  -0.63689  10.67929  1.000 57.75213 ? 112 LYS A CB  1 
ATOM   778  C CG  . LYS A 1 112 ? 17.48684  -0.89430  9.24278   1.000 51.41796 ? 112 LYS A CG  1 
ATOM   779  C CD  . LYS A 1 112 ? 18.78112  -1.00060  8.44840   1.000 62.42311 ? 112 LYS A CD  1 
ATOM   780  C CE  . LYS A 1 112 ? 18.51910  -1.05264  6.94691   1.000 58.00034 ? 112 LYS A CE  1 
ATOM   781  N NZ  . LYS A 1 112 ? 19.78945  -0.95428  6.14213   1.000 58.95213 ? 112 LYS A NZ  1 
ATOM   782  N N   . PRO A 1 113 ? 16.85738  -1.07977  13.89373  1.000 71.18863 ? 113 PRO A N   1 
ATOM   783  C CA  . PRO A 1 113 ? 17.44808  -0.94157  15.23675  1.000 74.07675 ? 113 PRO A CA  1 
ATOM   784  C C   . PRO A 1 113 ? 18.93984  -0.60043  15.20254  1.000 76.78124 ? 113 PRO A C   1 
ATOM   785  O O   . PRO A 1 113 ? 19.46023  -0.01802  16.15757  1.000 77.75413 ? 113 PRO A O   1 
ATOM   786  C CB  . PRO A 1 113 ? 17.16333  -2.30316  15.87392  1.000 72.74072 ? 113 PRO A CB  1 
ATOM   787  C CG  . PRO A 1 113 ? 15.81544  -2.69786  15.24655  1.000 69.50925 ? 113 PRO A CG  1 
ATOM   788  C CD  . PRO A 1 113 ? 15.86833  -2.17495  13.82286  1.000 66.21812 ? 113 PRO A CD  1 
ATOM   789  N N   . ASN A 1 114 ? 19.61938  -0.89263  14.08497  1.000 77.99693 ? 114 ASN A N   1 
ATOM   790  C CA  . ASN A 1 114 ? 20.97226  -0.39936  13.83297  1.000 77.82437 ? 114 ASN A CA  1 
ATOM   791  C C   . ASN A 1 114 ? 21.06132  1.11909   13.83898  1.000 78.80234 ? 114 ASN A C   1 
ATOM   792  O O   . ASN A 1 114 ? 22.17493  1.65470   13.77402  1.000 74.64765 ? 114 ASN A O   1 
ATOM   793  C CB  . ASN A 1 114 ? 21.48926  -0.90384  12.47817  1.000 78.25745 ? 114 ASN A CB  1 
ATOM   794  C CG  . ASN A 1 114 ? 20.73354  -2.12191  11.97952  1.000 88.46107 ? 114 ASN A CG  1 
ATOM   795  O OD1 . ASN A 1 114 ? 19.91506  -2.69878  12.70269  1.000 83.40866 ? 114 ASN A OD1 1 
ATOM   796  N ND2 . ASN A 1 114 ? 21.01110  -2.52888  10.73727  1.000 97.71158 ? 114 ASN A ND2 1 
ATOM   797  N N   . GLY A 1 115 ? 19.92516  1.81534   13.86292  1.000 83.37148 ? 115 GLY A N   1 
ATOM   798  C CA  . GLY A 1 115 ? 19.88991  3.26156   13.94609  1.000 81.50777 ? 115 GLY A CA  1 
ATOM   799  C C   . GLY A 1 115 ? 19.75081  4.01863   12.63666  1.000 83.02736 ? 115 GLY A C   1 
ATOM   800  O O   . GLY A 1 115 ? 19.00068  5.00265   12.57559  1.000 75.63142 ? 115 GLY A O   1 
ATOM   801  N N   . HIS A 1 116 ? 20.45869  3.58452   11.58214  1.000 81.38891 ? 116 HIS A N   1 
ATOM   802  C CA  . HIS A 1 116 ? 20.64205  4.43003   10.38852  1.000 87.12611 ? 116 HIS A CA  1 
ATOM   803  C C   . HIS A 1 116 ? 19.55344  4.24718   9.32470   1.000 89.44195 ? 116 HIS A C   1 
ATOM   804  O O   . HIS A 1 116 ? 18.71890  5.14085   9.14279   1.000 79.82548 ? 116 HIS A O   1 
ATOM   805  C CB  . HIS A 1 116 ? 22.04740  4.21677   9.81614   1.000 88.51555 ? 116 HIS A CB  1 
ATOM   806  C CG  . HIS A 1 116 ? 22.29540  2.83246   9.30240   1.000 97.31229 ? 116 HIS A CG  1 
ATOM   807  N ND1 . HIS A 1 116 ? 22.06261  1.70143   10.05835  1.000 92.37428 ? 116 HIS A ND1 1 
ATOM   808  C CD2 . HIS A 1 116 ? 22.74387  2.39779   8.09965   1.000 90.22217 ? 116 HIS A CD2 1 
ATOM   809  C CE1 . HIS A 1 116 ? 22.36381  0.63047   9.34466   1.000 91.93219 ? 116 HIS A CE1 1 
ATOM   810  N NE2 . HIS A 1 116 ? 22.78070  1.02563   8.15355   1.000 95.62643 ? 116 HIS A NE2 1 
ATOM   811  N N   . GLY A 1 117 ? 19.55718  3.10294   8.59525   1.000 77.78142 ? 117 GLY A N   1 
ATOM   812  C CA  . GLY A 1 117 ? 18.65336  2.88972   7.46949   1.000 62.34702 ? 117 GLY A CA  1 
ATOM   813  C C   . GLY A 1 117 ? 17.23544  2.56241   7.90311   1.000 43.75126 ? 117 GLY A C   1 
ATOM   814  O O   . GLY A 1 117 ? 16.85811  2.76988   9.05510   1.000 41.72233 ? 117 GLY A O   1 
ATOM   815  N N   . SER A 1 118 ? 16.44972  1.98171   6.98561   1.000 39.18168 ? 118 SER A N   1 
ATOM   816  C CA  . SER A 1 118 ? 15.05153  1.69852   7.30155   1.000 32.82331 ? 118 SER A CA  1 
ATOM   817  C C   . SER A 1 118 ? 14.62991  0.29666   6.85571   1.000 26.94988 ? 118 SER A C   1 
ATOM   818  O O   . SER A 1 118 ? 15.25363  -0.31760  5.98314   1.000 29.88244 ? 118 SER A O   1 
ATOM   819  C CB  . SER A 1 118 ? 14.13546  2.77287   6.66746   1.000 32.93184 ? 118 SER A CB  1 
ATOM   820  O OG  . SER A 1 118 ? 14.28846  3.89683   7.47906   1.000 40.10992 ? 118 SER A OG  1 
ATOM   821  N N   . VAL A 1 119 ? 13.55414  -0.15850  7.48927   1.000 27.70898 ? 119 VAL A N   1 
ATOM   822  C CA  . VAL A 1 119 ? 12.81254  -1.35268  7.09747   1.000 28.81569 ? 119 VAL A CA  1 
ATOM   823  C C   . VAL A 1 119 ? 11.42884  -0.89404  6.63679   1.000 23.62049 ? 119 VAL A C   1 
ATOM   824  O O   . VAL A 1 119 ? 10.70685  -0.22245  7.38786   1.000 27.20825 ? 119 VAL A O   1 
ATOM   825  C CB  . VAL A 1 119 ? 12.71062  -2.34749  8.26941   1.000 36.17577 ? 119 VAL A CB  1 
ATOM   826  C CG1 . VAL A 1 119 ? 11.97743  -3.61049  7.84609   1.000 29.32659 ? 119 VAL A CG1 1 
ATOM   827  C CG2 . VAL A 1 119 ? 14.08892  -2.67265  8.81245   1.000 38.17517 ? 119 VAL A CG2 1 
ATOM   828  N N   . VAL A 1 120 ? 11.06726  -1.26128  5.41179   1.000 23.51254 ? 120 VAL A N   1 
ATOM   829  C CA  . VAL A 1 120 ? 9.74351   -0.98299  4.84587   1.000 21.67261 ? 120 VAL A CA  1 
ATOM   830  C C   . VAL A 1 120 ? 8.95386   -2.29292  4.76514   1.000 23.84274 ? 120 VAL A C   1 
ATOM   831  O O   . VAL A 1 120 ? 9.45883   -3.27563  4.22020   1.000 23.23628 ? 120 VAL A O   1 
ATOM   832  C CB  . VAL A 1 120 ? 9.89519   -0.38517  3.44924   1.000 23.67378 ? 120 VAL A CB  1 
ATOM   833  C CG1 . VAL A 1 120 ? 8.53985   0.03063   2.97380   1.000 28.34294 ? 120 VAL A CG1 1 
ATOM   834  C CG2 . VAL A 1 120 ? 10.82868  0.82050   3.55394   1.000 33.84897 ? 120 VAL A CG2 1 
ATOM   835  N N   . THR A 1 121 ? 7.74459   -2.30548  5.30244   1.000 22.64181 ? 121 THR A N   1 
ATOM   836  C CA  . THR A 1 121 ? 6.88728   -3.48919  5.35377   1.000 24.94726 ? 121 THR A CA  1 
ATOM   837  C C   . THR A 1 121 ? 5.59247   -3.19198  4.60949   1.000 24.16195 ? 121 THR A C   1 
ATOM   838  O O   . THR A 1 121 ? 4.93234   -2.19801  4.92186   1.000 26.30650 ? 121 THR A O   1 
ATOM   839  C CB  . THR A 1 121 ? 6.60848   -3.83034  6.79557   1.000 30.24326 ? 121 THR A CB  1 
ATOM   840  O OG1 . THR A 1 121 ? 7.87688   -4.08489  7.42597   1.000 31.43352 ? 121 THR A OG1 1 
ATOM   841  C CG2 . THR A 1 121 ? 5.78668   -5.11589  6.87453   1.000 30.31984 ? 121 THR A CG2 1 
ATOM   842  N N   . TYR A 1 122 ? 5.29934   -3.95438  3.53546   1.000 23.96431 ? 122 TYR A N   1 
ATOM   843  C CA  . TYR A 1 122 ? 3.97756   -3.92214  2.88756   1.000 22.20739 ? 122 TYR A CA  1 
ATOM   844  C C   . TYR A 1 122 ? 3.22891   -5.13695  3.35029   1.000 19.04624 ? 122 TYR A C   1 
ATOM   845  O O   . TYR A 1 122 ? 3.70642   -6.24945  3.09129   1.000 19.13888 ? 122 TYR A O   1 
ATOM   846  C CB  . TYR A 1 122 ? 4.04991   -4.06177  1.37956   1.000 24.69368 ? 122 TYR A CB  1 
ATOM   847  C CG  . TYR A 1 122 ? 4.04144   -2.77212  0.66110   1.000 22.92951 ? 122 TYR A CG  1 
ATOM   848  C CD1 . TYR A 1 122 ? 2.89270   -2.27883  0.05890   1.000 32.35613 ? 122 TYR A CD1 1 
ATOM   849  C CD2 . TYR A 1 122 ? 5.21153   -2.03320  0.62532   1.000 27.24683 ? 122 TYR A CD2 1 
ATOM   850  C CE1 . TYR A 1 122 ? 2.96026   -1.07716  -0.61305  1.000 30.96914 ? 122 TYR A CE1 1 
ATOM   851  C CE2 . TYR A 1 122 ? 5.25451   -0.83640  -0.01582  1.000 39.53145 ? 122 TYR A CE2 1 
ATOM   852  C CZ  . TYR A 1 122 ? 4.14065   -0.37055  -0.62763  1.000 38.63963 ? 122 TYR A CZ  1 
ATOM   853  O OH  . TYR A 1 122 ? 4.23923   0.85136   -1.25677  1.000 47.92534 ? 122 TYR A OH  1 
ATOM   854  N N   . SER A 1 123 ? 2.08088   -4.96045  3.97890   1.000 19.17421 ? 123 SER A N   1 
ATOM   855  C CA  . SER A 1 123 ? 1.27484   -6.10970  4.41316   1.000 19.67626 ? 123 SER A CA  1 
ATOM   856  C C   . SER A 1 123 ? -0.03994  -6.05492  3.68612   1.000 20.64393 ? 123 SER A C   1 
ATOM   857  O O   . SER A 1 123 ? -0.64255  -4.97201  3.57644   1.000 22.26075 ? 123 SER A O   1 
ATOM   858  C CB  . SER A 1 123 ? 1.00865   -6.06801  5.92467   1.000 22.37530 ? 123 SER A CB  1 
ATOM   859  O OG  . SER A 1 123 ? 2.26584   -6.17235  6.57115   1.000 22.90860 ? 123 SER A OG  1 
ATOM   860  N N   . ILE A 1 124 ? -0.46396  -7.19171  3.15832   1.000 18.36326 ? 124 ILE A N   1 
ATOM   861  C CA  . ILE A 1 124 ? -1.78159  -7.31213  2.54407   1.000 21.76517 ? 124 ILE A CA  1 
ATOM   862  C C   . ILE A 1 124 ? -2.57875  -8.15960  3.52018   1.000 21.63144 ? 124 ILE A C   1 
ATOM   863  O O   . ILE A 1 124 ? -2.31628  -9.37128  3.72790   1.000 20.18348 ? 124 ILE A O   1 
ATOM   864  C CB  . ILE A 1 124 ? -1.73338  -7.94979  1.14511   1.000 20.73615 ? 124 ILE A CB  1 
ATOM   865  C CG1 . ILE A 1 124 ? -0.79959  -7.18342  0.19420   1.000 23.86822 ? 124 ILE A CG1 1 
ATOM   866  C CG2 . ILE A 1 124 ? -3.22472  -8.06656  0.55376   1.000 19.69354 ? 124 ILE A CG2 1 
ATOM   867  C CD1 . ILE A 1 124 ? -0.73474  -7.86349  -1.14328  1.000 24.79429 ? 124 ILE A CD1 1 
ATOM   868  N N   . VAL A 1 125 ? -3.56183  -7.54198  4.12539   1.000 19.38127 ? 125 VAL A N   1 
ATOM   869  C CA  . VAL A 1 125 ? -4.44037  -8.20900  5.08661   1.000 21.68433 ? 125 VAL A CA  1 
ATOM   870  C C   . VAL A 1 125 ? -5.72054  -8.57703  4.35507   1.000 21.61303 ? 125 VAL A C   1 
ATOM   871  O O   . VAL A 1 125 ? -6.41305  -7.68538  3.82808   1.000 22.50018 ? 125 VAL A O   1 
ATOM   872  C CB  . VAL A 1 125 ? -4.73045  -7.28746  6.29130   1.000 25.64566 ? 125 VAL A CB  1 
ATOM   873  C CG1 . VAL A 1 125 ? -5.64012  -7.97299  7.27647   1.000 25.54676 ? 125 VAL A CG1 1 
ATOM   874  C CG2 . VAL A 1 125 ? -3.41605  -6.89109  6.98626   1.000 27.39970 ? 125 VAL A CG2 1 
ATOM   875  N N   . TYR A 1 126 ? -6.03479  -9.86812  4.29344   1.000 22.15239 ? 126 TYR A N   1 
ATOM   876  C CA  . TYR A 1 126 ? -7.13275  -10.23749 3.41969   1.000 22.60789 ? 126 TYR A CA  1 
ATOM   877  C C   . TYR A 1 126 ? -8.03172  -11.26195 4.08937   1.000 23.99055 ? 126 TYR A C   1 
ATOM   878  O O   . TYR A 1 126 ? -7.62461  -12.04624 4.98409   1.000 23.61008 ? 126 TYR A O   1 
ATOM   879  C CB  . TYR A 1 126 ? -6.60810  -10.77275 2.08614   1.000 18.64083 ? 126 TYR A CB  1 
ATOM   880  C CG  . TYR A 1 126 ? -5.82208  -12.05518 2.20764   1.000 20.22946 ? 126 TYR A CG  1 
ATOM   881  C CD1 . TYR A 1 126 ? -6.49397  -13.25621 2.10932   1.000 20.75903 ? 126 TYR A CD1 1 
ATOM   882  C CD2 . TYR A 1 126 ? -4.41114  -12.07095 2.49786   1.000 16.17344 ? 126 TYR A CD2 1 
ATOM   883  C CE1 . TYR A 1 126 ? -5.82244  -14.46219 2.22243   1.000 21.74270 ? 126 TYR A CE1 1 
ATOM   884  C CE2 . TYR A 1 126 ? -3.74968  -13.32751 2.62619   1.000 19.28262 ? 126 TYR A CE2 1 
ATOM   885  C CZ  . TYR A 1 126 ? -4.45618  -14.48518 2.49700   1.000 23.21177 ? 126 TYR A CZ  1 
ATOM   886  O OH  . TYR A 1 126 ? -3.84237  -15.73771 2.64894   1.000 22.98598 ? 126 TYR A OH  1 
ATOM   887  N N   . GLU A 1 127 ? -9.25152  -11.28465 3.56820   1.000 23.04130 ? 127 GLU A N   1 
ATOM   888  C CA  . GLU A 1 127 ? -10.19200 -12.35815 3.87343   1.000 23.85947 ? 127 GLU A CA  1 
ATOM   889  C C   . GLU A 1 127 ? -10.76358 -12.83423 2.55473   1.000 24.66448 ? 127 GLU A C   1 
ATOM   890  O O   . GLU A 1 127 ? -11.33183 -12.03662 1.82602   1.000 24.30744 ? 127 GLU A O   1 
ATOM   891  C CB  . GLU A 1 127 ? -11.29378 -11.85065 4.79700   1.000 28.84296 ? 127 GLU A CB  1 
ATOM   892  C CG  . GLU A 1 127 ? -12.28325 -12.99578 5.12283   1.000 32.59063 ? 127 GLU A CG  1 
ATOM   893  C CD  . GLU A 1 127 ? -13.25088 -12.66806 6.24513   1.000 50.52011 ? 127 GLU A CD  1 
ATOM   894  O OE1 . GLU A 1 127 ? -13.14453 -11.58608 6.86733   1.000 46.98811 ? 127 GLU A OE1 1 
ATOM   895  O OE2 . GLU A 1 127 ? -14.12500 -13.51612 6.49085   1.000 53.27627 ? 127 GLU A OE2 1 
ATOM   896  N N   . LYS A 1 128 ? -10.60645 -14.11529 2.23547   1.000 26.35211 ? 128 LYS A N   1 
ATOM   897  C CA  . LYS A 1 128 ? -11.10587 -14.61295 0.95699   1.000 28.41382 ? 128 LYS A CA  1 
ATOM   898  C C   . LYS A 1 128 ? -12.62396 -14.77092 0.99968   1.000 31.92563 ? 128 LYS A C   1 
ATOM   899  O O   . LYS A 1 128 ? -13.19896 -14.95977 2.06312   1.000 33.21918 ? 128 LYS A O   1 
ATOM   900  C CB  . LYS A 1 128 ? -10.52933 -15.98812 0.59619   1.000 29.17242 ? 128 LYS A CB  1 
ATOM   901  C CG  . LYS A 1 128 ? -9.02941  -16.17224 0.68813   1.000 28.80267 ? 128 LYS A CG  1 
ATOM   902  C CD  . LYS A 1 128 ? -8.74665  -17.63976 0.41414   1.000 34.92996 ? 128 LYS A CD  1 
ATOM   903  C CE  . LYS A 1 128 ? -7.26604  -17.87877 0.13314   1.000 40.35644 ? 128 LYS A CE  1 
ATOM   904  N NZ  . LYS A 1 128 ? -7.04868  -19.25804 -0.37762  1.000 37.80174 ? 128 LYS A NZ  1 
ATOM   905  N N   . ILE A 1 129 ? -13.25227 -14.69108 -0.17694  1.000 29.84400 ? 129 ILE A N   1 
ATOM   906  C CA  . ILE A 1 129 ? -14.69985 -14.92147 -0.27180  1.000 37.48380 ? 129 ILE A CA  1 
ATOM   907  C C   . ILE A 1 129 ? -15.01469 -16.35895 0.09619   1.000 40.26876 ? 129 ILE A C   1 
ATOM   908  O O   . ILE A 1 129 ? -15.91576 -16.63945 0.89913   1.000 40.42736 ? 129 ILE A O   1 
ATOM   909  C CB  . ILE A 1 129 ? -15.22664 -14.57306 -1.68572  1.000 32.32232 ? 129 ILE A CB  1 
ATOM   910  C CG1 . ILE A 1 129 ? -15.28631 -13.07306 -1.89563  1.000 36.18277 ? 129 ILE A CG1 1 
ATOM   911  C CG2 . ILE A 1 129 ? -16.64662 -15.09128 -1.88545  1.000 33.79044 ? 129 ILE A CG2 1 
ATOM   912  C CD1 . ILE A 1 129 ? -16.15408 -12.43582 -0.92473  1.000 46.75704 ? 129 ILE A CD1 1 
ATOM   913  N N   . ASN A 1 130 ? -14.24660 -17.28734 -0.45907  1.000 36.41995 ? 130 ASN A N   1 
ATOM   914  C CA  . ASN A 1 130 ? -14.42724 -18.70117 -0.19225  1.000 44.60838 ? 130 ASN A CA  1 
ATOM   915  C C   . ASN A 1 130 ? -13.07722 -19.40017 -0.33842  1.000 47.73422 ? 130 ASN A C   1 
ATOM   916  O O   . ASN A 1 130 ? -12.08378 -18.80895 -0.78610  1.000 38.85673 ? 130 ASN A O   1 
ATOM   917  C CB  . ASN A 1 130 ? -15.50458 -19.28667 -1.11618  1.000 42.66322 ? 130 ASN A CB  1 
ATOM   918  C CG  . ASN A 1 130 ? -15.12182 -19.26483 -2.58777  1.000 43.49161 ? 130 ASN A CG  1 
ATOM   919  O OD1 . ASN A 1 130 ? -14.00991 -19.63559 -2.98142  1.000 47.18542 ? 130 ASN A OD1 1 
ATOM   920  N ND2 . ASN A 1 130 ? -16.07896 -18.87584 -3.41933  1.000 51.45143 ? 130 ASN A ND2 1 
ATOM   921  N N   . GLU A 1 131 ? -13.05026 -20.68679 0.02112   1.000 43.65173 ? 131 GLU A N   1 
ATOM   922  C CA  . GLU A 1 131 ? -11.80451 -21.44371 0.01071   1.000 40.19983 ? 131 GLU A CA  1 
ATOM   923  C C   . GLU A 1 131 ? -11.21549 -21.59774 -1.38091  1.000 40.15607 ? 131 GLU A C   1 
ATOM   924  O O   . GLU A 1 131 ? -10.03972 -21.93479 -1.48869  1.000 47.08317 ? 131 GLU A O   1 
ATOM   925  C CB  . GLU A 1 131 ? -12.00547 -22.82419 0.65104   1.000 59.42668 ? 131 GLU A CB  1 
ATOM   926  C CG  . GLU A 1 131 ? -10.78270 -23.30860 1.42842   1.000 71.39957 ? 131 GLU A CG  1 
ATOM   927  C CD  . GLU A 1 131 ? -10.80962 -24.80566 1.77330   1.000 82.89856 ? 131 GLU A CD  1 
ATOM   928  O OE1 . GLU A 1 131 ? -11.57849 -25.55338 1.12145   1.000 73.48847 ? 131 GLU A OE1 1 
ATOM   929  O OE2 . GLU A 1 131 ? -10.04897 -25.22627 2.69021   1.000 78.90147 ? 131 GLU A OE2 1 
ATOM   930  N N   . ASP A 1 132 ? -11.95500 -21.29528 -2.44490  1.000 39.22657 ? 132 ASP A N   1 
ATOM   931  C CA  . ASP A 1 132 ? -11.41863 -21.39706 -3.79800  1.000 48.16421 ? 132 ASP A CA  1 
ATOM   932  C C   . ASP A 1 132 ? -10.78421 -20.09840 -4.29755  1.000 49.87008 ? 132 ASP A C   1 
ATOM   933  O O   . ASP A 1 132 ? -10.23224 -20.06016 -5.41125  1.000 42.14840 ? 132 ASP A O   1 
ATOM   934  C CB  . ASP A 1 132 ? -12.53368 -21.85233 -4.71694  1.000 60.98172 ? 132 ASP A CB  1 
ATOM   935  C CG  . ASP A 1 132 ? -13.24716 -23.04501 -4.14244  1.000 68.40861 ? 132 ASP A CG  1 
ATOM   936  O OD1 . ASP A 1 132 ? -12.55460 -24.07355 -3.93462  1.000 65.79287 ? 132 ASP A OD1 1 
ATOM   937  O OD2 . ASP A 1 132 ? -14.45505 -22.92950 -3.81415  1.000 76.96192 ? 132 ASP A OD2 1 
ATOM   938  N N   . SER A 1 133 ? -10.83513 -19.04423 -3.48996  1.000 41.84768 ? 133 SER A N   1 
ATOM   939  C CA  . SER A 1 133 ? -10.21637 -17.78337 -3.85794  1.000 37.58908 ? 133 SER A CA  1 
ATOM   940  C C   . SER A 1 133 ? -8.69683  -17.89478 -3.75491  1.000 34.01522 ? 133 SER A C   1 
ATOM   941  O O   . SER A 1 133 ? -8.19344  -18.52956 -2.83239  1.000 31.47536 ? 133 SER A O   1 
ATOM   942  C CB  . SER A 1 133 ? -10.70750 -16.67524 -2.92793  1.000 38.72564 ? 133 SER A CB  1 
ATOM   943  O OG  . SER A 1 133 ? -12.14418 -16.57522 -2.96485  1.000 35.57273 ? 133 SER A OG  1 
ATOM   944  N N   . PRO A 1 134 ? -7.95328  -17.26813 -4.65738  1.000 33.78054 ? 134 PRO A N   1 
ATOM   945  C CA  . PRO A 1 134 ? -6.48760  -17.24714 -4.52031  1.000 36.56792 ? 134 PRO A CA  1 
ATOM   946  C C   . PRO A 1 134 ? -6.06277  -16.37590 -3.34057  1.000 33.45088 ? 134 PRO A C   1 
ATOM   947  O O   . PRO A 1 134 ? -6.82177  -15.52304 -2.88767  1.000 35.14166 ? 134 PRO A O   1 
ATOM   948  C CB  . PRO A 1 134 ? -6.03605  -16.64730 -5.84341  1.000 32.74432 ? 134 PRO A CB  1 
ATOM   949  C CG  . PRO A 1 134 ? -7.18595  -15.74337 -6.22645  1.000 43.99795 ? 134 PRO A CG  1 
ATOM   950  C CD  . PRO A 1 134 ? -8.42810  -16.45732 -5.78966  1.000 36.12269 ? 134 PRO A CD  1 
ATOM   951  N N   . ALA A 1 135 ? -4.82571  -16.64456 -2.78520  1.000 30.11526 ? 135 ALA A N   1 
ATOM   952  C CA  . ALA A 1 135 ? -4.21520  -15.63091 -1.90850  1.000 24.80234 ? 135 ALA A CA  1 
ATOM   953  C C   . ALA A 1 135 ? -3.50938  -14.61649 -2.80637  1.000 19.10951 ? 135 ALA A C   1 
ATOM   954  O O   . ALA A 1 135 ? -3.19142  -14.94235 -3.93508  1.000 25.73809 ? 135 ALA A O   1 
ATOM   955  C CB  . ALA A 1 135 ? -3.21605  -16.26131 -0.94346  1.000 27.38757 ? 135 ALA A CB  1 
ATOM   956  N N   . PRO A 1 136 ? -3.40439  -13.28816 -2.37912  1.000 21.75015 ? 136 PRO A N   1 
ATOM   957  C CA  . PRO A 1 136 ? -3.03090  -12.20354 -3.28942  1.000 21.45280 ? 136 PRO A CA  1 
ATOM   958  C C   . PRO A 1 136 ? -1.51864  -12.09781 -3.54369  1.000 20.58767 ? 136 PRO A C   1 
ATOM   959  O O   . PRO A 1 136 ? -0.92898  -11.02659 -3.45867  1.000 20.05367 ? 136 PRO A O   1 
ATOM   960  C CB  . PRO A 1 136 ? -3.62518  -10.95599 -2.60871  1.000 21.44560 ? 136 PRO A CB  1 
ATOM   961  C CG  . PRO A 1 136 ? -3.59231  -11.25834 -1.17408  1.000 21.15349 ? 136 PRO A CG  1 
ATOM   962  C CD  . PRO A 1 136 ? -3.79593  -12.80811 -1.03768  1.000 20.76335 ? 136 PRO A CD  1 
ATOM   963  N N   . PHE A 1 137 ? -0.92029  -13.21605 -3.98628  1.000 22.89801 ? 137 PHE A N   1 
ATOM   964  C CA  . PHE A 1 137 ? 0.50012   -13.21243 -4.35499  1.000 23.57138 ? 137 PHE A CA  1 
ATOM   965  C C   . PHE A 1 137 ? 0.76069   -12.34817 -5.55300  1.000 20.11741 ? 137 PHE A C   1 
ATOM   966  O O   . PHE A 1 137 ? 1.82835   -11.73877 -5.64834  1.000 21.95539 ? 137 PHE A O   1 
ATOM   967  C CB  . PHE A 1 137 ? 1.00115   -14.66957 -4.66897  1.000 19.97044 ? 137 PHE A CB  1 
ATOM   968  C CG  . PHE A 1 137 ? 1.01841   -15.53559 -3.48124  1.000 27.41472 ? 137 PHE A CG  1 
ATOM   969  C CD1 . PHE A 1 137 ? 1.97594   -15.35220 -2.52184  1.000 25.23853 ? 137 PHE A CD1 1 
ATOM   970  C CD2 . PHE A 1 137 ? 0.02493   -16.49890 -3.28004  1.000 27.68455 ? 137 PHE A CD2 1 
ATOM   971  C CE1 . PHE A 1 137 ? 2.01826   -16.14992 -1.36367  1.000 27.42398 ? 137 PHE A CE1 1 
ATOM   972  C CE2 . PHE A 1 137 ? 0.04042   -17.33148 -2.12716  1.000 24.24449 ? 137 PHE A CE2 1 
ATOM   973  C CZ  . PHE A 1 137 ? 1.01348   -17.13939 -1.14532  1.000 25.58432 ? 137 PHE A CZ  1 
ATOM   974  N N   . ASP A 1 138 ? -0.22317  -12.22218 -6.46226  1.000 23.59617 ? 138 ASP A N   1 
ATOM   975  C CA  . ASP A 1 138 ? 0.01801   -11.31279 -7.57651  1.000 26.47930 ? 138 ASP A CA  1 
ATOM   976  C C   . ASP A 1 138 ? 0.10697   -9.84782  -7.10866  1.000 24.72648 ? 138 ASP A C   1 
ATOM   977  O O   . ASP A 1 138 ? 1.01385   -9.09639  -7.52931  1.000 23.39969 ? 138 ASP A O   1 
ATOM   978  C CB  . ASP A 1 138 ? -1.06162  -11.52317 -8.64222  1.000 26.69436 ? 138 ASP A CB  1 
ATOM   979  C CG  . ASP A 1 138 ? -2.48629  -11.44046 -8.08877  1.000 31.22236 ? 138 ASP A CG  1 
ATOM   980  O OD1 . ASP A 1 138 ? -2.73553  -11.31836 -6.83803  1.000 28.05485 ? 138 ASP A OD1 1 
ATOM   981  O OD2 . ASP A 1 138 ? -3.41518  -11.48777 -8.93636  1.000 33.80437 ? 138 ASP A OD2 1 
ATOM   982  N N   . TYR A 1 139 ? -0.76541  -9.44683  -6.18117  1.000 22.84108 ? 139 TYR A N   1 
ATOM   983  C CA  . TYR A 1 139 ? -0.62861  -8.12701  -5.58531  1.000 22.72532 ? 139 TYR A CA  1 
ATOM   984  C C   . TYR A 1 139 ? 0.65946   -7.95988  -4.78722  1.000 20.50656 ? 139 TYR A C   1 
ATOM   985  O O   . TYR A 1 139 ? 1.28150   -6.91277  -4.88850  1.000 21.07145 ? 139 TYR A O   1 
ATOM   986  C CB  . TYR A 1 139 ? -1.82712  -7.79214  -4.69870  1.000 22.45610 ? 139 TYR A CB  1 
ATOM   987  C CG  . TYR A 1 139 ? -3.05316  -7.51943  -5.55499  1.000 23.86621 ? 139 TYR A CG  1 
ATOM   988  C CD1 . TYR A 1 139 ? -3.22293  -6.26191  -6.15683  1.000 21.53096 ? 139 TYR A CD1 1 
ATOM   989  C CD2 . TYR A 1 139 ? -3.96875  -8.52355  -5.81429  1.000 22.30364 ? 139 TYR A CD2 1 
ATOM   990  C CE1 . TYR A 1 139 ? -4.32213  -6.02449  -6.96460  1.000 26.50449 ? 139 TYR A CE1 1 
ATOM   991  C CE2 . TYR A 1 139 ? -5.06918  -8.30469  -6.60579  1.000 26.35996 ? 139 TYR A CE2 1 
ATOM   992  C CZ  . TYR A 1 139 ? -5.25270  -7.03574  -7.16461  1.000 27.84763 ? 139 TYR A CZ  1 
ATOM   993  O OH  . TYR A 1 139 ? -6.32804  -6.82604  -8.02783  1.000 28.36592 ? 139 TYR A OH  1 
ATOM   994  N N   . LEU A 1 140 ? 1.06700   -8.95590  -3.98565  1.000 19.98937 ? 140 LEU A N   1 
ATOM   995  C CA  . LEU A 1 140 ? 2.28818   -8.80420  -3.20467  1.000 18.32586 ? 140 LEU A CA  1 
ATOM   996  C C   . LEU A 1 140 ? 3.47691   -8.52520  -4.10876  1.000 21.22535 ? 140 LEU A C   1 
ATOM   997  O O   . LEU A 1 140 ? 4.29433   -7.65152  -3.81407  1.000 20.12379 ? 140 LEU A O   1 
ATOM   998  C CB  . LEU A 1 140 ? 2.52448   -10.06302 -2.34977  1.000 18.05731 ? 140 LEU A CB  1 
ATOM   999  C CG  . LEU A 1 140 ? 3.58433   -9.87844  -1.24579  1.000 20.33905 ? 140 LEU A CG  1 
ATOM   1000 C CD1 . LEU A 1 140 ? 3.07253   -8.91542  -0.10892  1.000 24.29850 ? 140 LEU A CD1 1 
ATOM   1001 C CD2 . LEU A 1 140 ? 3.90041   -11.29639 -0.68582  1.000 23.07810 ? 140 LEU A CD2 1 
ATOM   1002 N N   . LYS A 1 141 ? 3.57790   -9.26240  -5.21420  1.000 20.18602 ? 141 LYS A N   1 
ATOM   1003 C CA  . LYS A 1 141 ? 4.68361   -9.06577  -6.12687  1.000 26.15998 ? 141 LYS A CA  1 
ATOM   1004 C C   . LYS A 1 141 ? 4.62860   -7.68251  -6.75429  1.000 23.03265 ? 141 LYS A C   1 
ATOM   1005 O O   . LYS A 1 141 ? 5.65748   -7.01522  -6.91877  1.000 22.83789 ? 141 LYS A O   1 
ATOM   1006 C CB  . LYS A 1 141 ? 4.66228   -10.15922 -7.20685  1.000 30.36104 ? 141 LYS A CB  1 
ATOM   1007 C CG  . LYS A 1 141 ? 5.80472   -9.93356  -8.24394  1.000 38.92658 ? 141 LYS A CG  1 
ATOM   1008 C CD  . LYS A 1 141 ? 5.86798   -11.01489 -9.30656  1.000 45.15900 ? 141 LYS A CD  1 
ATOM   1009 C CE  . LYS A 1 141 ? 6.18369   -12.36380 -8.68531  1.000 51.86783 ? 141 LYS A CE  1 
ATOM   1010 N NZ  . LYS A 1 141 ? 6.51030   -13.42767 -9.70072  1.000 60.72722 ? 141 LYS A NZ  1 
ATOM   1011 N N   . PHE A 1 142 ? 3.42237   -7.21791  -7.08261  1.000 20.33268 ? 142 PHE A N   1 
ATOM   1012 C CA  . PHE A 1 142 ? 3.31579   -5.88735  -7.65687  1.000 23.86687 ? 142 PHE A CA  1 
ATOM   1013 C C   . PHE A 1 142 ? 3.78858   -4.83062  -6.66338  1.000 25.53629 ? 142 PHE A C   1 
ATOM   1014 O O   . PHE A 1 142 ? 4.58291   -3.95667  -6.98951  1.000 25.39771 ? 142 PHE A O   1 
ATOM   1015 C CB  . PHE A 1 142 ? 1.88096   -5.57973  -8.07489  1.000 28.22377 ? 142 PHE A CB  1 
ATOM   1016 C CG  . PHE A 1 142 ? 1.75728   -4.14396  -8.48007  1.000 41.39238 ? 142 PHE A CG  1 
ATOM   1017 C CD1 . PHE A 1 142 ? 2.19298   -3.74714  -9.73541  1.000 45.03330 ? 142 PHE A CD1 1 
ATOM   1018 C CD2 . PHE A 1 142 ? 1.41619   -3.15679  -7.54664  1.000 43.02801 ? 142 PHE A CD2 1 
ATOM   1019 C CE1 . PHE A 1 142 ? 2.16956   -2.40163  -10.10187 1.000 46.77203 ? 142 PHE A CE1 1 
ATOM   1020 C CE2 . PHE A 1 142 ? 1.43128   -1.80009  -7.90099  1.000 50.21443 ? 142 PHE A CE2 1 
ATOM   1021 C CZ  . PHE A 1 142 ? 1.80173   -1.43253  -9.17460  1.000 49.13283 ? 142 PHE A CZ  1 
ATOM   1022 N N   . PHE A 1 143 ? 3.27531   -4.87689  -5.44186  1.000 24.27277 ? 143 PHE A N   1 
ATOM   1023 C CA  . PHE A 1 143 ? 3.66633   -3.88251  -4.46541  1.000 21.59813 ? 143 PHE A CA  1 
ATOM   1024 C C   . PHE A 1 143 ? 5.15365   -3.96169  -4.16542  1.000 25.02996 ? 143 PHE A C   1 
ATOM   1025 O O   . PHE A 1 143 ? 5.79693   -2.92990  -3.96624  1.000 25.30862 ? 143 PHE A O   1 
ATOM   1026 C CB  . PHE A 1 143 ? 2.85154   -4.01959  -3.17232  1.000 20.84813 ? 143 PHE A CB  1 
ATOM   1027 C CG  . PHE A 1 143 ? 1.38355   -3.80935  -3.34930  1.000 25.86989 ? 143 PHE A CG  1 
ATOM   1028 C CD1 . PHE A 1 143 ? 0.91538   -2.79886  -4.15185  1.000 38.88688 ? 143 PHE A CD1 1 
ATOM   1029 C CD2 . PHE A 1 143 ? 0.47349   -4.60527  -2.71825  1.000 24.10309 ? 143 PHE A CD2 1 
ATOM   1030 C CE1 . PHE A 1 143 ? -0.45294  -2.63979  -4.30890  1.000 37.64652 ? 143 PHE A CE1 1 
ATOM   1031 C CE2 . PHE A 1 143 ? -0.83913  -4.45560  -2.87411  1.000 32.57588 ? 143 PHE A CE2 1 
ATOM   1032 C CZ  . PHE A 1 143 ? -1.29698  -3.46110  -3.66857  1.000 30.82218 ? 143 PHE A CZ  1 
ATOM   1033 N N   . HIS A 1 144 ? 5.70535   -5.18959  -4.09662  1.000 21.71251 ? 144 HIS A N   1 
ATOM   1034 C CA  . HIS A 1 144 ? 7.13244   -5.35385  -3.90197  1.000 22.10634 ? 144 HIS A CA  1 
ATOM   1035 C C   . HIS A 1 144 ? 7.92417   -4.65948  -5.00065  1.000 25.56006 ? 144 HIS A C   1 
ATOM   1036 O O   . HIS A 1 144 ? 8.84695   -3.88313  -4.73781  1.000 26.58484 ? 144 HIS A O   1 
ATOM   1037 C CB  . HIS A 1 144 ? 7.47873   -6.83183  -3.90310  1.000 20.40518 ? 144 HIS A CB  1 
ATOM   1038 C CG  . HIS A 1 144 ? 8.91926   -7.10733  -3.67210  1.000 21.77637 ? 144 HIS A CG  1 
ATOM   1039 N ND1 . HIS A 1 144 ? 9.45368   -7.25610  -2.40917  1.000 24.38358 ? 144 HIS A ND1 1 
ATOM   1040 C CD2 . HIS A 1 144 ? 9.93326   -7.30745  -4.54491  1.000 23.80058 ? 144 HIS A CD2 1 
ATOM   1041 C CE1 . HIS A 1 144 ? 10.75090  -7.50817  -2.51865  1.000 22.38847 ? 144 HIS A CE1 1 
ATOM   1042 N NE2 . HIS A 1 144 ? 11.06111  -7.53457  -3.80143  1.000 25.02341 ? 144 HIS A NE2 1 
ATOM   1043 N N   . GLN A 1 145 ? 7.62136   -4.99122  -6.24639  1.000 25.46192 ? 145 GLN A N   1 
ATOM   1044 C CA  . GLN A 1 145 ? 8.43775   -4.42628  -7.32081  1.000 33.35717 ? 145 GLN A CA  1 
ATOM   1045 C C   . GLN A 1 145 ? 8.29245   -2.91204  -7.33333  1.000 36.85871 ? 145 GLN A C   1 
ATOM   1046 O O   . GLN A 1 145 ? 9.26582   -2.19748  -7.56800  1.000 37.10679 ? 145 GLN A O   1 
ATOM   1047 C CB  . GLN A 1 145 ? 8.05049   -5.00983  -8.68015  1.000 31.97412 ? 145 GLN A CB  1 
ATOM   1048 C CG  . GLN A 1 145 ? 8.44545   -6.50168  -8.82663  1.000 40.89666 ? 145 GLN A CG  1 
ATOM   1049 C CD  . GLN A 1 145 ? 7.72066   -7.26035  -9.96129  1.000 55.27478 ? 145 GLN A CD  1 
ATOM   1050 O OE1 . GLN A 1 145 ? 6.61262   -6.90615  -10.38927 1.000 70.33323 ? 145 GLN A OE1 1 
ATOM   1051 N NE2 . GLN A 1 145 ? 8.34145   -8.32835  -10.41743 1.000 64.40627 ? 145 GLN A NE2 1 
ATOM   1052 N N   . ASN A 1 146 ? 7.13918   -2.41698  -6.93133  1.000 32.50442 ? 146 ASN A N   1 
ATOM   1053 C CA  . ASN A 1 146 ? 6.93982   -0.98415  -6.97339  1.000 35.45856 ? 146 ASN A CA  1 
ATOM   1054 C C   . ASN A 1 146 ? 7.79712   -0.28509  -5.93781  1.000 38.09936 ? 146 ASN A C   1 
ATOM   1055 O O   . ASN A 1 146 ? 8.38235   0.76088   -6.21616  1.000 38.91278 ? 146 ASN A O   1 
ATOM   1056 C CB  . ASN A 1 146 ? 5.46415   -0.64319  -6.78382  1.000 34.94087 ? 146 ASN A CB  1 
ATOM   1057 C CG  . ASN A 1 146 ? 5.22764   0.83335   -6.86431  1.000 54.79991 ? 146 ASN A CG  1 
ATOM   1058 O OD1 . ASN A 1 146 ? 5.22098   1.40803   -7.95846  1.000 60.58612 ? 146 ASN A OD1 1 
ATOM   1059 N ND2 . ASN A 1 146 ? 5.09734   1.47866   -5.70396  1.000 65.42126 ? 146 ASN A ND2 1 
ATOM   1060 N N   . ILE A 1 147 ? 7.95372   -0.87671  -4.76558  1.000 30.30706 ? 147 ILE A N   1 
ATOM   1061 C CA  . ILE A 1 147 ? 8.79108   -0.23858  -3.78736  1.000 32.72101 ? 147 ILE A CA  1 
ATOM   1062 C C   . ILE A 1 147 ? 10.27278  -0.45923  -4.09454  1.000 36.77733 ? 147 ILE A C   1 
ATOM   1063 O O   . ILE A 1 147 ? 11.09970  0.44630   -3.88404  1.000 37.65626 ? 147 ILE A O   1 
ATOM   1064 C CB  . ILE A 1 147 ? 8.35860   -0.67479  -2.38151  1.000 35.92070 ? 147 ILE A CB  1 
ATOM   1065 C CG1 . ILE A 1 147 ? 8.80326   0.35848   -1.34222  1.000 48.10473 ? 147 ILE A CG1 1 
ATOM   1066 C CG2 . ILE A 1 147 ? 8.80465   -2.01387  -2.07103  1.000 32.40210 ? 147 ILE A CG2 1 
ATOM   1067 C CD1 . ILE A 1 147 ? 8.03665   1.63065   -1.46879  1.000 39.56024 ? 147 ILE A CD1 1 
ATOM   1068 N N   . VAL A 1 148 ? 10.64956  -1.61194  -4.65587  1.000 28.68754 ? 148 VAL A N   1 
ATOM   1069 C CA  . VAL A 1 148 ? 12.00434  -1.74355  -5.17541  1.000 36.32834 ? 148 VAL A CA  1 
ATOM   1070 C C   . VAL A 1 148 ? 12.28027  -0.66161  -6.22242  1.000 40.73433 ? 148 VAL A C   1 
ATOM   1071 O O   . VAL A 1 148 ? 13.32215  -0.00343  -6.18666  1.000 45.83181 ? 148 VAL A O   1 
ATOM   1072 C CB  . VAL A 1 148 ? 12.26582  -3.14522  -5.75950  1.000 35.34033 ? 148 VAL A CB  1 
ATOM   1073 C CG1 . VAL A 1 148 ? 13.68159  -3.18344  -6.25136  1.000 34.43620 ? 148 VAL A CG1 1 
ATOM   1074 C CG2 . VAL A 1 148 ? 12.12018  -4.19798  -4.71960  1.000 33.01085 ? 148 VAL A CG2 1 
ATOM   1075 N N   . ASP A 1 149 ? 11.34893  -0.45052  -7.15331  1.000 33.38836 ? 149 ASP A N   1 
ATOM   1076 C CA  . ASP A 1 149 ? 11.61232  0.52513   -8.20868  1.000 43.47030 ? 149 ASP A CA  1 
ATOM   1077 C C   . ASP A 1 149 ? 11.76831  1.91445   -7.60555  1.000 51.84014 ? 149 ASP A C   1 
ATOM   1078 O O   . ASP A 1 149 ? 12.75585  2.61407   -7.87207  1.000 53.77047 ? 149 ASP A O   1 
ATOM   1079 C CB  . ASP A 1 149 ? 10.51043  0.47773   -9.26917  1.000 43.43081 ? 149 ASP A CB  1 
ATOM   1080 C CG  . ASP A 1 149 ? 10.05727  1.86909   -9.73876  1.000 71.92761 ? 149 ASP A CG  1 
ATOM   1081 O OD1 . ASP A 1 149 ? 10.70064  2.46013   -10.64545 1.000 72.56766 ? 149 ASP A OD1 1 
ATOM   1082 O OD2 . ASP A 1 149 ? 9.02615   2.37029   -9.21491  1.000 72.03371 ? 149 ASP A OD2 1 
ATOM   1083 N N   . MET A 1 150 ? 10.84248  2.29986   -6.72407  1.000 43.67619 ? 150 MET A N   1 
ATOM   1084 C CA  . MET A 1 150 ? 10.93471  3.61057   -6.09401  1.000 51.09085 ? 150 MET A CA  1 
ATOM   1085 C C   . MET A 1 150 ? 12.24119  3.76471   -5.33796  1.000 49.14213 ? 150 MET A C   1 
ATOM   1086 O O   . MET A 1 150 ? 12.91225  4.80051   -5.43351  1.000 46.75898 ? 150 MET A O   1 
ATOM   1087 C CB  . MET A 1 150 ? 9.76284   3.81555   -5.15324  1.000 40.31508 ? 150 MET A CB  1 
ATOM   1088 C CG  . MET A 1 150 ? 9.67521   5.21231   -4.61620  1.000 46.09131 ? 150 MET A CG  1 
ATOM   1089 S SD  . MET A 1 150 ? 8.48090   5.23443   -3.27342  1.000 56.74920 ? 150 MET A SD  1 
ATOM   1090 C CE  . MET A 1 150 ? 6.98997   4.75111   -4.13350  1.000 61.09375 ? 150 MET A CE  1 
ATOM   1091 N N   . SER A 1 151 ? 12.61539  2.73973   -4.58545  1.000 37.68210 ? 151 SER A N   1 
ATOM   1092 C CA  . SER A 1 151 ? 13.82749  2.74634   -3.79539  1.000 41.76602 ? 151 SER A CA  1 
ATOM   1093 C C   . SER A 1 151 ? 15.09147  2.83731   -4.62994  1.000 52.62661 ? 151 SER A C   1 
ATOM   1094 O O   . SER A 1 151 ? 16.12730  3.25940   -4.09969  1.000 49.52401 ? 151 SER A O   1 
ATOM   1095 C CB  . SER A 1 151 ? 13.89768  1.49172   -2.95372  1.000 44.60451 ? 151 SER A CB  1 
ATOM   1096 O OG  . SER A 1 151 ? 12.73668  1.46240   -2.16543  1.000 53.79421 ? 151 SER A OG  1 
ATOM   1097 N N   . ALA A 1 152 ? 15.04135  2.42971   -5.90045  1.000 47.70902 ? 152 ALA A N   1 
ATOM   1098 C CA  . ALA A 1 152 ? 16.20272  2.54642   -6.77373  1.000 57.57137 ? 152 ALA A CA  1 
ATOM   1099 C C   . ALA A 1 152 ? 16.26522  3.88730   -7.49790  1.000 53.67040 ? 152 ALA A C   1 
ATOM   1100 O O   . ALA A 1 152 ? 17.15855  4.08486   -8.32462  1.000 57.61650 ? 152 ALA A O   1 
ATOM   1101 C CB  . ALA A 1 152 ? 16.22089  1.40949   -7.79612  1.000 56.89316 ? 152 ALA A CB  1 
ATOM   1102 N N   . HIS A 1 153 ? 15.33409  4.79908   -7.23218  1.000 50.42770 ? 153 HIS A N   1 
ATOM   1103 C CA  . HIS A 1 153 ? 15.42575  6.16396   -7.72895  1.000 48.72201 ? 153 HIS A CA  1 
ATOM   1104 C C   . HIS A 1 153 ? 15.83596  7.15870   -6.64879  1.000 44.01316 ? 153 HIS A C   1 
ATOM   1105 O O   . HIS A 1 153 ? 15.76351  8.36545   -6.88298  1.000 49.99534 ? 153 HIS A O   1 
ATOM   1106 C CB  . HIS A 1 153 ? 14.09763  6.60031   -8.35378  1.000 52.98951 ? 153 HIS A CB  1 
ATOM   1107 C CG  . HIS A 1 153 ? 13.79293  5.90946   -9.64534  1.000 70.83424 ? 153 HIS A CG  1 
ATOM   1108 N ND1 . HIS A 1 153 ? 12.50453  5.66932   -10.07938 1.000 71.52195 ? 153 HIS A ND1 1 
ATOM   1109 C CD2 . HIS A 1 153 ? 14.61437  5.39391   -10.59284 1.000 71.32035 ? 153 HIS A CD2 1 
ATOM   1110 C CE1 . HIS A 1 153 ? 12.54617  5.04225   -11.24142 1.000 70.63032 ? 153 HIS A CE1 1 
ATOM   1111 N NE2 . HIS A 1 153 ? 13.81332  4.86794   -11.57749 1.000 75.57656 ? 153 HIS A NE2 1 
ATOM   1112 N N   . ILE A 1 154 ? 16.24982  6.68097   -5.48621  1.000 34.45856 ? 154 ILE A N   1 
ATOM   1113 C CA  . ILE A 1 154 ? 16.66636  7.49041   -4.35299  1.000 38.04979 ? 154 ILE A CA  1 
ATOM   1114 C C   . ILE A 1 154 ? 18.10326  7.14376   -4.00593  1.000 44.99522 ? 154 ILE A C   1 
ATOM   1115 O O   . ILE A 1 154 ? 18.47209  5.96345   -4.03979  1.000 46.85632 ? 154 ILE A O   1 
ATOM   1116 C CB  . ILE A 1 154 ? 15.78332  7.20518   -3.13003  1.000 42.93106 ? 154 ILE A CB  1 
ATOM   1117 C CG1 . ILE A 1 154 ? 14.31814  7.42500   -3.45907  1.000 43.97798 ? 154 ILE A CG1 1 
ATOM   1118 C CG2 . ILE A 1 154 ? 16.26257  7.96487   -1.88014  1.000 39.88578 ? 154 ILE A CG2 1 
ATOM   1119 C CD1 . ILE A 1 154 ? 13.47892  6.81792   -2.39599  1.000 42.96775 ? 154 ILE A CD1 1 
ATOM   1120 N N   . CYS A 1 155 ? 18.89094  8.14900   -3.60450  1.000 42.70559 ? 155 CYS A N   1 
ATOM   1121 C CA  . CYS A 1 155 ? 20.21325  7.89659   -3.02223  1.000 40.27639 ? 155 CYS A CA  1 
ATOM   1122 C C   . CYS A 1 155 ? 20.59894  9.03396   -2.06906  1.000 50.73592 ? 155 CYS A C   1 
ATOM   1123 O O   . CYS A 1 155 ? 20.02959  10.12861  -2.11800  1.000 38.46390 ? 155 CYS A O   1 
ATOM   1124 C CB  . CYS A 1 155 ? 21.25344  7.72775   -4.13426  1.000 49.42648 ? 155 CYS A CB  1 
ATOM   1125 S SG  . CYS A 1 155 ? 21.33288  9.10932   -5.32643  1.000 51.55687 ? 155 CYS A SG  1 
ATOM   1126 N N   . SER A 1 156 ? 21.60335  8.78909   -1.22396  1.000 56.84921 ? 156 SER A N   1 
ATOM   1127 C CA  . SER A 1 156 ? 22.12542  9.85175   -0.31870  1.000 62.08197 ? 156 SER A CA  1 
ATOM   1128 C C   . SER A 1 156 ? 22.51457  11.15718  -1.05416  1.000 58.98608 ? 156 SER A C   1 
ATOM   1129 O O   . SER A 1 156 ? 22.27499  12.27279  -0.55879  1.000 62.95335 ? 156 SER A O   1 
ATOM   1130 C CB  . SER A 1 156 ? 23.34285  9.34662   0.47464   1.000 61.03824 ? 156 SER A CB  1 
ATOM   1131 O OG  . SER A 1 156 ? 24.46281  9.15026   -0.37377  1.000 62.44642 ? 156 SER A OG  1 
HETATM 1132 C C21 . S9T B 2 .   ? -1.72101  -3.87096  -8.74203  1.000 50.68724 ? 201 S9T A C21 1 
HETATM 1133 O O19 . S9T B 2 .   ? -1.32427  -3.11174  -9.91221  1.000 51.85871 ? 201 S9T A O19 1 
HETATM 1134 C C6  . S9T B 2 .   ? -1.26210  -1.76195  -9.68618  1.000 59.30416 ? 201 S9T A C6  1 
HETATM 1135 C C5  . S9T B 2 .   ? -0.83723  -0.96550  -10.77152 1.000 71.20348 ? 201 S9T A C5  1 
HETATM 1136 O O18 . S9T B 2 .   ? -0.52890  -1.62462  -11.95059 1.000 64.97068 ? 201 S9T A O18 1 
HETATM 1137 C C20 . S9T B 2 .   ? 0.05399   -0.80503  -12.98493 1.000 56.86012 ? 201 S9T A C20 1 
HETATM 1138 C C4  . S9T B 2 .   ? -0.72746  0.43181   -10.59830 1.000 61.94429 ? 201 S9T A C4  1 
HETATM 1139 C C3  . S9T B 2 .   ? -1.06001  1.01340   -9.35943  1.000 57.41977 ? 201 S9T A C3  1 
HETATM 1140 C C7  . S9T B 2 .   ? -1.59447  -1.16878  -8.44996  1.000 55.19518 ? 201 S9T A C7  1 
HETATM 1141 C C8  . S9T B 2 .   ? -1.49433  0.22901   -8.27136  1.000 59.81993 ? 201 S9T A C8  1 
HETATM 1142 C C9  . S9T B 2 .   ? -1.82702  0.80603   -7.00739  1.000 49.21479 ? 201 S9T A C9  1 
HETATM 1143 C C11 . S9T B 2 .   ? -3.33177  1.03781   -6.85859  1.000 42.03502 ? 201 S9T A C11 1 
HETATM 1144 C C12 . S9T B 2 .   ? -3.92649  -0.06262  -6.30905  1.000 44.86918 ? 201 S9T A C12 1 
HETATM 1145 N N10 . S9T B 2 .   ? -1.17062  2.08277   -6.70882  1.000 53.98502 ? 201 S9T A N10 1 
HETATM 1146 C C1  . S9T B 2 .   ? -0.36151  2.63516   -7.82150  1.000 68.20950 ? 201 S9T A C1  1 
HETATM 1147 C C2  . S9T B 2 .   ? -0.95064  2.38534   -9.19756  1.000 63.20426 ? 201 S9T A C2  1 
HETATM 1148 C C17 . S9T B 2 .   ? -4.59780  -0.93988  -7.14391  1.000 40.20229 ? 201 S9T A C17 1 
HETATM 1149 C C16 . S9T B 2 .   ? -5.23112  -2.05358  -6.61841  1.000 40.70351 ? 201 S9T A C16 1 
HETATM 1150 C C15 . S9T B 2 .   ? -5.16881  -2.29528  -5.25261  1.000 38.08524 ? 201 S9T A C15 1 
HETATM 1151 O O23 . S9T B 2 .   ? -5.76062  -3.36807  -4.65030  1.000 40.14201 ? 201 S9T A O23 1 
HETATM 1152 C C25 . S9T B 2 .   ? -6.65442  -4.30377  -5.32086  1.000 33.22916 ? 201 S9T A C25 1 
HETATM 1153 C C14 . S9T B 2 .   ? -4.47746  -1.41587  -4.40366  1.000 44.70585 ? 201 S9T A C14 1 
HETATM 1154 C C13 . S9T B 2 .   ? -3.86451  -0.28114  -4.93279  1.000 43.94326 ? 201 S9T A C13 1 
HETATM 1155 O O22 . S9T B 2 .   ? -4.43954  -1.70891  -3.04624  1.000 45.74624 ? 201 S9T A O22 1 
HETATM 1156 C C24 . S9T B 2 .   ? -3.40675  -0.90043  -2.37888  1.000 47.80176 ? 201 S9T A C24 1 
HETATM 1157 O O   . HOH C 3 .   ? -4.88889  10.24018  7.43385   1.000 38.94027 ? 301 HOH A O   1 
HETATM 1158 O O   . HOH C 3 .   ? -11.38409 -10.83380 8.02224   1.000 45.05382 ? 302 HOH A O   1 
HETATM 1159 O O   . HOH C 3 .   ? 4.88620   0.28457   11.98984  1.000 55.78223 ? 303 HOH A O   1 
HETATM 1160 O O   . HOH C 3 .   ? -2.21860  9.99714   3.38163   1.000 53.49481 ? 304 HOH A O   1 
HETATM 1161 O O   . HOH C 3 .   ? -0.35354  3.71635   13.22246  1.000 47.50272 ? 305 HOH A O   1 
HETATM 1162 O O   . HOH C 3 .   ? 7.61254   -15.38910 -8.73844  1.000 50.34555 ? 306 HOH A O   1 
HETATM 1163 O O   . HOH C 3 .   ? -15.03876 2.99629   3.81787   1.000 50.01169 ? 307 HOH A O   1 
HETATM 1164 O O   . HOH C 3 .   ? -3.66985  0.30278   9.27965   1.000 38.61129 ? 308 HOH A O   1 
HETATM 1165 O O   . HOH C 3 .   ? -8.24420  10.69037  6.27738   1.000 50.73169 ? 309 HOH A O   1 
HETATM 1166 O O   . HOH C 3 .   ? 1.86809   0.72006   11.89397  1.000 42.26321 ? 310 HOH A O   1 
HETATM 1167 O O   . HOH C 3 .   ? 2.85156   -5.13064  10.62250  1.000 40.52442 ? 311 HOH A O   1 
HETATM 1168 O O   . HOH C 3 .   ? -12.73580 9.41305   -9.26387  1.000 49.36409 ? 312 HOH A O   1 
HETATM 1169 O O   . HOH C 3 .   ? -4.88734  -18.06463 2.12217   1.000 34.61112 ? 313 HOH A O   1 
HETATM 1170 O O   . HOH C 3 .   ? -8.48174  -6.72509  5.58335   1.000 33.35060 ? 314 HOH A O   1 
HETATM 1171 O O   . HOH C 3 .   ? 10.91602  -8.68787  0.77765   1.000 22.55075 ? 315 HOH A O   1 
HETATM 1172 O O   . HOH C 3 .   ? 2.80935   -3.43764  7.07018   1.000 24.09457 ? 316 HOH A O   1 
HETATM 1173 O O   . HOH C 3 .   ? -16.05991 -3.18132  0.61633   1.000 36.36942 ? 317 HOH A O   1 
HETATM 1174 O O   . HOH C 3 .   ? -9.12726  -4.50259  -7.74413  1.000 28.79523 ? 318 HOH A O   1 
HETATM 1175 O O   . HOH C 3 .   ? -2.65718  -7.09576  -21.69777 1.000 42.31167 ? 319 HOH A O   1 
HETATM 1176 O O   . HOH C 3 .   ? 5.84910   2.72939   13.40361  1.000 45.76365 ? 320 HOH A O   1 
HETATM 1177 O O   . HOH C 3 .   ? 5.25634   3.87129   5.64305   1.000 25.03200 ? 321 HOH A O   1 
HETATM 1178 O O   . HOH C 3 .   ? 2.32505   -9.71461  -9.90022  1.000 34.79486 ? 322 HOH A O   1 
HETATM 1179 O O   . HOH C 3 .   ? -6.94864  10.57249  -14.34321 1.000 48.80059 ? 323 HOH A O   1 
HETATM 1180 O O   . HOH C 3 .   ? -6.38667  6.21738   -2.11840  1.000 31.10700 ? 324 HOH A O   1 
HETATM 1181 O O   . HOH C 3 .   ? 21.19825  14.57204  0.32496   1.000 47.92468 ? 325 HOH A O   1 
HETATM 1182 O O   . HOH C 3 .   ? -0.81499  -10.38885 11.95249  1.000 48.78571 ? 326 HOH A O   1 
HETATM 1183 O O   . HOH C 3 .   ? -2.78434  -11.80149 -11.54391 1.000 42.84391 ? 327 HOH A O   1 
HETATM 1184 O O   . HOH C 3 .   ? -10.68729 6.06531   -12.28880 1.000 35.85828 ? 328 HOH A O   1 
HETATM 1185 O O   . HOH C 3 .   ? -16.42707 5.84125   2.41014   1.000 43.09623 ? 329 HOH A O   1 
HETATM 1186 O O   . HOH C 3 .   ? -4.47487  -19.93568 -0.87956  1.000 38.97350 ? 330 HOH A O   1 
HETATM 1187 O O   . HOH C 3 .   ? -1.84942  2.47115   -4.10016  1.000 45.06785 ? 331 HOH A O   1 
HETATM 1188 O O   . HOH C 3 .   ? -0.78320  11.63260  10.79723  1.000 38.66545 ? 332 HOH A O   1 
HETATM 1189 O O   . HOH C 3 .   ? -7.80675  -6.84260  -19.74337 1.000 37.48083 ? 333 HOH A O   1 
HETATM 1190 O O   . HOH C 3 .   ? -7.84616  -10.76342 -7.10682  1.000 42.79825 ? 334 HOH A O   1 
HETATM 1191 O O   . HOH C 3 .   ? -6.00972  -11.01602 -9.70726  1.000 41.44571 ? 335 HOH A O   1 
HETATM 1192 O O   . HOH C 3 .   ? -11.93467 3.69702   -16.88277 1.000 40.71891 ? 336 HOH A O   1 
HETATM 1193 O O   . HOH C 3 .   ? -11.47939 -4.18356  2.37575   1.000 25.96479 ? 337 HOH A O   1 
HETATM 1194 O O   . HOH C 3 .   ? -15.49725 3.56012   -1.11514  1.000 37.22771 ? 338 HOH A O   1 
HETATM 1195 O O   . HOH C 3 .   ? -11.19191 3.86609   4.97326   1.000 41.42520 ? 339 HOH A O   1 
HETATM 1196 O O   . HOH C 3 .   ? -7.60873  -9.16336  -8.78147  1.000 38.20023 ? 340 HOH A O   1 
HETATM 1197 O O   . HOH C 3 .   ? -7.70549  3.85322   4.80217   1.000 34.56225 ? 341 HOH A O   1 
HETATM 1198 O O   . HOH C 3 .   ? -17.11301 -7.38611  1.73202   1.000 44.62068 ? 342 HOH A O   1 
HETATM 1199 O O   . HOH C 3 .   ? -16.06818 -8.56861  -1.76697  1.000 34.41037 ? 343 HOH A O   1 
HETATM 1200 O O   . HOH C 3 .   ? 16.00857  5.44200   9.79942   1.000 40.86842 ? 344 HOH A O   1 
HETATM 1201 O O   . HOH C 3 .   ? 1.65761   -6.96596  -13.72913 1.000 42.76709 ? 345 HOH A O   1 
HETATM 1202 O O   . HOH C 3 .   ? 13.89010  -7.58375  6.63217   1.000 33.22136 ? 346 HOH A O   1 
HETATM 1203 O O   . HOH C 3 .   ? -5.36940  -12.04775 -6.13034  1.000 33.48899 ? 347 HOH A O   1 
HETATM 1204 O O   . HOH C 3 .   ? -2.28345  -14.73946 -6.60437  1.000 36.49744 ? 348 HOH A O   1 
HETATM 1205 O O   . HOH C 3 .   ? -10.63014 -10.90323 -9.22826  1.000 44.90207 ? 349 HOH A O   1 
HETATM 1206 O O   . HOH C 3 .   ? 19.97492  -4.41684  3.13232   1.000 42.78728 ? 350 HOH A O   1 
HETATM 1207 O O   . HOH C 3 .   ? -13.82920 -0.17867  -8.98448  1.000 42.06508 ? 351 HOH A O   1 
HETATM 1208 O O   . HOH C 3 .   ? 8.85067   -1.74943  8.88795   1.000 37.53147 ? 352 HOH A O   1 
HETATM 1209 O O   . HOH C 3 .   ? 3.04396   -7.24873  9.07547   1.000 29.47446 ? 353 HOH A O   1 
HETATM 1210 O O   . HOH C 3 .   ? -6.01584  -9.12965  -20.98741 1.000 48.18850 ? 354 HOH A O   1 
HETATM 1211 O O   . HOH C 3 .   ? -2.24148  4.35058   8.70818   1.000 35.85955 ? 355 HOH A O   1 
HETATM 1212 O O   . HOH C 3 .   ? -4.35910  -10.68749 -13.49211 1.000 40.34345 ? 356 HOH A O   1 
HETATM 1213 O O   . HOH C 3 .   ? -9.06233  8.88717   4.06304   1.000 40.20849 ? 357 HOH A O   1 
HETATM 1214 O O   . HOH C 3 .   ? -15.46527 0.55711   4.29852   1.000 43.76922 ? 358 HOH A O   1 
HETATM 1215 O O   . HOH C 3 .   ? -9.86748  13.00196  -10.30370 1.000 41.84687 ? 359 HOH A O   1 
HETATM 1216 O O   . HOH C 3 .   ? -14.17538 -4.76089  2.54571   1.000 34.86915 ? 360 HOH A O   1 
HETATM 1217 O O   . HOH C 3 .   ? -16.31740 -0.79050  -8.62537  1.000 46.02414 ? 361 HOH A O   1 
HETATM 1218 O O   . HOH C 3 .   ? -16.59294 -4.75346  -5.89489  1.000 40.53598 ? 362 HOH A O   1 
HETATM 1219 O O   . HOH C 3 .   ? 18.49370  9.12823   4.52931   1.000 39.70090 ? 363 HOH A O   1 
HETATM 1220 O O   . HOH C 3 .   ? 13.98665  12.78938  9.79706   1.000 46.97259 ? 364 HOH A O   1 
HETATM 1221 O O   . HOH C 3 .   ? 17.51995  3.56284   -1.49831  1.000 47.64054 ? 365 HOH A O   1 
HETATM 1222 O O   . HOH C 3 .   ? -4.20605  20.40092  2.48416   1.000 46.07351 ? 366 HOH A O   1 
HETATM 1223 O O   . HOH C 3 .   ? 1.86693   2.73882   -1.04170  1.000 39.06309 ? 367 HOH A O   1 
HETATM 1224 O O   . HOH C 3 .   ? -4.85716  -11.24728 8.84747   1.000 33.77242 ? 368 HOH A O   1 
HETATM 1225 O O   . HOH C 3 .   ? 0.89922   -6.39918  -17.09041 1.000 39.83272 ? 369 HOH A O   1 
HETATM 1226 O O   . HOH C 3 .   ? 3.77556   -13.84431 -6.71552  1.000 39.67247 ? 370 HOH A O   1 
HETATM 1227 O O   . HOH C 3 .   ? -3.62822  9.27320   -12.96248 1.000 42.98252 ? 371 HOH A O   1 
HETATM 1228 O O   . HOH C 3 .   ? -4.55439  -14.21750 -7.77237  1.000 44.79026 ? 372 HOH A O   1 
HETATM 1229 O O   . HOH C 3 .   ? 3.64385   -7.59558  -11.31467 1.000 49.03969 ? 373 HOH A O   1 
HETATM 1230 O O   . HOH C 3 .   ? -13.24833 12.78568  -9.28209  1.000 45.61123 ? 374 HOH A O   1 
HETATM 1231 O O   . HOH C 3 .   ? -2.88124  -19.10698 -3.55120  1.000 34.76701 ? 375 HOH A O   1 
HETATM 1232 O O   . HOH C 3 .   ? 2.06157   -14.07640 -9.02350  1.000 47.55379 ? 376 HOH A O   1 
HETATM 1233 O O   . HOH C 3 .   ? -5.75015  -22.34985 -1.72363  1.000 48.44451 ? 377 HOH A O   1 
HETATM 1234 O O   . HOH C 3 .   ? -5.91322  -4.13280  8.21605   1.000 43.70589 ? 378 HOH A O   1 
HETATM 1235 O O   . HOH C 3 .   ? 13.93847  -10.70555 9.30889   1.000 44.44068 ? 379 HOH A O   1 
HETATM 1236 O O   . HOH C 3 .   ? -8.19990  12.72365  -14.51238 1.000 48.01570 ? 380 HOH A O   1 
HETATM 1237 O O   . HOH C 3 .   ? -0.57235  2.08219   15.37945  1.000 54.89782 ? 381 HOH A O   1 
HETATM 1238 O O   . HOH C 3 .   ? -6.04719  -1.70469  8.25678   1.000 41.80901 ? 382 HOH A O   1 
HETATM 1239 O O   . HOH C 3 .   ? -6.82312  -11.80535 -12.77230 1.000 53.99983 ? 383 HOH A O   1 
# 
loop_
_pdbx_poly_seq_scheme.asym_id 
_pdbx_poly_seq_scheme.entity_id 
_pdbx_poly_seq_scheme.seq_id 
_pdbx_poly_seq_scheme.mon_id 
_pdbx_poly_seq_scheme.ndb_seq_num 
_pdbx_poly_seq_scheme.pdb_seq_num 
_pdbx_poly_seq_scheme.auth_seq_num 
_pdbx_poly_seq_scheme.pdb_mon_id 
_pdbx_poly_seq_scheme.auth_mon_id 
_pdbx_poly_seq_scheme.pdb_strand_id 
_pdbx_poly_seq_scheme.pdb_ins_code 
_pdbx_poly_seq_scheme.hetero 
A 1 1   MET 1   1   ?   ?   ?   A . n 
A 1 2   ALA 2   2   ?   ?   ?   A . n 
A 1 3   HIS 3   3   ?   ?   ?   A . n 
A 1 4   HIS 4   4   ?   ?   ?   A . n 
A 1 5   GLY 5   5   ?   ?   ?   A . n 
A 1 6   VAL 6   6   ?   ?   ?   A . n 
A 1 7   SER 7   7   ?   ?   ?   A . n 
A 1 8   GLY 8   8   8   GLY GLY A . n 
A 1 9   LEU 9   9   9   LEU LEU A . n 
A 1 10  VAL 10  10  10  VAL VAL A . n 
A 1 11  GLY 11  11  11  GLY GLY A . n 
A 1 12  LYS 12  12  12  LYS LYS A . n 
A 1 13  LEU 13  13  13  LEU LEU A . n 
A 1 14  VAL 14  14  14  VAL VAL A . n 
A 1 15  THR 15  15  15  THR THR A . n 
A 1 16  GLN 16  16  16  GLN GLN A . n 
A 1 17  LEU 17  17  17  LEU LEU A . n 
A 1 18  GLU 18  18  18  GLU GLU A . n 
A 1 19  VAL 19  19  19  VAL VAL A . n 
A 1 20  ASN 20  20  20  ASN ASN A . n 
A 1 21  CYS 21  21  21  CYS CYS A . n 
A 1 22  ASP 22  22  22  ASP ASP A . n 
A 1 23  ALA 23  23  23  ALA ALA A . n 
A 1 24  ASP 24  24  24  ASP ASP A . n 
A 1 25  ILE 25  25  25  ILE ILE A . n 
A 1 26  PHE 26  26  26  PHE PHE A . n 
A 1 27  TYR 27  27  27  TYR TYR A . n 
A 1 28  LYS 28  28  28  LYS LYS A . n 
A 1 29  ILE 29  29  29  ILE ILE A . n 
A 1 30  VAL 30  30  30  VAL VAL A . n 
A 1 31  LYS 31  31  31  LYS LYS A . n 
A 1 32  HIS 32  32  32  HIS HIS A . n 
A 1 33  HIS 33  33  33  HIS HIS A . n 
A 1 34  GLU 34  34  ?   ?   ?   A . n 
A 1 35  GLU 35  35  ?   ?   ?   A . n 
A 1 36  VAL 36  36  ?   ?   ?   A . n 
A 1 37  PRO 37  37  ?   ?   ?   A . n 
A 1 38  ASN 38  38  ?   ?   ?   A . n 
A 1 39  VAL 39  39  ?   ?   ?   A . n 
A 1 40  ILE 40  40  ?   ?   ?   A . n 
A 1 41  PRO 41  41  41  PRO PRO A . n 
A 1 42  HIS 42  42  42  HIS HIS A . n 
A 1 43  PHE 43  43  43  PHE PHE A . n 
A 1 44  PHE 44  44  44  PHE PHE A . n 
A 1 45  THR 45  45  45  THR THR A . n 
A 1 46  GLY 46  46  46  GLY GLY A . n 
A 1 47  VAL 47  47  47  VAL VAL A . n 
A 1 48  GLN 48  48  48  GLN GLN A . n 
A 1 49  VAL 49  49  49  VAL VAL A . n 
A 1 50  THR 50  50  50  THR THR A . n 
A 1 51  LYS 51  51  51  LYS LYS A . n 
A 1 52  GLY 52  52  52  GLY GLY A . n 
A 1 53  ASP 53  53  53  ASP ASP A . n 
A 1 54  GLY 54  54  54  GLY GLY A . n 
A 1 55  LEU 55  55  55  LEU LEU A . n 
A 1 56  VAL 56  56  56  VAL VAL A . n 
A 1 57  SER 57  57  57  SER SER A . n 
A 1 58  GLY 58  58  58  GLY GLY A . n 
A 1 59  CYS 59  59  59  CYS CYS A . n 
A 1 60  ILE 60  60  60  ILE ILE A . n 
A 1 61  LYS 61  61  61  LYS LYS A . n 
A 1 62  GLU 62  62  62  GLU GLU A . n 
A 1 63  TRP 63  63  63  TRP TRP A . n 
A 1 64  ASN 64  64  64  ASN ASN A . n 
A 1 65  TYR 65  65  65  TYR TYR A . n 
A 1 66  VAL 66  66  66  VAL VAL A . n 
A 1 67  LEU 67  67  67  LEU LEU A . n 
A 1 68  GLU 68  68  68  GLU GLU A . n 
A 1 69  GLY 69  69  69  GLY GLY A . n 
A 1 70  LYS 70  70  70  LYS LYS A . n 
A 1 71  ALA 71  71  71  ALA ALA A . n 
A 1 72  MET 72  72  72  MET MET A . n 
A 1 73  THR 73  73  73  THR THR A . n 
A 1 74  ALA 74  74  74  ALA ALA A . n 
A 1 75  VAL 75  75  75  VAL VAL A . n 
A 1 76  GLU 76  76  76  GLU GLU A . n 
A 1 77  GLU 77  77  77  GLU GLU A . n 
A 1 78  THR 78  78  78  THR THR A . n 
A 1 79  THR 79  79  79  THR THR A . n 
A 1 80  HIS 80  80  80  HIS HIS A . n 
A 1 81  ALA 81  81  81  ALA ALA A . n 
A 1 82  ASP 82  82  82  ASP ASP A . n 
A 1 83  GLU 83  83  83  GLU GLU A . n 
A 1 84  THR 84  84  84  THR THR A . n 
A 1 85  ARG 85  85  85  ARG ARG A . n 
A 1 86  THR 86  86  86  THR THR A . n 
A 1 87  LEU 87  87  87  LEU LEU A . n 
A 1 88  THR 88  88  88  THR THR A . n 
A 1 89  HIS 89  89  89  HIS HIS A . n 
A 1 90  HIS 90  90  90  HIS HIS A . n 
A 1 91  ILE 91  91  91  ILE ILE A . n 
A 1 92  THR 92  92  92  THR THR A . n 
A 1 93  GLU 93  93  93  GLU GLU A . n 
A 1 94  GLY 94  94  94  GLY GLY A . n 
A 1 95  ASP 95  95  95  ASP ASP A . n 
A 1 96  ALA 96  96  96  ALA ALA A . n 
A 1 97  MET 97  97  97  MET MET A . n 
A 1 98  LYS 98  98  98  LYS LYS A . n 
A 1 99  ASP 99  99  99  ASP ASP A . n 
A 1 100 TYR 100 100 100 TYR TYR A . n 
A 1 101 LYS 101 101 101 LYS LYS A . n 
A 1 102 LYS 102 102 102 LYS LYS A . n 
A 1 103 PHE 103 103 103 PHE PHE A . n 
A 1 104 ASP 104 104 104 ASP ASP A . n 
A 1 105 VAL 105 105 105 VAL VAL A . n 
A 1 106 ILE 106 106 106 ILE ILE A . n 
A 1 107 VAL 107 107 107 VAL VAL A . n 
A 1 108 GLU 108 108 108 GLU GLU A . n 
A 1 109 THR 109 109 109 THR THR A . n 
A 1 110 ASN 110 110 110 ASN ASN A . n 
A 1 111 PRO 111 111 111 PRO PRO A . n 
A 1 112 LYS 112 112 112 LYS LYS A . n 
A 1 113 PRO 113 113 113 PRO PRO A . n 
A 1 114 ASN 114 114 114 ASN ASN A . n 
A 1 115 GLY 115 115 115 GLY GLY A . n 
A 1 116 HIS 116 116 116 HIS HIS A . n 
A 1 117 GLY 117 117 117 GLY GLY A . n 
A 1 118 SER 118 118 118 SER SER A . n 
A 1 119 VAL 119 119 119 VAL VAL A . n 
A 1 120 VAL 120 120 120 VAL VAL A . n 
A 1 121 THR 121 121 121 THR THR A . n 
A 1 122 TYR 122 122 122 TYR TYR A . n 
A 1 123 SER 123 123 123 SER SER A . n 
A 1 124 ILE 124 124 124 ILE ILE A . n 
A 1 125 VAL 125 125 125 VAL VAL A . n 
A 1 126 TYR 126 126 126 TYR TYR A . n 
A 1 127 GLU 127 127 127 GLU GLU A . n 
A 1 128 LYS 128 128 128 LYS LYS A . n 
A 1 129 ILE 129 129 129 ILE ILE A . n 
A 1 130 ASN 130 130 130 ASN ASN A . n 
A 1 131 GLU 131 131 131 GLU GLU A . n 
A 1 132 ASP 132 132 132 ASP ASP A . n 
A 1 133 SER 133 133 133 SER SER A . n 
A 1 134 PRO 134 134 134 PRO PRO A . n 
A 1 135 ALA 135 135 135 ALA ALA A . n 
A 1 136 PRO 136 136 136 PRO PRO A . n 
A 1 137 PHE 137 137 137 PHE PHE A . n 
A 1 138 ASP 138 138 138 ASP ASP A . n 
A 1 139 TYR 139 139 139 TYR TYR A . n 
A 1 140 LEU 140 140 140 LEU LEU A . n 
A 1 141 LYS 141 141 141 LYS LYS A . n 
A 1 142 PHE 142 142 142 PHE PHE A . n 
A 1 143 PHE 143 143 143 PHE PHE A . n 
A 1 144 HIS 144 144 144 HIS HIS A . n 
A 1 145 GLN 145 145 145 GLN GLN A . n 
A 1 146 ASN 146 146 146 ASN ASN A . n 
A 1 147 ILE 147 147 147 ILE ILE A . n 
A 1 148 VAL 148 148 148 VAL VAL A . n 
A 1 149 ASP 149 149 149 ASP ASP A . n 
A 1 150 MET 150 150 150 MET MET A . n 
A 1 151 SER 151 151 151 SER SER A . n 
A 1 152 ALA 152 152 152 ALA ALA A . n 
A 1 153 HIS 153 153 153 HIS HIS A . n 
A 1 154 ILE 154 154 154 ILE ILE A . n 
A 1 155 CYS 155 155 155 CYS CYS A . n 
A 1 156 SER 156 156 156 SER SER A . n 
A 1 157 SER 157 157 ?   ?   ?   A . n 
A 1 158 ALA 158 158 ?   ?   ?   A . n 
# 
_pdbx_contact_author.id                 3 
_pdbx_contact_author.email              Kenneth.ng@uwindsor.ca 
_pdbx_contact_author.name_first         Kenneth 
_pdbx_contact_author.name_last          Ng 
_pdbx_contact_author.name_mi            K.S. 
_pdbx_contact_author.role               'principal investigator/group leader' 
_pdbx_contact_author.identifier_ORCID   0000-0001-7280-8445 
# 
loop_
_pdbx_nonpoly_scheme.asym_id 
_pdbx_nonpoly_scheme.entity_id 
_pdbx_nonpoly_scheme.mon_id 
_pdbx_nonpoly_scheme.ndb_seq_num 
_pdbx_nonpoly_scheme.pdb_seq_num 
_pdbx_nonpoly_scheme.auth_seq_num 
_pdbx_nonpoly_scheme.pdb_mon_id 
_pdbx_nonpoly_scheme.auth_mon_id 
_pdbx_nonpoly_scheme.pdb_strand_id 
_pdbx_nonpoly_scheme.pdb_ins_code 
B 2 S9T 1  201 201 S9T S9T A . 
C 3 HOH 1  301 344 HOH HOH A . 
C 3 HOH 2  302 366 HOH HOH A . 
C 3 HOH 3  303 338 HOH HOH A . 
C 3 HOH 4  304 378 HOH HOH A . 
C 3 HOH 5  305 374 HOH HOH A . 
C 3 HOH 6  306 379 HOH HOH A . 
C 3 HOH 7  307 373 HOH HOH A . 
C 3 HOH 8  308 341 HOH HOH A . 
C 3 HOH 9  309 350 HOH HOH A . 
C 3 HOH 10 310 328 HOH HOH A . 
C 3 HOH 11 311 332 HOH HOH A . 
C 3 HOH 12 312 337 HOH HOH A . 
C 3 HOH 13 313 318 HOH HOH A . 
C 3 HOH 14 314 315 HOH HOH A . 
C 3 HOH 15 315 369 HOH HOH A . 
C 3 HOH 16 316 301 HOH HOH A . 
C 3 HOH 17 317 324 HOH HOH A . 
C 3 HOH 18 318 306 HOH HOH A . 
C 3 HOH 19 319 363 HOH HOH A . 
C 3 HOH 20 320 309 HOH HOH A . 
C 3 HOH 21 321 302 HOH HOH A . 
C 3 HOH 22 322 308 HOH HOH A . 
C 3 HOH 23 323 368 HOH HOH A . 
C 3 HOH 24 324 370 HOH HOH A . 
C 3 HOH 25 325 342 HOH HOH A . 
C 3 HOH 26 326 340 HOH HOH A . 
C 3 HOH 27 327 372 HOH HOH A . 
C 3 HOH 28 328 312 HOH HOH A . 
C 3 HOH 29 329 375 HOH HOH A . 
C 3 HOH 30 330 314 HOH HOH A . 
C 3 HOH 31 331 376 HOH HOH A . 
C 3 HOH 32 332 382 HOH HOH A . 
C 3 HOH 33 333 325 HOH HOH A . 
C 3 HOH 34 334 336 HOH HOH A . 
C 3 HOH 35 335 329 HOH HOH A . 
C 3 HOH 36 336 335 HOH HOH A . 
C 3 HOH 37 337 303 HOH HOH A . 
C 3 HOH 38 338 326 HOH HOH A . 
C 3 HOH 39 339 346 HOH HOH A . 
C 3 HOH 40 340 307 HOH HOH A . 
C 3 HOH 41 341 319 HOH HOH A . 
C 3 HOH 42 342 345 HOH HOH A . 
C 3 HOH 43 343 316 HOH HOH A . 
C 3 HOH 44 344 381 HOH HOH A . 
C 3 HOH 45 345 362 HOH HOH A . 
C 3 HOH 46 346 371 HOH HOH A . 
C 3 HOH 47 347 304 HOH HOH A . 
C 3 HOH 48 348 317 HOH HOH A . 
C 3 HOH 49 349 359 HOH HOH A . 
C 3 HOH 50 350 327 HOH HOH A . 
C 3 HOH 51 351 323 HOH HOH A . 
C 3 HOH 52 352 383 HOH HOH A . 
C 3 HOH 53 353 305 HOH HOH A . 
C 3 HOH 54 354 322 HOH HOH A . 
C 3 HOH 55 355 313 HOH HOH A . 
C 3 HOH 56 356 343 HOH HOH A . 
C 3 HOH 57 357 349 HOH HOH A . 
C 3 HOH 58 358 334 HOH HOH A . 
C 3 HOH 59 359 320 HOH HOH A . 
C 3 HOH 60 360 321 HOH HOH A . 
C 3 HOH 61 361 354 HOH HOH A . 
C 3 HOH 62 362 310 HOH HOH A . 
C 3 HOH 63 363 357 HOH HOH A . 
C 3 HOH 64 364 351 HOH HOH A . 
C 3 HOH 65 365 377 HOH HOH A . 
C 3 HOH 66 366 353 HOH HOH A . 
C 3 HOH 67 367 380 HOH HOH A . 
C 3 HOH 68 368 311 HOH HOH A . 
C 3 HOH 69 369 367 HOH HOH A . 
C 3 HOH 70 370 356 HOH HOH A . 
C 3 HOH 71 371 339 HOH HOH A . 
C 3 HOH 72 372 358 HOH HOH A . 
C 3 HOH 73 373 330 HOH HOH A . 
C 3 HOH 74 374 361 HOH HOH A . 
C 3 HOH 75 375 352 HOH HOH A . 
C 3 HOH 76 376 331 HOH HOH A . 
C 3 HOH 77 377 348 HOH HOH A . 
C 3 HOH 78 378 364 HOH HOH A . 
C 3 HOH 79 379 360 HOH HOH A . 
C 3 HOH 80 380 355 HOH HOH A . 
C 3 HOH 81 381 347 HOH HOH A . 
C 3 HOH 82 382 365 HOH HOH A . 
C 3 HOH 83 383 333 HOH HOH A . 
# 
_pdbx_struct_assembly.id                   1 
_pdbx_struct_assembly.details              author_and_software_defined_assembly 
_pdbx_struct_assembly.method_details       PISA 
_pdbx_struct_assembly.oligomeric_details   dimeric 
_pdbx_struct_assembly.oligomeric_count     2 
# 
_pdbx_struct_assembly_gen.assembly_id       1 
_pdbx_struct_assembly_gen.oper_expression   1,2 
_pdbx_struct_assembly_gen.asym_id_list      A,B,C 
# 
loop_
_pdbx_struct_assembly_prop.biol_id 
_pdbx_struct_assembly_prop.type 
_pdbx_struct_assembly_prop.value 
_pdbx_struct_assembly_prop.details 
1 'ABSA (A^2)' 1590  ? 
1 MORE         -8    ? 
1 'SSA (A^2)'  15330 ? 
# 
loop_
_pdbx_struct_oper_list.id 
_pdbx_struct_oper_list.type 
_pdbx_struct_oper_list.name 
_pdbx_struct_oper_list.symmetry_operation 
_pdbx_struct_oper_list.matrix[1][1] 
_pdbx_struct_oper_list.matrix[1][2] 
_pdbx_struct_oper_list.matrix[1][3] 
_pdbx_struct_oper_list.vector[1] 
_pdbx_struct_oper_list.matrix[2][1] 
_pdbx_struct_oper_list.matrix[2][2] 
_pdbx_struct_oper_list.matrix[2][3] 
_pdbx_struct_oper_list.vector[2] 
_pdbx_struct_oper_list.matrix[3][1] 
_pdbx_struct_oper_list.matrix[3][2] 
_pdbx_struct_oper_list.matrix[3][3] 
_pdbx_struct_oper_list.vector[3] 
1 'identity operation'         1_555 x,y,z       1.0000000000  0.0000000000 0.0000000000 0.0000000000 0.0000000000 1.0000000000  0.0000000000 0.0000000000   0.0000000000 0.0000000000 1.0000000000 0.0000000000 
2 'crystal symmetry operation' 3_555 -x,y,-z+1/2 -0.9878954963 0.0453446350 0.1483453822 9.4999740159 0.0453446350 -0.8301346361 0.5557160697 -23.9811239241 0.1483453822 0.5557160697 0.8180301324 6.5551271373 
# 
loop_
_pdbx_audit_revision_history.ordinal 
_pdbx_audit_revision_history.data_content_type 
_pdbx_audit_revision_history.major_revision 
_pdbx_audit_revision_history.minor_revision 
_pdbx_audit_revision_history.revision_date 
1 'Structure model' 1 0 2023-03-01 
2 'Structure model' 1 1 2023-10-25 
# 
_pdbx_audit_revision_details.ordinal             1 
_pdbx_audit_revision_details.revision_ordinal    1 
_pdbx_audit_revision_details.data_content_type   'Structure model' 
_pdbx_audit_revision_details.provider            repository 
_pdbx_audit_revision_details.type                'Initial release' 
_pdbx_audit_revision_details.description         ? 
_pdbx_audit_revision_details.details             ? 
# 
loop_
_pdbx_audit_revision_group.ordinal 
_pdbx_audit_revision_group.revision_ordinal 
_pdbx_audit_revision_group.data_content_type 
_pdbx_audit_revision_group.group 
1 2 'Structure model' 'Data collection'        
2 2 'Structure model' 'Refinement description' 
# 
loop_
_pdbx_audit_revision_category.ordinal 
_pdbx_audit_revision_category.revision_ordinal 
_pdbx_audit_revision_category.data_content_type 
_pdbx_audit_revision_category.category 
1 2 'Structure model' chem_comp_atom                
2 2 'Structure model' chem_comp_bond                
3 2 'Structure model' pdbx_initial_refinement_model 
# 
loop_
_space_group_symop.id 
_space_group_symop.operation_xyz 
1 x,y,z               
2 x,-y,-z             
3 -x,y,-z+1/2         
4 -x,-y,z+1/2         
5 x+1/2,y+1/2,z       
6 x+1/2,-y+1/2,-z     
7 -x+1/2,y+1/2,-z+1/2 
8 -x+1/2,-y+1/2,z+1/2 
# 
loop_
_software.citation_id 
_software.classification 
_software.compiler_name 
_software.compiler_version 
_software.contact_author 
_software.contact_author_email 
_software.date 
_software.description 
_software.dependencies 
_software.hardware 
_software.language 
_software.location 
_software.mods 
_software.name 
_software.os 
_software.os_version 
_software.type 
_software.version 
_software.pdbx_ordinal 
? 'data collection' ? ? ? ? ? ? ? ? ? ? ? Blu-Ice ? ? ? 1.18.2_3874 1 
? refinement        ? ? ? ? ? ? ? ? ? ? ? PHENIX  ? ? ? 1.18.2_3874 2 
? 'data collection' ? ? ? ? ? ? ? ? ? ? ? Blu-Ice ? ? ? .           3 
? 'data reduction'  ? ? ? ? ? ? ? ? ? ? ? XDS     ? ? ? .           4 
? 'data scaling'    ? ? ? ? ? ? ? ? ? ? ? XSCALE  ? ? ? .           5 
? phasing           ? ? ? ? ? ? ? ? ? ? ? PHASER  ? ? ? .           6 
# 
_pdbx_entry_details.entry_id                 7UQO 
_pdbx_entry_details.has_ligand_of_interest   Y 
_pdbx_entry_details.compound_details         ? 
_pdbx_entry_details.source_details           ? 
_pdbx_entry_details.nonpolymer_details       ? 
_pdbx_entry_details.sequence_details         ? 
# 
loop_
_pdbx_validate_torsion.id 
_pdbx_validate_torsion.PDB_model_num 
_pdbx_validate_torsion.auth_comp_id 
_pdbx_validate_torsion.auth_asym_id 
_pdbx_validate_torsion.auth_seq_id 
_pdbx_validate_torsion.PDB_ins_code 
_pdbx_validate_torsion.label_alt_id 
_pdbx_validate_torsion.phi 
_pdbx_validate_torsion.psi 
1 1 ASN A 114 ? ? -58.78 -9.84  
2 1 HIS A 116 ? ? -90.01 -72.75 
# 
loop_
_pdbx_unobs_or_zero_occ_residues.id 
_pdbx_unobs_or_zero_occ_residues.PDB_model_num 
_pdbx_unobs_or_zero_occ_residues.polymer_flag 
_pdbx_unobs_or_zero_occ_residues.occupancy_flag 
_pdbx_unobs_or_zero_occ_residues.auth_asym_id 
_pdbx_unobs_or_zero_occ_residues.auth_comp_id 
_pdbx_unobs_or_zero_occ_residues.auth_seq_id 
_pdbx_unobs_or_zero_occ_residues.PDB_ins_code 
_pdbx_unobs_or_zero_occ_residues.label_asym_id 
_pdbx_unobs_or_zero_occ_residues.label_comp_id 
_pdbx_unobs_or_zero_occ_residues.label_seq_id 
1  1 Y 1 A MET 1   ? A MET 1   
2  1 Y 1 A ALA 2   ? A ALA 2   
3  1 Y 1 A HIS 3   ? A HIS 3   
4  1 Y 1 A HIS 4   ? A HIS 4   
5  1 Y 1 A GLY 5   ? A GLY 5   
6  1 Y 1 A VAL 6   ? A VAL 6   
7  1 Y 1 A SER 7   ? A SER 7   
8  1 Y 1 A GLU 34  ? A GLU 34  
9  1 Y 1 A GLU 35  ? A GLU 35  
10 1 Y 1 A VAL 36  ? A VAL 36  
11 1 Y 1 A PRO 37  ? A PRO 37  
12 1 Y 1 A ASN 38  ? A ASN 38  
13 1 Y 1 A VAL 39  ? A VAL 39  
14 1 Y 1 A ILE 40  ? A ILE 40  
15 1 Y 1 A SER 157 ? A SER 157 
16 1 Y 1 A ALA 158 ? A ALA 158 
# 
loop_
_chem_comp_atom.comp_id 
_chem_comp_atom.atom_id 
_chem_comp_atom.type_symbol 
_chem_comp_atom.pdbx_aromatic_flag 
_chem_comp_atom.pdbx_stereo_config 
_chem_comp_atom.pdbx_ordinal 
ALA N    N N N 1   
ALA CA   C N S 2   
ALA C    C N N 3   
ALA O    O N N 4   
ALA CB   C N N 5   
ALA OXT  O N N 6   
ALA H    H N N 7   
ALA H2   H N N 8   
ALA HA   H N N 9   
ALA HB1  H N N 10  
ALA HB2  H N N 11  
ALA HB3  H N N 12  
ALA HXT  H N N 13  
ARG N    N N N 14  
ARG CA   C N S 15  
ARG C    C N N 16  
ARG O    O N N 17  
ARG CB   C N N 18  
ARG CG   C N N 19  
ARG CD   C N N 20  
ARG NE   N N N 21  
ARG CZ   C N N 22  
ARG NH1  N N N 23  
ARG NH2  N N N 24  
ARG OXT  O N N 25  
ARG H    H N N 26  
ARG H2   H N N 27  
ARG HA   H N N 28  
ARG HB2  H N N 29  
ARG HB3  H N N 30  
ARG HG2  H N N 31  
ARG HG3  H N N 32  
ARG HD2  H N N 33  
ARG HD3  H N N 34  
ARG HE   H N N 35  
ARG HH11 H N N 36  
ARG HH12 H N N 37  
ARG HH21 H N N 38  
ARG HH22 H N N 39  
ARG HXT  H N N 40  
ASN N    N N N 41  
ASN CA   C N S 42  
ASN C    C N N 43  
ASN O    O N N 44  
ASN CB   C N N 45  
ASN CG   C N N 46  
ASN OD1  O N N 47  
ASN ND2  N N N 48  
ASN OXT  O N N 49  
ASN H    H N N 50  
ASN H2   H N N 51  
ASN HA   H N N 52  
ASN HB2  H N N 53  
ASN HB3  H N N 54  
ASN HD21 H N N 55  
ASN HD22 H N N 56  
ASN HXT  H N N 57  
ASP N    N N N 58  
ASP CA   C N S 59  
ASP C    C N N 60  
ASP O    O N N 61  
ASP CB   C N N 62  
ASP CG   C N N 63  
ASP OD1  O N N 64  
ASP OD2  O N N 65  
ASP OXT  O N N 66  
ASP H    H N N 67  
ASP H2   H N N 68  
ASP HA   H N N 69  
ASP HB2  H N N 70  
ASP HB3  H N N 71  
ASP HD2  H N N 72  
ASP HXT  H N N 73  
CYS N    N N N 74  
CYS CA   C N R 75  
CYS C    C N N 76  
CYS O    O N N 77  
CYS CB   C N N 78  
CYS SG   S N N 79  
CYS OXT  O N N 80  
CYS H    H N N 81  
CYS H2   H N N 82  
CYS HA   H N N 83  
CYS HB2  H N N 84  
CYS HB3  H N N 85  
CYS HG   H N N 86  
CYS HXT  H N N 87  
GLN N    N N N 88  
GLN CA   C N S 89  
GLN C    C N N 90  
GLN O    O N N 91  
GLN CB   C N N 92  
GLN CG   C N N 93  
GLN CD   C N N 94  
GLN OE1  O N N 95  
GLN NE2  N N N 96  
GLN OXT  O N N 97  
GLN H    H N N 98  
GLN H2   H N N 99  
GLN HA   H N N 100 
GLN HB2  H N N 101 
GLN HB3  H N N 102 
GLN HG2  H N N 103 
GLN HG3  H N N 104 
GLN HE21 H N N 105 
GLN HE22 H N N 106 
GLN HXT  H N N 107 
GLU N    N N N 108 
GLU CA   C N S 109 
GLU C    C N N 110 
GLU O    O N N 111 
GLU CB   C N N 112 
GLU CG   C N N 113 
GLU CD   C N N 114 
GLU OE1  O N N 115 
GLU OE2  O N N 116 
GLU OXT  O N N 117 
GLU H    H N N 118 
GLU H2   H N N 119 
GLU HA   H N N 120 
GLU HB2  H N N 121 
GLU HB3  H N N 122 
GLU HG2  H N N 123 
GLU HG3  H N N 124 
GLU HE2  H N N 125 
GLU HXT  H N N 126 
GLY N    N N N 127 
GLY CA   C N N 128 
GLY C    C N N 129 
GLY O    O N N 130 
GLY OXT  O N N 131 
GLY H    H N N 132 
GLY H2   H N N 133 
GLY HA2  H N N 134 
GLY HA3  H N N 135 
GLY HXT  H N N 136 
HIS N    N N N 137 
HIS CA   C N S 138 
HIS C    C N N 139 
HIS O    O N N 140 
HIS CB   C N N 141 
HIS CG   C Y N 142 
HIS ND1  N Y N 143 
HIS CD2  C Y N 144 
HIS CE1  C Y N 145 
HIS NE2  N Y N 146 
HIS OXT  O N N 147 
HIS H    H N N 148 
HIS H2   H N N 149 
HIS HA   H N N 150 
HIS HB2  H N N 151 
HIS HB3  H N N 152 
HIS HD1  H N N 153 
HIS HD2  H N N 154 
HIS HE1  H N N 155 
HIS HE2  H N N 156 
HIS HXT  H N N 157 
HOH O    O N N 158 
HOH H1   H N N 159 
HOH H2   H N N 160 
ILE N    N N N 161 
ILE CA   C N S 162 
ILE C    C N N 163 
ILE O    O N N 164 
ILE CB   C N S 165 
ILE CG1  C N N 166 
ILE CG2  C N N 167 
ILE CD1  C N N 168 
ILE OXT  O N N 169 
ILE H    H N N 170 
ILE H2   H N N 171 
ILE HA   H N N 172 
ILE HB   H N N 173 
ILE HG12 H N N 174 
ILE HG13 H N N 175 
ILE HG21 H N N 176 
ILE HG22 H N N 177 
ILE HG23 H N N 178 
ILE HD11 H N N 179 
ILE HD12 H N N 180 
ILE HD13 H N N 181 
ILE HXT  H N N 182 
LEU N    N N N 183 
LEU CA   C N S 184 
LEU C    C N N 185 
LEU O    O N N 186 
LEU CB   C N N 187 
LEU CG   C N N 188 
LEU CD1  C N N 189 
LEU CD2  C N N 190 
LEU OXT  O N N 191 
LEU H    H N N 192 
LEU H2   H N N 193 
LEU HA   H N N 194 
LEU HB2  H N N 195 
LEU HB3  H N N 196 
LEU HG   H N N 197 
LEU HD11 H N N 198 
LEU HD12 H N N 199 
LEU HD13 H N N 200 
LEU HD21 H N N 201 
LEU HD22 H N N 202 
LEU HD23 H N N 203 
LEU HXT  H N N 204 
LYS N    N N N 205 
LYS CA   C N S 206 
LYS C    C N N 207 
LYS O    O N N 208 
LYS CB   C N N 209 
LYS CG   C N N 210 
LYS CD   C N N 211 
LYS CE   C N N 212 
LYS NZ   N N N 213 
LYS OXT  O N N 214 
LYS H    H N N 215 
LYS H2   H N N 216 
LYS HA   H N N 217 
LYS HB2  H N N 218 
LYS HB3  H N N 219 
LYS HG2  H N N 220 
LYS HG3  H N N 221 
LYS HD2  H N N 222 
LYS HD3  H N N 223 
LYS HE2  H N N 224 
LYS HE3  H N N 225 
LYS HZ1  H N N 226 
LYS HZ2  H N N 227 
LYS HZ3  H N N 228 
LYS HXT  H N N 229 
MET N    N N N 230 
MET CA   C N S 231 
MET C    C N N 232 
MET O    O N N 233 
MET CB   C N N 234 
MET CG   C N N 235 
MET SD   S N N 236 
MET CE   C N N 237 
MET OXT  O N N 238 
MET H    H N N 239 
MET H2   H N N 240 
MET HA   H N N 241 
MET HB2  H N N 242 
MET HB3  H N N 243 
MET HG2  H N N 244 
MET HG3  H N N 245 
MET HE1  H N N 246 
MET HE2  H N N 247 
MET HE3  H N N 248 
MET HXT  H N N 249 
PHE N    N N N 250 
PHE CA   C N S 251 
PHE C    C N N 252 
PHE O    O N N 253 
PHE CB   C N N 254 
PHE CG   C Y N 255 
PHE CD1  C Y N 256 
PHE CD2  C Y N 257 
PHE CE1  C Y N 258 
PHE CE2  C Y N 259 
PHE CZ   C Y N 260 
PHE OXT  O N N 261 
PHE H    H N N 262 
PHE H2   H N N 263 
PHE HA   H N N 264 
PHE HB2  H N N 265 
PHE HB3  H N N 266 
PHE HD1  H N N 267 
PHE HD2  H N N 268 
PHE HE1  H N N 269 
PHE HE2  H N N 270 
PHE HZ   H N N 271 
PHE HXT  H N N 272 
PRO N    N N N 273 
PRO CA   C N S 274 
PRO C    C N N 275 
PRO O    O N N 276 
PRO CB   C N N 277 
PRO CG   C N N 278 
PRO CD   C N N 279 
PRO OXT  O N N 280 
PRO H    H N N 281 
PRO HA   H N N 282 
PRO HB2  H N N 283 
PRO HB3  H N N 284 
PRO HG2  H N N 285 
PRO HG3  H N N 286 
PRO HD2  H N N 287 
PRO HD3  H N N 288 
PRO HXT  H N N 289 
S9T C21  C N N 290 
S9T O19  O N N 291 
S9T C6   C Y N 292 
S9T C5   C Y N 293 
S9T O18  O N N 294 
S9T C20  C N N 295 
S9T C4   C Y N 296 
S9T C3   C Y N 297 
S9T C7   C Y N 298 
S9T C8   C Y N 299 
S9T C9   C N S 300 
S9T C11  C N N 301 
S9T C12  C Y N 302 
S9T N10  N N N 303 
S9T C1   C N N 304 
S9T C2   C N N 305 
S9T C17  C Y N 306 
S9T C16  C Y N 307 
S9T C15  C Y N 308 
S9T O23  O N N 309 
S9T C25  C N N 310 
S9T C14  C Y N 311 
S9T C13  C Y N 312 
S9T O22  O N N 313 
S9T C24  C N N 314 
S9T H1   H N N 315 
S9T H2   H N N 316 
S9T H3   H N N 317 
S9T H4   H N N 318 
S9T H5   H N N 319 
S9T H6   H N N 320 
S9T H7   H N N 321 
S9T H8   H N N 322 
S9T H9   H N N 323 
S9T H10  H N N 324 
S9T H11  H N N 325 
S9T H12  H N N 326 
S9T H14  H N N 327 
S9T H15  H N N 328 
S9T H16  H N N 329 
S9T H17  H N N 330 
S9T H18  H N N 331 
S9T H19  H N N 332 
S9T H20  H N N 333 
S9T H21  H N N 334 
S9T H22  H N N 335 
S9T H23  H N N 336 
S9T H24  H N N 337 
S9T H25  H N N 338 
S9T H26  H N N 339 
SER N    N N N 340 
SER CA   C N S 341 
SER C    C N N 342 
SER O    O N N 343 
SER CB   C N N 344 
SER OG   O N N 345 
SER OXT  O N N 346 
SER H    H N N 347 
SER H2   H N N 348 
SER HA   H N N 349 
SER HB2  H N N 350 
SER HB3  H N N 351 
SER HG   H N N 352 
SER HXT  H N N 353 
THR N    N N N 354 
THR CA   C N S 355 
THR C    C N N 356 
THR O    O N N 357 
THR CB   C N R 358 
THR OG1  O N N 359 
THR CG2  C N N 360 
THR OXT  O N N 361 
THR H    H N N 362 
THR H2   H N N 363 
THR HA   H N N 364 
THR HB   H N N 365 
THR HG1  H N N 366 
THR HG21 H N N 367 
THR HG22 H N N 368 
THR HG23 H N N 369 
THR HXT  H N N 370 
TRP N    N N N 371 
TRP CA   C N S 372 
TRP C    C N N 373 
TRP O    O N N 374 
TRP CB   C N N 375 
TRP CG   C Y N 376 
TRP CD1  C Y N 377 
TRP CD2  C Y N 378 
TRP NE1  N Y N 379 
TRP CE2  C Y N 380 
TRP CE3  C Y N 381 
TRP CZ2  C Y N 382 
TRP CZ3  C Y N 383 
TRP CH2  C Y N 384 
TRP OXT  O N N 385 
TRP H    H N N 386 
TRP H2   H N N 387 
TRP HA   H N N 388 
TRP HB2  H N N 389 
TRP HB3  H N N 390 
TRP HD1  H N N 391 
TRP HE1  H N N 392 
TRP HE3  H N N 393 
TRP HZ2  H N N 394 
TRP HZ3  H N N 395 
TRP HH2  H N N 396 
TRP HXT  H N N 397 
TYR N    N N N 398 
TYR CA   C N S 399 
TYR C    C N N 400 
TYR O    O N N 401 
TYR CB   C N N 402 
TYR CG   C Y N 403 
TYR CD1  C Y N 404 
TYR CD2  C Y N 405 
TYR CE1  C Y N 406 
TYR CE2  C Y N 407 
TYR CZ   C Y N 408 
TYR OH   O N N 409 
TYR OXT  O N N 410 
TYR H    H N N 411 
TYR H2   H N N 412 
TYR HA   H N N 413 
TYR HB2  H N N 414 
TYR HB3  H N N 415 
TYR HD1  H N N 416 
TYR HD2  H N N 417 
TYR HE1  H N N 418 
TYR HE2  H N N 419 
TYR HH   H N N 420 
TYR HXT  H N N 421 
VAL N    N N N 422 
VAL CA   C N S 423 
VAL C    C N N 424 
VAL O    O N N 425 
VAL CB   C N N 426 
VAL CG1  C N N 427 
VAL CG2  C N N 428 
VAL OXT  O N N 429 
VAL H    H N N 430 
VAL H2   H N N 431 
VAL HA   H N N 432 
VAL HB   H N N 433 
VAL HG11 H N N 434 
VAL HG12 H N N 435 
VAL HG13 H N N 436 
VAL HG21 H N N 437 
VAL HG22 H N N 438 
VAL HG23 H N N 439 
VAL HXT  H N N 440 
# 
loop_
_chem_comp_bond.comp_id 
_chem_comp_bond.atom_id_1 
_chem_comp_bond.atom_id_2 
_chem_comp_bond.value_order 
_chem_comp_bond.pdbx_aromatic_flag 
_chem_comp_bond.pdbx_stereo_config 
_chem_comp_bond.pdbx_ordinal 
ALA N   CA   sing N N 1   
ALA N   H    sing N N 2   
ALA N   H2   sing N N 3   
ALA CA  C    sing N N 4   
ALA CA  CB   sing N N 5   
ALA CA  HA   sing N N 6   
ALA C   O    doub N N 7   
ALA C   OXT  sing N N 8   
ALA CB  HB1  sing N N 9   
ALA CB  HB2  sing N N 10  
ALA CB  HB3  sing N N 11  
ALA OXT HXT  sing N N 12  
ARG N   CA   sing N N 13  
ARG N   H    sing N N 14  
ARG N   H2   sing N N 15  
ARG CA  C    sing N N 16  
ARG CA  CB   sing N N 17  
ARG CA  HA   sing N N 18  
ARG C   O    doub N N 19  
ARG C   OXT  sing N N 20  
ARG CB  CG   sing N N 21  
ARG CB  HB2  sing N N 22  
ARG CB  HB3  sing N N 23  
ARG CG  CD   sing N N 24  
ARG CG  HG2  sing N N 25  
ARG CG  HG3  sing N N 26  
ARG CD  NE   sing N N 27  
ARG CD  HD2  sing N N 28  
ARG CD  HD3  sing N N 29  
ARG NE  CZ   sing N N 30  
ARG NE  HE   sing N N 31  
ARG CZ  NH1  sing N N 32  
ARG CZ  NH2  doub N N 33  
ARG NH1 HH11 sing N N 34  
ARG NH1 HH12 sing N N 35  
ARG NH2 HH21 sing N N 36  
ARG NH2 HH22 sing N N 37  
ARG OXT HXT  sing N N 38  
ASN N   CA   sing N N 39  
ASN N   H    sing N N 40  
ASN N   H2   sing N N 41  
ASN CA  C    sing N N 42  
ASN CA  CB   sing N N 43  
ASN CA  HA   sing N N 44  
ASN C   O    doub N N 45  
ASN C   OXT  sing N N 46  
ASN CB  CG   sing N N 47  
ASN CB  HB2  sing N N 48  
ASN CB  HB3  sing N N 49  
ASN CG  OD1  doub N N 50  
ASN CG  ND2  sing N N 51  
ASN ND2 HD21 sing N N 52  
ASN ND2 HD22 sing N N 53  
ASN OXT HXT  sing N N 54  
ASP N   CA   sing N N 55  
ASP N   H    sing N N 56  
ASP N   H2   sing N N 57  
ASP CA  C    sing N N 58  
ASP CA  CB   sing N N 59  
ASP CA  HA   sing N N 60  
ASP C   O    doub N N 61  
ASP C   OXT  sing N N 62  
ASP CB  CG   sing N N 63  
ASP CB  HB2  sing N N 64  
ASP CB  HB3  sing N N 65  
ASP CG  OD1  doub N N 66  
ASP CG  OD2  sing N N 67  
ASP OD2 HD2  sing N N 68  
ASP OXT HXT  sing N N 69  
CYS N   CA   sing N N 70  
CYS N   H    sing N N 71  
CYS N   H2   sing N N 72  
CYS CA  C    sing N N 73  
CYS CA  CB   sing N N 74  
CYS CA  HA   sing N N 75  
CYS C   O    doub N N 76  
CYS C   OXT  sing N N 77  
CYS CB  SG   sing N N 78  
CYS CB  HB2  sing N N 79  
CYS CB  HB3  sing N N 80  
CYS SG  HG   sing N N 81  
CYS OXT HXT  sing N N 82  
GLN N   CA   sing N N 83  
GLN N   H    sing N N 84  
GLN N   H2   sing N N 85  
GLN CA  C    sing N N 86  
GLN CA  CB   sing N N 87  
GLN CA  HA   sing N N 88  
GLN C   O    doub N N 89  
GLN C   OXT  sing N N 90  
GLN CB  CG   sing N N 91  
GLN CB  HB2  sing N N 92  
GLN CB  HB3  sing N N 93  
GLN CG  CD   sing N N 94  
GLN CG  HG2  sing N N 95  
GLN CG  HG3  sing N N 96  
GLN CD  OE1  doub N N 97  
GLN CD  NE2  sing N N 98  
GLN NE2 HE21 sing N N 99  
GLN NE2 HE22 sing N N 100 
GLN OXT HXT  sing N N 101 
GLU N   CA   sing N N 102 
GLU N   H    sing N N 103 
GLU N   H2   sing N N 104 
GLU CA  C    sing N N 105 
GLU CA  CB   sing N N 106 
GLU CA  HA   sing N N 107 
GLU C   O    doub N N 108 
GLU C   OXT  sing N N 109 
GLU CB  CG   sing N N 110 
GLU CB  HB2  sing N N 111 
GLU CB  HB3  sing N N 112 
GLU CG  CD   sing N N 113 
GLU CG  HG2  sing N N 114 
GLU CG  HG3  sing N N 115 
GLU CD  OE1  doub N N 116 
GLU CD  OE2  sing N N 117 
GLU OE2 HE2  sing N N 118 
GLU OXT HXT  sing N N 119 
GLY N   CA   sing N N 120 
GLY N   H    sing N N 121 
GLY N   H2   sing N N 122 
GLY CA  C    sing N N 123 
GLY CA  HA2  sing N N 124 
GLY CA  HA3  sing N N 125 
GLY C   O    doub N N 126 
GLY C   OXT  sing N N 127 
GLY OXT HXT  sing N N 128 
HIS N   CA   sing N N 129 
HIS N   H    sing N N 130 
HIS N   H2   sing N N 131 
HIS CA  C    sing N N 132 
HIS CA  CB   sing N N 133 
HIS CA  HA   sing N N 134 
HIS C   O    doub N N 135 
HIS C   OXT  sing N N 136 
HIS CB  CG   sing N N 137 
HIS CB  HB2  sing N N 138 
HIS CB  HB3  sing N N 139 
HIS CG  ND1  sing Y N 140 
HIS CG  CD2  doub Y N 141 
HIS ND1 CE1  doub Y N 142 
HIS ND1 HD1  sing N N 143 
HIS CD2 NE2  sing Y N 144 
HIS CD2 HD2  sing N N 145 
HIS CE1 NE2  sing Y N 146 
HIS CE1 HE1  sing N N 147 
HIS NE2 HE2  sing N N 148 
HIS OXT HXT  sing N N 149 
HOH O   H1   sing N N 150 
HOH O   H2   sing N N 151 
ILE N   CA   sing N N 152 
ILE N   H    sing N N 153 
ILE N   H2   sing N N 154 
ILE CA  C    sing N N 155 
ILE CA  CB   sing N N 156 
ILE CA  HA   sing N N 157 
ILE C   O    doub N N 158 
ILE C   OXT  sing N N 159 
ILE CB  CG1  sing N N 160 
ILE CB  CG2  sing N N 161 
ILE CB  HB   sing N N 162 
ILE CG1 CD1  sing N N 163 
ILE CG1 HG12 sing N N 164 
ILE CG1 HG13 sing N N 165 
ILE CG2 HG21 sing N N 166 
ILE CG2 HG22 sing N N 167 
ILE CG2 HG23 sing N N 168 
ILE CD1 HD11 sing N N 169 
ILE CD1 HD12 sing N N 170 
ILE CD1 HD13 sing N N 171 
ILE OXT HXT  sing N N 172 
LEU N   CA   sing N N 173 
LEU N   H    sing N N 174 
LEU N   H2   sing N N 175 
LEU CA  C    sing N N 176 
LEU CA  CB   sing N N 177 
LEU CA  HA   sing N N 178 
LEU C   O    doub N N 179 
LEU C   OXT  sing N N 180 
LEU CB  CG   sing N N 181 
LEU CB  HB2  sing N N 182 
LEU CB  HB3  sing N N 183 
LEU CG  CD1  sing N N 184 
LEU CG  CD2  sing N N 185 
LEU CG  HG   sing N N 186 
LEU CD1 HD11 sing N N 187 
LEU CD1 HD12 sing N N 188 
LEU CD1 HD13 sing N N 189 
LEU CD2 HD21 sing N N 190 
LEU CD2 HD22 sing N N 191 
LEU CD2 HD23 sing N N 192 
LEU OXT HXT  sing N N 193 
LYS N   CA   sing N N 194 
LYS N   H    sing N N 195 
LYS N   H2   sing N N 196 
LYS CA  C    sing N N 197 
LYS CA  CB   sing N N 198 
LYS CA  HA   sing N N 199 
LYS C   O    doub N N 200 
LYS C   OXT  sing N N 201 
LYS CB  CG   sing N N 202 
LYS CB  HB2  sing N N 203 
LYS CB  HB3  sing N N 204 
LYS CG  CD   sing N N 205 
LYS CG  HG2  sing N N 206 
LYS CG  HG3  sing N N 207 
LYS CD  CE   sing N N 208 
LYS CD  HD2  sing N N 209 
LYS CD  HD3  sing N N 210 
LYS CE  NZ   sing N N 211 
LYS CE  HE2  sing N N 212 
LYS CE  HE3  sing N N 213 
LYS NZ  HZ1  sing N N 214 
LYS NZ  HZ2  sing N N 215 
LYS NZ  HZ3  sing N N 216 
LYS OXT HXT  sing N N 217 
MET N   CA   sing N N 218 
MET N   H    sing N N 219 
MET N   H2   sing N N 220 
MET CA  C    sing N N 221 
MET CA  CB   sing N N 222 
MET CA  HA   sing N N 223 
MET C   O    doub N N 224 
MET C   OXT  sing N N 225 
MET CB  CG   sing N N 226 
MET CB  HB2  sing N N 227 
MET CB  HB3  sing N N 228 
MET CG  SD   sing N N 229 
MET CG  HG2  sing N N 230 
MET CG  HG3  sing N N 231 
MET SD  CE   sing N N 232 
MET CE  HE1  sing N N 233 
MET CE  HE2  sing N N 234 
MET CE  HE3  sing N N 235 
MET OXT HXT  sing N N 236 
PHE N   CA   sing N N 237 
PHE N   H    sing N N 238 
PHE N   H2   sing N N 239 
PHE CA  C    sing N N 240 
PHE CA  CB   sing N N 241 
PHE CA  HA   sing N N 242 
PHE C   O    doub N N 243 
PHE C   OXT  sing N N 244 
PHE CB  CG   sing N N 245 
PHE CB  HB2  sing N N 246 
PHE CB  HB3  sing N N 247 
PHE CG  CD1  doub Y N 248 
PHE CG  CD2  sing Y N 249 
PHE CD1 CE1  sing Y N 250 
PHE CD1 HD1  sing N N 251 
PHE CD2 CE2  doub Y N 252 
PHE CD2 HD2  sing N N 253 
PHE CE1 CZ   doub Y N 254 
PHE CE1 HE1  sing N N 255 
PHE CE2 CZ   sing Y N 256 
PHE CE2 HE2  sing N N 257 
PHE CZ  HZ   sing N N 258 
PHE OXT HXT  sing N N 259 
PRO N   CA   sing N N 260 
PRO N   CD   sing N N 261 
PRO N   H    sing N N 262 
PRO CA  C    sing N N 263 
PRO CA  CB   sing N N 264 
PRO CA  HA   sing N N 265 
PRO C   O    doub N N 266 
PRO C   OXT  sing N N 267 
PRO CB  CG   sing N N 268 
PRO CB  HB2  sing N N 269 
PRO CB  HB3  sing N N 270 
PRO CG  CD   sing N N 271 
PRO CG  HG2  sing N N 272 
PRO CG  HG3  sing N N 273 
PRO CD  HD2  sing N N 274 
PRO CD  HD3  sing N N 275 
PRO OXT HXT  sing N N 276 
S9T C25 O23  sing N N 277 
S9T O23 C15  sing N N 278 
S9T O22 C24  sing N N 279 
S9T O22 C14  sing N N 280 
S9T C15 C14  doub Y N 281 
S9T C15 C16  sing Y N 282 
S9T C14 C13  sing Y N 283 
S9T C16 C17  doub Y N 284 
S9T C13 C12  doub Y N 285 
S9T C17 C12  sing Y N 286 
S9T C12 C11  sing N N 287 
S9T N10 C1   sing N N 288 
S9T N10 C9   sing N N 289 
S9T C11 C9   sing N N 290 
S9T C1  C2   sing N N 291 
S9T C9  C8   sing N N 292 
S9T C2  C3   sing N N 293 
S9T C8  C3   doub Y N 294 
S9T C8  C7   sing Y N 295 
S9T C3  C4   sing Y N 296 
S9T C7  C6   doub Y N 297 
S9T C4  C5   doub Y N 298 
S9T C6  C5   sing Y N 299 
S9T C6  O19  sing N N 300 
S9T C21 O19  sing N N 301 
S9T C5  O18  sing N N 302 
S9T O18 C20  sing N N 303 
S9T C21 H1   sing N N 304 
S9T C21 H2   sing N N 305 
S9T C21 H3   sing N N 306 
S9T C20 H4   sing N N 307 
S9T C20 H5   sing N N 308 
S9T C20 H6   sing N N 309 
S9T C4  H7   sing N N 310 
S9T C7  H8   sing N N 311 
S9T C9  H9   sing N N 312 
S9T C11 H10  sing N N 313 
S9T C11 H11  sing N N 314 
S9T N10 H12  sing N N 315 
S9T C1  H14  sing N N 316 
S9T C1  H15  sing N N 317 
S9T C2  H16  sing N N 318 
S9T C2  H17  sing N N 319 
S9T C17 H18  sing N N 320 
S9T C16 H19  sing N N 321 
S9T C25 H20  sing N N 322 
S9T C25 H21  sing N N 323 
S9T C25 H22  sing N N 324 
S9T C13 H23  sing N N 325 
S9T C24 H24  sing N N 326 
S9T C24 H25  sing N N 327 
S9T C24 H26  sing N N 328 
SER N   CA   sing N N 329 
SER N   H    sing N N 330 
SER N   H2   sing N N 331 
SER CA  C    sing N N 332 
SER CA  CB   sing N N 333 
SER CA  HA   sing N N 334 
SER C   O    doub N N 335 
SER C   OXT  sing N N 336 
SER CB  OG   sing N N 337 
SER CB  HB2  sing N N 338 
SER CB  HB3  sing N N 339 
SER OG  HG   sing N N 340 
SER OXT HXT  sing N N 341 
THR N   CA   sing N N 342 
THR N   H    sing N N 343 
THR N   H2   sing N N 344 
THR CA  C    sing N N 345 
THR CA  CB   sing N N 346 
THR CA  HA   sing N N 347 
THR C   O    doub N N 348 
THR C   OXT  sing N N 349 
THR CB  OG1  sing N N 350 
THR CB  CG2  sing N N 351 
THR CB  HB   sing N N 352 
THR OG1 HG1  sing N N 353 
THR CG2 HG21 sing N N 354 
THR CG2 HG22 sing N N 355 
THR CG2 HG23 sing N N 356 
THR OXT HXT  sing N N 357 
TRP N   CA   sing N N 358 
TRP N   H    sing N N 359 
TRP N   H2   sing N N 360 
TRP CA  C    sing N N 361 
TRP CA  CB   sing N N 362 
TRP CA  HA   sing N N 363 
TRP C   O    doub N N 364 
TRP C   OXT  sing N N 365 
TRP CB  CG   sing N N 366 
TRP CB  HB2  sing N N 367 
TRP CB  HB3  sing N N 368 
TRP CG  CD1  doub Y N 369 
TRP CG  CD2  sing Y N 370 
TRP CD1 NE1  sing Y N 371 
TRP CD1 HD1  sing N N 372 
TRP CD2 CE2  doub Y N 373 
TRP CD2 CE3  sing Y N 374 
TRP NE1 CE2  sing Y N 375 
TRP NE1 HE1  sing N N 376 
TRP CE2 CZ2  sing Y N 377 
TRP CE3 CZ3  doub Y N 378 
TRP CE3 HE3  sing N N 379 
TRP CZ2 CH2  doub Y N 380 
TRP CZ2 HZ2  sing N N 381 
TRP CZ3 CH2  sing Y N 382 
TRP CZ3 HZ3  sing N N 383 
TRP CH2 HH2  sing N N 384 
TRP OXT HXT  sing N N 385 
TYR N   CA   sing N N 386 
TYR N   H    sing N N 387 
TYR N   H2   sing N N 388 
TYR CA  C    sing N N 389 
TYR CA  CB   sing N N 390 
TYR CA  HA   sing N N 391 
TYR C   O    doub N N 392 
TYR C   OXT  sing N N 393 
TYR CB  CG   sing N N 394 
TYR CB  HB2  sing N N 395 
TYR CB  HB3  sing N N 396 
TYR CG  CD1  doub Y N 397 
TYR CG  CD2  sing Y N 398 
TYR CD1 CE1  sing Y N 399 
TYR CD1 HD1  sing N N 400 
TYR CD2 CE2  doub Y N 401 
TYR CD2 HD2  sing N N 402 
TYR CE1 CZ   doub Y N 403 
TYR CE1 HE1  sing N N 404 
TYR CE2 CZ   sing Y N 405 
TYR CE2 HE2  sing N N 406 
TYR CZ  OH   sing N N 407 
TYR OH  HH   sing N N 408 
TYR OXT HXT  sing N N 409 
VAL N   CA   sing N N 410 
VAL N   H    sing N N 411 
VAL N   H2   sing N N 412 
VAL CA  C    sing N N 413 
VAL CA  CB   sing N N 414 
VAL CA  HA   sing N N 415 
VAL C   O    doub N N 416 
VAL C   OXT  sing N N 417 
VAL CB  CG1  sing N N 418 
VAL CB  CG2  sing N N 419 
VAL CB  HB   sing N N 420 
VAL CG1 HG11 sing N N 421 
VAL CG1 HG12 sing N N 422 
VAL CG1 HG13 sing N N 423 
VAL CG2 HG21 sing N N 424 
VAL CG2 HG22 sing N N 425 
VAL CG2 HG23 sing N N 426 
VAL OXT HXT  sing N N 427 
# 
_pdbx_audit_support.funding_organization   'Natural Sciences and Engineering Research Council (NSERC, Canada)' 
_pdbx_audit_support.country                Canada 
_pdbx_audit_support.grant_number           05728 
_pdbx_audit_support.ordinal                1 
# 
_pdbx_entity_instance_feature.ordinal        1 
_pdbx_entity_instance_feature.comp_id        S9T 
_pdbx_entity_instance_feature.asym_id        ? 
_pdbx_entity_instance_feature.seq_num        ? 
_pdbx_entity_instance_feature.auth_comp_id   S9T 
_pdbx_entity_instance_feature.auth_asym_id   ? 
_pdbx_entity_instance_feature.auth_seq_num   ? 
_pdbx_entity_instance_feature.feature_type   'SUBJECT OF INVESTIGATION' 
_pdbx_entity_instance_feature.details        ? 
# 
loop_
_pdbx_entity_nonpoly.entity_id 
_pdbx_entity_nonpoly.name 
_pdbx_entity_nonpoly.comp_id 
2 '(1~{S})-1-[(3,4-dimethoxyphenyl)methyl]-6,7-dimethoxy-1,2,3,4-tetrahydroisoquinoline' S9T 
3 water                                                                                  HOH 
# 
_pdbx_initial_refinement_model.id               1 
_pdbx_initial_refinement_model.entity_id_list   ? 
_pdbx_initial_refinement_model.type             'experimental model' 
_pdbx_initial_refinement_model.source_name      PDB 
_pdbx_initial_refinement_model.accession_code   7UQL 
_pdbx_initial_refinement_model.details          ? 
# 
_pdbx_struct_assembly_auth_evidence.id                     1 
_pdbx_struct_assembly_auth_evidence.assembly_id            1 
_pdbx_struct_assembly_auth_evidence.experimental_support   none 
_pdbx_struct_assembly_auth_evidence.details                'Dimeric interface conserved in related protein' 
# 
_space_group.name_H-M_alt     'C 2 2 21' 
_space_group.name_Hall        'C 2c 2' 
_space_group.IT_number        20 
_space_group.crystal_system   orthorhombic 
_space_group.id               1 
# 
